data_4R7U
#
_entry.id   4R7U
#
_cell.length_a   204.283
_cell.length_b   204.283
_cell.length_c   118.878
_cell.angle_alpha   90.00
_cell.angle_beta   90.00
_cell.angle_gamma   120.00
#
_symmetry.space_group_name_H-M   'H 3'
#
loop_
_entity.id
_entity.type
_entity.pdbx_description
1 polymer 'UDP-N-acetylglucosamine 1-carboxyvinyltransferase'
2 non-polymer 'TETRAETHYLENE GLYCOL'
3 non-polymer '[(1R)-1-hydroxypropyl]phosphonic acid'
4 non-polymer URIDINE-DIPHOSPHATE-N-ACETYLGLUCOSAMINE
5 non-polymer 'SODIUM ION'
6 water water
#
_entity_poly.entity_id   1
_entity_poly.type   'polypeptide(L)'
_entity_poly.pdbx_seq_one_letter_code
;SNAMEKFRVIGSTQPLQGEVTISGAKNAALPILFASILAEEPVEVANVPHLRDIDTTMELLERLGAKVERNGSVHVDAGP
INQYCAPYDLVKTMRASIWALGPLVARFGQGQVSLPGGCAIGARPVDLHIHGLEQLGATITLEDGYVKAHVDGRLQGAHI
VMDKVSVGATITIMCAATLAEGTTVLDNAAREPEIVDTAMFLNKLGAKISGAGTDSITIEGVERLGGGKHAVVPDRIETG
TFLVAAAVSRGKIVCRNTHAHLLEAVLAKLEEAGAEIECGEDWISLDMTGRELKAVTVRTAPHPGFPTDMQAQFTLLNMM
AKGGGVITETIFENRFMHVPELKRMGAKAEIEGNTVICGDVDRLSGAQVMATDLRASASLVIAGCIAKGETIVDRIYHID
RGYERIEDKLSALGANIERFRD
;
_entity_poly.pdbx_strand_id   A,B,C,D
#
# COMPACT_ATOMS: atom_id res chain seq x y z
N MET A 4 9.28 29.97 -20.66
CA MET A 4 8.46 28.71 -20.66
C MET A 4 7.11 28.94 -21.34
N GLU A 5 6.86 28.23 -22.45
CA GLU A 5 5.55 28.25 -23.13
C GLU A 5 4.38 27.78 -22.22
N LYS A 6 3.22 28.39 -22.43
CA LYS A 6 2.02 28.12 -21.68
C LYS A 6 0.85 28.01 -22.65
N PHE A 7 -0.23 27.42 -22.18
CA PHE A 7 -1.49 27.45 -22.92
C PHE A 7 -2.48 28.31 -22.17
N ARG A 8 -3.09 29.23 -22.89
CA ARG A 8 -4.25 29.95 -22.40
C ARG A 8 -5.44 29.26 -23.02
N VAL A 9 -6.28 28.68 -22.17
CA VAL A 9 -7.47 27.96 -22.61
C VAL A 9 -8.71 28.64 -22.05
N ILE A 10 -9.62 28.98 -22.96
CA ILE A 10 -10.88 29.58 -22.57
C ILE A 10 -11.98 28.55 -22.71
N GLY A 11 -12.50 28.10 -21.57
CA GLY A 11 -13.46 26.99 -21.52
C GLY A 11 -14.88 27.26 -22.00
N SER A 12 -15.60 26.18 -22.25
CA SER A 12 -16.95 26.21 -22.80
C SER A 12 -17.67 24.87 -22.62
N THR A 13 -19.00 24.95 -22.51
CA THR A 13 -19.82 23.75 -22.45
C THR A 13 -20.08 23.25 -23.86
N GLN A 14 -19.64 24.01 -24.84
CA GLN A 14 -19.57 23.52 -26.22
C GLN A 14 -18.95 22.14 -26.27
N PRO A 15 -19.64 21.19 -26.90
CA PRO A 15 -18.97 19.92 -27.14
C PRO A 15 -17.83 20.02 -28.14
N LEU A 16 -16.75 19.31 -27.87
CA LEU A 16 -15.73 19.13 -28.85
C LEU A 16 -16.22 18.12 -29.91
N GLN A 17 -16.22 18.58 -31.15
CA GLN A 17 -16.72 17.77 -32.25
C GLN A 17 -15.92 18.02 -33.50
N GLY A 18 -15.87 17.00 -34.34
CA GLY A 18 -15.19 17.07 -35.60
C GLY A 18 -14.41 15.82 -35.82
N GLU A 19 -13.24 15.99 -36.42
CA GLU A 19 -12.40 14.89 -36.78
C GLU A 19 -10.97 15.13 -36.33
N VAL A 20 -10.24 14.05 -36.12
CA VAL A 20 -8.84 14.16 -35.79
C VAL A 20 -8.07 13.06 -36.49
N THR A 21 -6.92 13.42 -37.07
CA THR A 21 -6.02 12.48 -37.66
C THR A 21 -4.94 12.05 -36.63
N ILE A 22 -4.96 10.75 -36.32
CA ILE A 22 -4.10 10.21 -35.28
C ILE A 22 -2.74 9.94 -35.87
N SER A 23 -1.70 10.31 -35.13
CA SER A 23 -0.32 10.20 -35.60
C SER A 23 0.26 8.86 -35.20
N GLY A 24 1.47 8.60 -35.69
CA GLY A 24 2.25 7.46 -35.29
C GLY A 24 2.50 7.46 -33.79
N ALA A 25 2.67 6.26 -33.25
CA ALA A 25 2.86 6.10 -31.85
C ALA A 25 4.24 6.61 -31.45
N LYS A 26 4.27 7.58 -30.54
CA LYS A 26 5.52 7.94 -29.84
C LYS A 26 6.28 6.71 -29.36
N ASN A 27 5.56 5.84 -28.66
CA ASN A 27 6.17 4.71 -28.01
C ASN A 27 6.47 3.52 -28.95
N ALA A 28 6.10 3.63 -30.23
CA ALA A 28 6.62 2.70 -31.21
C ALA A 28 7.77 3.33 -31.98
N ALA A 29 7.64 4.61 -32.28
CA ALA A 29 8.61 5.27 -33.12
C ALA A 29 9.93 5.37 -32.39
N LEU A 30 9.89 5.62 -31.08
CA LEU A 30 11.11 5.65 -30.29
C LEU A 30 11.91 4.33 -30.36
N PRO A 31 11.31 3.19 -29.96
CA PRO A 31 12.10 1.98 -29.95
C PRO A 31 12.49 1.54 -31.36
N ILE A 32 11.69 1.84 -32.37
CA ILE A 32 12.07 1.59 -33.73
C ILE A 32 13.32 2.35 -34.14
N LEU A 33 13.39 3.63 -33.80
CA LEU A 33 14.54 4.45 -34.15
C LEU A 33 15.79 4.07 -33.42
N PHE A 34 15.63 3.66 -32.18
CA PHE A 34 16.76 3.13 -31.45
C PHE A 34 17.18 1.77 -32.01
N ALA A 35 16.21 1.00 -32.50
CA ALA A 35 16.52 -0.30 -33.09
C ALA A 35 17.27 -0.14 -34.41
N SER A 36 17.14 1.01 -35.04
CA SER A 36 17.79 1.26 -36.34
C SER A 36 19.31 1.28 -36.23
N ILE A 37 19.83 1.42 -35.01
CA ILE A 37 21.25 1.29 -34.74
C ILE A 37 21.82 -0.02 -35.21
N LEU A 38 21.03 -1.09 -35.07
CA LEU A 38 21.43 -2.40 -35.57
C LEU A 38 21.62 -2.47 -37.08
N ALA A 39 20.97 -1.58 -37.82
CA ALA A 39 20.90 -1.71 -39.28
C ALA A 39 22.17 -1.22 -39.95
N GLU A 40 22.59 -1.95 -40.96
CA GLU A 40 23.78 -1.58 -41.74
C GLU A 40 23.48 -0.75 -42.99
N GLU A 41 22.20 -0.68 -43.38
CA GLU A 41 21.76 0.05 -44.56
C GLU A 41 20.76 1.14 -44.17
N PRO A 42 20.54 2.12 -45.07
CA PRO A 42 19.52 3.15 -44.82
C PRO A 42 18.15 2.60 -44.47
N VAL A 43 17.40 3.37 -43.69
CA VAL A 43 16.13 2.92 -43.21
C VAL A 43 15.17 4.09 -43.31
N GLU A 44 13.93 3.81 -43.70
CA GLU A 44 12.87 4.83 -43.67
C GLU A 44 11.72 4.48 -42.72
N VAL A 45 11.36 5.40 -41.83
CA VAL A 45 10.32 5.13 -40.84
C VAL A 45 9.18 6.11 -41.09
N ALA A 46 8.14 5.64 -41.76
CA ALA A 46 7.03 6.48 -42.11
C ALA A 46 6.04 6.64 -40.94
N ASN A 47 5.23 7.69 -41.04
CA ASN A 47 4.23 8.01 -40.03
C ASN A 47 4.83 8.35 -38.67
N VAL A 48 5.94 9.06 -38.66
CA VAL A 48 6.54 9.51 -37.39
C VAL A 48 6.00 10.88 -37.03
N PRO A 49 5.49 11.05 -35.82
CA PRO A 49 5.03 12.38 -35.49
C PRO A 49 6.18 13.36 -35.22
N HIS A 50 5.88 14.64 -35.24
CA HIS A 50 6.83 15.65 -34.78
C HIS A 50 6.68 15.86 -33.28
N LEU A 51 7.66 15.40 -32.54
CA LEU A 51 7.68 15.51 -31.10
C LEU A 51 9.09 15.86 -30.64
N ARG A 52 9.22 16.42 -29.45
CA ARG A 52 10.52 16.75 -28.89
C ARG A 52 11.40 15.52 -28.68
N ASP A 53 10.77 14.43 -28.19
CA ASP A 53 11.46 13.14 -27.92
C ASP A 53 12.04 12.49 -29.19
N ILE A 54 11.45 12.81 -30.32
CA ILE A 54 12.00 12.38 -31.58
C ILE A 54 13.15 13.24 -32.05
N ASP A 55 13.06 14.53 -31.80
CA ASP A 55 14.25 15.39 -32.02
C ASP A 55 15.43 14.96 -31.14
N THR A 56 15.15 14.63 -29.88
CA THR A 56 16.20 14.19 -28.99
C THR A 56 16.78 12.89 -29.45
N THR A 57 15.91 11.96 -29.84
CA THR A 57 16.38 10.70 -30.37
C THR A 57 17.16 10.90 -31.64
N MET A 58 16.67 11.76 -32.52
CA MET A 58 17.38 12.03 -33.76
C MET A 58 18.77 12.57 -33.50
N GLU A 59 18.88 13.45 -32.52
CA GLU A 59 20.17 14.03 -32.16
C GLU A 59 21.09 13.00 -31.54
N LEU A 60 20.51 12.04 -30.88
CA LEU A 60 21.30 11.05 -30.20
C LEU A 60 21.95 10.15 -31.21
N LEU A 61 21.18 9.77 -32.22
CA LEU A 61 21.73 8.94 -33.30
C LEU A 61 22.80 9.67 -34.12
N GLU A 62 22.58 10.96 -34.37
CA GLU A 62 23.56 11.78 -35.04
C GLU A 62 24.88 11.77 -34.27
N ARG A 63 24.79 11.86 -32.94
CA ARG A 63 25.97 11.87 -32.05
C ARG A 63 26.68 10.51 -31.92
N LEU A 64 26.07 9.48 -32.49
CA LEU A 64 26.69 8.17 -32.60
C LEU A 64 27.39 7.97 -33.95
N GLY A 65 27.09 8.86 -34.90
CA GLY A 65 27.68 8.85 -36.23
C GLY A 65 26.70 8.39 -37.32
N ALA A 66 25.42 8.38 -37.00
CA ALA A 66 24.42 8.06 -38.00
C ALA A 66 24.01 9.34 -38.75
N LYS A 67 23.54 9.16 -39.98
CA LYS A 67 23.07 10.27 -40.79
C LYS A 67 21.56 10.28 -40.72
N VAL A 68 20.98 11.38 -40.24
CA VAL A 68 19.55 11.45 -39.98
C VAL A 68 18.86 12.64 -40.61
N GLU A 69 17.67 12.42 -41.17
CA GLU A 69 16.91 13.44 -41.88
C GLU A 69 15.45 13.12 -41.66
N ARG A 70 14.59 14.13 -41.60
CA ARG A 70 13.16 13.87 -41.53
C ARG A 70 12.20 14.88 -42.19
N ASN A 71 11.02 14.40 -42.59
CA ASN A 71 9.76 15.18 -42.40
C ASN A 71 8.52 14.30 -42.01
N GLY A 72 7.76 13.77 -42.97
CA GLY A 72 6.76 12.72 -42.70
C GLY A 72 7.44 11.45 -42.18
N SER A 73 8.37 10.92 -42.96
CA SER A 73 9.27 9.88 -42.51
C SER A 73 10.54 10.40 -41.85
N VAL A 74 11.21 9.53 -41.13
CA VAL A 74 12.57 9.80 -40.69
C VAL A 74 13.47 8.83 -41.42
N HIS A 75 14.54 9.31 -42.05
CA HIS A 75 15.49 8.42 -42.71
C HIS A 75 16.72 8.33 -41.85
N VAL A 76 17.19 7.11 -41.67
CA VAL A 76 18.34 6.85 -40.86
C VAL A 76 19.32 5.97 -41.60
N ASP A 77 20.59 6.40 -41.66
CA ASP A 77 21.70 5.54 -42.09
C ASP A 77 22.61 5.28 -40.89
N ALA A 78 22.40 4.15 -40.23
CA ALA A 78 23.19 3.78 -39.07
C ALA A 78 24.51 3.08 -39.44
N GLY A 79 24.67 2.75 -40.72
CA GLY A 79 25.91 2.16 -41.24
C GLY A 79 27.18 2.67 -40.60
N PRO A 80 27.43 4.00 -40.70
CA PRO A 80 28.74 4.54 -40.33
C PRO A 80 28.90 4.89 -38.86
N ILE A 81 28.10 4.27 -37.99
CA ILE A 81 28.18 4.54 -36.55
C ILE A 81 29.59 4.15 -36.00
N ASN A 82 30.23 5.08 -35.30
CA ASN A 82 31.60 4.89 -34.81
C ASN A 82 31.82 5.54 -33.44
N GLN A 83 30.72 5.89 -32.78
CA GLN A 83 30.74 6.32 -31.40
C GLN A 83 29.65 5.56 -30.68
N TYR A 84 29.85 5.37 -29.40
CA TYR A 84 29.10 4.40 -28.63
C TYR A 84 28.57 4.91 -27.30
N CYS A 85 28.62 6.24 -27.08
CA CYS A 85 28.09 6.87 -25.87
C CYS A 85 26.76 7.68 -26.06
N ALA A 86 25.84 7.52 -25.13
CA ALA A 86 24.67 8.38 -25.00
C ALA A 86 24.90 9.25 -23.75
N PRO A 87 25.21 10.52 -23.96
CA PRO A 87 25.72 11.29 -22.82
C PRO A 87 24.63 11.81 -21.87
N TYR A 88 25.01 12.04 -20.63
CA TYR A 88 24.15 12.72 -19.65
C TYR A 88 23.24 13.83 -20.21
N ASP A 89 23.81 14.73 -20.99
CA ASP A 89 23.14 15.92 -21.55
C ASP A 89 21.83 15.59 -22.17
N LEU A 90 21.77 14.43 -22.81
CA LEU A 90 20.57 14.02 -23.53
C LEU A 90 19.70 13.07 -22.73
N VAL A 91 20.31 12.33 -21.80
CA VAL A 91 19.61 11.26 -21.09
C VAL A 91 18.74 11.89 -20.04
N LYS A 92 19.24 12.96 -19.43
CA LYS A 92 18.47 13.68 -18.42
C LYS A 92 17.26 14.37 -19.05
N THR A 93 17.35 14.60 -20.35
CA THR A 93 16.23 15.07 -21.15
C THR A 93 15.22 13.94 -21.41
N MET A 94 15.70 12.72 -21.63
CA MET A 94 14.81 11.65 -22.09
C MET A 94 15.32 10.27 -21.69
N ARG A 95 14.70 9.68 -20.68
CA ARG A 95 15.14 8.39 -20.15
C ARG A 95 15.09 7.22 -21.17
N ALA A 96 14.21 7.34 -22.17
CA ALA A 96 14.15 6.41 -23.30
C ALA A 96 15.51 6.13 -23.91
N SER A 97 16.45 7.04 -23.72
CA SER A 97 17.82 6.92 -24.24
C SER A 97 18.46 5.61 -23.86
N ILE A 98 17.98 4.98 -22.78
CA ILE A 98 18.46 3.66 -22.35
C ILE A 98 18.42 2.59 -23.45
N TRP A 99 17.49 2.76 -24.37
CA TRP A 99 17.32 1.85 -25.46
C TRP A 99 18.51 1.78 -26.43
N ALA A 100 19.40 2.78 -26.44
CA ALA A 100 20.65 2.70 -27.22
C ALA A 100 21.67 1.67 -26.70
N LEU A 101 21.54 1.21 -25.46
CA LEU A 101 22.56 0.36 -24.86
C LEU A 101 22.56 -1.03 -25.47
N GLY A 102 21.39 -1.57 -25.72
CA GLY A 102 21.27 -2.91 -26.24
C GLY A 102 21.80 -3.03 -27.65
N PRO A 103 21.32 -2.18 -28.58
CA PRO A 103 21.75 -2.27 -29.97
C PRO A 103 23.21 -2.04 -30.17
N LEU A 104 23.78 -1.19 -29.32
CA LEU A 104 25.20 -0.80 -29.43
C LEU A 104 26.10 -1.96 -29.07
N VAL A 105 25.81 -2.59 -27.95
CA VAL A 105 26.64 -3.65 -27.51
C VAL A 105 26.51 -4.87 -28.47
N ALA A 106 25.30 -5.05 -28.98
CA ALA A 106 24.95 -6.21 -29.76
C ALA A 106 25.63 -6.15 -31.11
N ARG A 107 25.67 -4.95 -31.67
CA ARG A 107 26.36 -4.70 -32.93
C ARG A 107 27.85 -4.40 -32.80
N PHE A 108 28.27 -3.60 -31.81
CA PHE A 108 29.68 -3.15 -31.70
C PHE A 108 30.43 -3.72 -30.48
N GLY A 109 29.80 -4.59 -29.71
CA GLY A 109 30.47 -5.15 -28.53
C GLY A 109 30.65 -4.15 -27.38
N GLN A 110 30.06 -2.98 -27.48
CA GLN A 110 30.40 -1.92 -26.55
C GLN A 110 29.26 -0.89 -26.51
N GLY A 111 29.06 -0.27 -25.36
CA GLY A 111 28.00 0.74 -25.21
C GLY A 111 28.07 1.44 -23.88
N GLN A 112 27.87 2.77 -23.86
CA GLN A 112 27.83 3.54 -22.64
C GLN A 112 26.59 4.40 -22.65
N VAL A 113 25.85 4.42 -21.55
CA VAL A 113 24.63 5.22 -21.45
C VAL A 113 24.42 5.76 -20.02
N SER A 114 24.22 7.07 -19.91
CA SER A 114 24.01 7.68 -18.60
C SER A 114 22.79 7.05 -17.92
N LEU A 115 22.93 6.65 -16.66
CA LEU A 115 21.86 5.98 -15.97
C LEU A 115 20.74 6.98 -15.69
N PRO A 116 19.50 6.70 -16.13
CA PRO A 116 18.48 7.71 -15.89
C PRO A 116 18.25 7.89 -14.40
N GLY A 117 18.26 9.14 -13.94
CA GLY A 117 17.88 9.47 -12.59
C GLY A 117 16.36 9.29 -12.42
N GLY A 118 15.77 10.14 -11.59
CA GLY A 118 14.44 9.92 -11.07
C GLY A 118 13.39 10.59 -11.93
N CYS A 119 12.27 9.90 -12.09
CA CYS A 119 11.18 10.44 -12.86
C CYS A 119 10.09 10.98 -11.93
N ALA A 120 9.47 12.05 -12.39
CA ALA A 120 8.38 12.65 -11.66
C ALA A 120 7.28 11.65 -11.31
N ILE A 121 7.01 10.67 -12.19
CA ILE A 121 5.97 9.64 -11.93
C ILE A 121 6.44 8.39 -11.21
N GLY A 122 7.74 8.21 -11.06
CA GLY A 122 8.26 7.04 -10.30
C GLY A 122 9.79 6.97 -10.36
N ALA A 123 10.39 6.14 -9.51
CA ALA A 123 11.84 5.97 -9.53
C ALA A 123 12.35 5.35 -10.86
N ARG A 124 11.53 4.46 -11.44
CA ARG A 124 11.75 3.90 -12.78
C ARG A 124 13.18 3.37 -12.96
N PRO A 125 13.56 2.33 -12.18
CA PRO A 125 14.86 1.71 -12.35
C PRO A 125 14.94 0.93 -13.68
N VAL A 126 16.16 0.52 -14.02
CA VAL A 126 16.45 -0.20 -15.27
C VAL A 126 17.21 -1.51 -15.09
N ASP A 127 17.21 -2.03 -13.86
CA ASP A 127 17.73 -3.36 -13.51
C ASP A 127 17.37 -4.48 -14.50
N LEU A 128 16.16 -4.42 -15.03
CA LEU A 128 15.71 -5.49 -15.92
C LEU A 128 16.36 -5.43 -17.28
N HIS A 129 16.71 -4.24 -17.70
CA HIS A 129 17.44 -4.06 -18.94
C HIS A 129 18.83 -4.58 -18.72
N ILE A 130 19.43 -4.19 -17.61
CA ILE A 130 20.81 -4.57 -17.29
C ILE A 130 20.95 -6.07 -17.15
N HIS A 131 20.10 -6.65 -16.31
CA HIS A 131 20.17 -8.07 -16.08
C HIS A 131 19.87 -8.84 -17.37
N GLY A 132 19.02 -8.26 -18.21
CA GLY A 132 18.69 -8.92 -19.48
C GLY A 132 19.85 -9.07 -20.42
N LEU A 133 20.66 -8.01 -20.58
CA LEU A 133 21.82 -8.09 -21.49
C LEU A 133 22.95 -8.92 -20.93
N GLU A 134 23.08 -8.92 -19.60
CA GLU A 134 24.03 -9.79 -18.90
C GLU A 134 23.70 -11.24 -19.23
N GLN A 135 22.42 -11.57 -19.21
CA GLN A 135 21.99 -12.94 -19.52
C GLN A 135 22.33 -13.30 -20.96
N LEU A 136 22.45 -12.28 -21.83
CA LEU A 136 22.88 -12.46 -23.22
C LEU A 136 24.40 -12.43 -23.38
N GLY A 137 25.11 -12.38 -22.27
CA GLY A 137 26.55 -12.58 -22.26
C GLY A 137 27.38 -11.32 -22.10
N ALA A 138 26.73 -10.20 -21.79
CA ALA A 138 27.42 -8.91 -21.61
C ALA A 138 27.90 -8.71 -20.17
N THR A 139 28.95 -7.92 -20.03
CA THR A 139 29.47 -7.50 -18.75
C THR A 139 29.14 -6.02 -18.56
N ILE A 140 28.45 -5.67 -17.48
CA ILE A 140 27.94 -4.32 -17.29
C ILE A 140 28.37 -3.73 -15.95
N THR A 141 28.81 -2.49 -15.99
CA THR A 141 29.20 -1.76 -14.78
C THR A 141 28.53 -0.40 -14.73
N LEU A 142 28.72 0.28 -13.61
CA LEU A 142 28.32 1.66 -13.47
C LEU A 142 29.54 2.47 -13.05
N GLU A 143 29.97 3.38 -13.90
CA GLU A 143 31.17 4.21 -13.64
C GLU A 143 30.83 5.67 -13.97
N ASP A 144 31.01 6.56 -12.99
CA ASP A 144 30.69 7.98 -13.16
C ASP A 144 29.26 8.23 -13.65
N GLY A 145 28.32 7.41 -13.18
CA GLY A 145 26.91 7.53 -13.56
C GLY A 145 26.56 7.00 -14.93
N TYR A 146 27.51 6.31 -15.56
CA TYR A 146 27.27 5.72 -16.87
C TYR A 146 27.21 4.22 -16.79
N VAL A 147 26.12 3.65 -17.31
CA VAL A 147 26.00 2.22 -17.52
C VAL A 147 26.92 1.84 -18.67
N LYS A 148 28.04 1.19 -18.35
CA LYS A 148 29.06 0.81 -19.33
C LYS A 148 28.99 -0.69 -19.59
N ALA A 149 28.58 -1.03 -20.80
CA ALA A 149 28.37 -2.42 -21.19
C ALA A 149 29.33 -2.88 -22.28
N HIS A 150 29.78 -4.12 -22.23
CA HIS A 150 30.69 -4.67 -23.25
C HIS A 150 30.70 -6.18 -23.33
N VAL A 151 30.94 -6.69 -24.53
CA VAL A 151 31.09 -8.11 -24.74
C VAL A 151 32.21 -8.42 -25.73
N ASP A 152 33.08 -9.37 -25.39
CA ASP A 152 34.11 -9.83 -26.34
C ASP A 152 33.42 -10.79 -27.32
N GLY A 153 33.26 -10.35 -28.57
CA GLY A 153 32.59 -11.16 -29.59
C GLY A 153 31.13 -10.81 -29.68
N ARG A 154 30.30 -11.81 -29.98
CA ARG A 154 28.85 -11.61 -30.15
C ARG A 154 28.10 -11.99 -28.89
N LEU A 155 26.94 -11.36 -28.71
CA LEU A 155 26.07 -11.78 -27.64
C LEU A 155 25.61 -13.21 -27.95
N GLN A 156 25.22 -13.94 -26.91
CA GLN A 156 24.84 -15.37 -27.02
C GLN A 156 23.38 -15.58 -26.64
N GLY A 157 22.71 -16.41 -27.43
CA GLY A 157 21.34 -16.76 -27.17
C GLY A 157 21.14 -17.42 -25.80
N ALA A 158 20.01 -17.12 -25.16
CA ALA A 158 19.73 -17.63 -23.81
C ALA A 158 18.21 -17.66 -23.62
N HIS A 159 17.76 -18.60 -22.77
CA HIS A 159 16.40 -18.64 -22.27
C HIS A 159 16.29 -17.66 -21.11
N ILE A 160 15.42 -16.67 -21.23
CA ILE A 160 15.29 -15.60 -20.24
C ILE A 160 13.84 -15.50 -19.80
N VAL A 161 13.61 -15.54 -18.49
CA VAL A 161 12.30 -15.28 -17.90
C VAL A 161 12.33 -13.96 -17.12
N MET A 162 11.52 -13.00 -17.55
CA MET A 162 11.43 -11.68 -16.93
C MET A 162 10.86 -11.84 -15.53
N ASP A 163 11.53 -11.20 -14.56
CA ASP A 163 11.02 -11.12 -13.18
C ASP A 163 9.69 -10.38 -13.14
N LYS A 164 9.62 -9.27 -13.86
CA LYS A 164 8.40 -8.47 -13.93
C LYS A 164 8.11 -8.19 -15.40
N VAL A 165 6.88 -7.84 -15.65
CA VAL A 165 6.46 -7.39 -16.96
C VAL A 165 7.01 -5.96 -17.14
N SER A 166 7.78 -5.78 -18.19
CA SER A 166 8.36 -4.51 -18.51
C SER A 166 8.36 -4.30 -20.00
N VAL A 167 7.67 -3.26 -20.46
CA VAL A 167 7.76 -2.84 -21.89
C VAL A 167 9.21 -2.58 -22.32
N GLY A 168 9.87 -1.61 -21.68
CA GLY A 168 11.21 -1.18 -22.07
C GLY A 168 12.23 -2.29 -22.16
N ALA A 169 12.25 -3.12 -21.12
CA ALA A 169 13.20 -4.21 -20.99
C ALA A 169 12.93 -5.33 -21.98
N THR A 170 11.66 -5.57 -22.29
CA THR A 170 11.31 -6.61 -23.23
C THR A 170 11.93 -6.22 -24.57
N ILE A 171 11.92 -4.94 -24.85
CA ILE A 171 12.44 -4.40 -26.09
C ILE A 171 13.96 -4.44 -26.18
N THR A 172 14.61 -3.95 -25.14
CA THR A 172 16.06 -3.99 -25.02
C THR A 172 16.56 -5.36 -25.35
N ILE A 173 15.97 -6.37 -24.72
CA ILE A 173 16.39 -7.79 -24.87
C ILE A 173 16.07 -8.32 -26.27
N MET A 174 14.86 -8.06 -26.75
CA MET A 174 14.43 -8.56 -28.04
C MET A 174 15.28 -8.00 -29.14
N CYS A 175 15.50 -6.68 -29.09
CA CYS A 175 16.34 -6.03 -30.12
C CYS A 175 17.79 -6.52 -30.12
N ALA A 176 18.44 -6.54 -28.96
CA ALA A 176 19.82 -7.01 -28.87
C ALA A 176 19.96 -8.46 -29.28
N ALA A 177 18.96 -9.27 -28.96
CA ALA A 177 18.97 -10.68 -29.34
C ALA A 177 18.95 -10.97 -30.85
N THR A 178 18.52 -10.00 -31.65
CA THR A 178 18.51 -10.20 -33.09
C THR A 178 19.92 -10.46 -33.71
N LEU A 179 20.96 -9.90 -33.10
CA LEU A 179 22.32 -10.13 -33.54
C LEU A 179 23.15 -11.01 -32.63
N ALA A 180 22.55 -11.69 -31.68
CA ALA A 180 23.27 -12.67 -30.86
C ALA A 180 23.43 -13.99 -31.62
N GLU A 181 24.39 -14.82 -31.24
CA GLU A 181 24.53 -16.15 -31.83
C GLU A 181 23.54 -17.11 -31.20
N GLY A 182 22.82 -17.81 -32.06
CA GLY A 182 21.87 -18.80 -31.59
C GLY A 182 20.52 -18.19 -31.24
N THR A 183 19.77 -18.94 -30.47
CA THR A 183 18.38 -18.63 -30.24
C THR A 183 18.11 -18.19 -28.80
N THR A 184 17.22 -17.21 -28.72
CA THR A 184 16.81 -16.59 -27.47
C THR A 184 15.30 -16.79 -27.30
N VAL A 185 14.88 -17.20 -26.12
CA VAL A 185 13.46 -17.28 -25.83
C VAL A 185 13.20 -16.43 -24.63
N LEU A 186 12.40 -15.40 -24.80
CA LEU A 186 12.10 -14.49 -23.74
C LEU A 186 10.69 -14.73 -23.25
N ASP A 187 10.60 -15.21 -22.03
CA ASP A 187 9.33 -15.57 -21.44
C ASP A 187 8.82 -14.45 -20.56
N ASN A 188 7.50 -14.38 -20.42
CA ASN A 188 6.90 -13.32 -19.64
C ASN A 188 7.26 -11.93 -20.19
N ALA A 189 7.30 -11.86 -21.51
CA ALA A 189 7.47 -10.59 -22.19
C ALA A 189 6.22 -9.74 -22.09
N ALA A 190 6.43 -8.43 -22.24
CA ALA A 190 5.33 -7.50 -22.42
C ALA A 190 4.69 -7.66 -23.83
N ARG A 191 3.40 -7.37 -23.90
CA ARG A 191 2.54 -7.64 -25.05
C ARG A 191 2.13 -6.38 -25.79
N GLU A 192 2.52 -5.22 -25.27
CA GLU A 192 2.17 -3.94 -25.84
C GLU A 192 2.39 -3.94 -27.31
N PRO A 193 1.47 -3.28 -28.04
CA PRO A 193 1.50 -3.30 -29.51
C PRO A 193 2.69 -2.59 -30.15
N GLU A 194 3.33 -1.72 -29.41
CA GLU A 194 4.52 -1.09 -29.91
C GLU A 194 5.67 -2.10 -30.00
N ILE A 195 5.56 -3.15 -29.16
CA ILE A 195 6.52 -4.26 -29.21
C ILE A 195 6.34 -5.07 -30.47
N VAL A 196 5.10 -5.24 -30.88
CA VAL A 196 4.75 -5.98 -32.09
C VAL A 196 5.30 -5.22 -33.28
N ASP A 197 5.17 -3.90 -33.22
CA ASP A 197 5.58 -3.04 -34.33
C ASP A 197 7.09 -2.99 -34.45
N THR A 198 7.79 -2.98 -33.31
CA THR A 198 9.24 -2.92 -33.32
C THR A 198 9.81 -4.21 -33.92
N ALA A 199 9.14 -5.33 -33.64
CA ALA A 199 9.51 -6.62 -34.19
C ALA A 199 9.25 -6.63 -35.70
N MET A 200 8.07 -6.17 -36.14
CA MET A 200 7.73 -6.13 -37.56
C MET A 200 8.81 -5.37 -38.33
N PHE A 201 9.25 -4.25 -37.77
CA PHE A 201 10.26 -3.42 -38.37
C PHE A 201 11.58 -4.17 -38.45
N LEU A 202 12.00 -4.79 -37.37
CA LEU A 202 13.24 -5.54 -37.36
C LEU A 202 13.23 -6.74 -38.30
N ASN A 203 12.09 -7.39 -38.38
CA ASN A 203 11.97 -8.54 -39.27
C ASN A 203 12.15 -8.15 -40.72
N LYS A 204 11.76 -6.92 -41.08
CA LYS A 204 11.87 -6.42 -42.46
C LYS A 204 13.32 -6.19 -42.84
N LEU A 205 14.13 -5.94 -41.81
CA LEU A 205 15.54 -5.69 -41.96
C LEU A 205 16.34 -6.95 -42.06
N GLY A 206 15.66 -8.10 -41.95
CA GLY A 206 16.33 -9.41 -42.02
C GLY A 206 16.42 -10.14 -40.69
N ALA A 207 15.69 -9.69 -39.68
CA ALA A 207 15.63 -10.42 -38.39
C ALA A 207 14.58 -11.52 -38.41
N LYS A 208 14.69 -12.41 -37.43
CA LYS A 208 13.75 -13.53 -37.24
C LYS A 208 13.21 -13.48 -35.80
N ILE A 209 12.16 -12.70 -35.61
CA ILE A 209 11.49 -12.62 -34.34
C ILE A 209 10.11 -13.17 -34.51
N SER A 210 9.74 -14.08 -33.63
CA SER A 210 8.41 -14.66 -33.63
C SER A 210 7.81 -14.66 -32.22
N GLY A 211 6.48 -14.56 -32.17
CA GLY A 211 5.71 -14.54 -30.93
C GLY A 211 5.56 -13.16 -30.29
N ALA A 212 5.88 -12.10 -31.02
CA ALA A 212 5.80 -10.76 -30.46
C ALA A 212 4.37 -10.46 -30.28
N GLY A 213 4.07 -9.90 -29.12
CA GLY A 213 2.70 -9.67 -28.72
C GLY A 213 2.07 -10.85 -28.04
N THR A 214 2.86 -11.89 -27.80
CA THR A 214 2.48 -12.97 -26.86
C THR A 214 3.48 -12.86 -25.74
N ASP A 215 3.34 -13.65 -24.68
CA ASP A 215 4.23 -13.56 -23.51
C ASP A 215 5.53 -14.35 -23.67
N SER A 216 5.65 -14.99 -24.81
CA SER A 216 6.87 -15.71 -25.18
C SER A 216 7.35 -15.32 -26.58
N ILE A 217 8.53 -14.75 -26.65
CA ILE A 217 9.10 -14.24 -27.89
C ILE A 217 10.35 -15.07 -28.22
N THR A 218 10.37 -15.64 -29.41
CA THR A 218 11.55 -16.36 -29.90
C THR A 218 12.35 -15.56 -30.94
N ILE A 219 13.63 -15.39 -30.71
CA ILE A 219 14.46 -14.62 -31.60
C ILE A 219 15.63 -15.49 -32.05
N GLU A 220 15.69 -15.76 -33.36
CA GLU A 220 16.83 -16.45 -33.90
C GLU A 220 17.83 -15.42 -34.40
N GLY A 221 19.01 -15.43 -33.80
CA GLY A 221 20.08 -14.50 -34.17
C GLY A 221 20.54 -14.57 -35.61
N VAL A 222 20.79 -13.41 -36.21
CA VAL A 222 21.43 -13.33 -37.54
C VAL A 222 22.70 -12.55 -37.40
N GLU A 223 23.63 -12.71 -38.35
CA GLU A 223 24.93 -12.01 -38.29
C GLU A 223 24.81 -10.51 -38.57
N ARG A 224 23.87 -10.12 -39.43
CA ARG A 224 23.67 -8.69 -39.74
C ARG A 224 22.23 -8.36 -40.16
N LEU A 225 21.88 -7.08 -40.00
CA LEU A 225 20.61 -6.53 -40.48
C LEU A 225 20.77 -5.52 -41.63
N GLY A 226 19.86 -5.54 -42.61
CA GLY A 226 19.94 -4.69 -43.82
C GLY A 226 19.17 -3.39 -43.72
N GLY A 227 18.43 -3.04 -44.77
CA GLY A 227 17.61 -1.82 -44.83
C GLY A 227 16.14 -2.10 -45.13
N GLY A 228 15.33 -1.05 -45.15
CA GLY A 228 13.92 -1.21 -45.46
C GLY A 228 13.05 -0.04 -45.03
N LYS A 229 11.74 -0.14 -45.31
CA LYS A 229 10.74 0.89 -44.98
C LYS A 229 9.68 0.33 -44.04
N HIS A 230 9.17 1.16 -43.14
CA HIS A 230 8.16 0.75 -42.18
C HIS A 230 7.32 1.91 -41.79
N ALA A 231 6.00 1.72 -41.79
CA ALA A 231 5.05 2.71 -41.30
C ALA A 231 4.68 2.41 -39.83
N VAL A 232 4.94 3.35 -38.93
CA VAL A 232 4.68 3.13 -37.50
C VAL A 232 3.18 2.98 -37.22
N VAL A 233 2.86 2.05 -36.34
CA VAL A 233 1.49 1.85 -35.84
C VAL A 233 0.89 3.14 -35.24
N PRO A 234 -0.40 3.39 -35.49
CA PRO A 234 -1.07 4.55 -34.87
C PRO A 234 -0.96 4.62 -33.36
N ASP A 235 -1.08 5.82 -32.79
CA ASP A 235 -0.92 6.01 -31.38
C ASP A 235 -2.24 5.79 -30.66
N ARG A 236 -2.34 4.68 -29.95
CA ARG A 236 -3.49 4.33 -29.16
C ARG A 236 -3.79 5.29 -27.98
N ILE A 237 -2.75 5.91 -27.44
CA ILE A 237 -2.93 6.83 -26.34
C ILE A 237 -3.42 8.20 -26.83
N GLU A 238 -2.78 8.73 -27.86
CA GLU A 238 -3.32 9.92 -28.52
C GLU A 238 -4.80 9.68 -28.84
N THR A 239 -5.10 8.53 -29.42
CA THR A 239 -6.46 8.15 -29.77
C THR A 239 -7.44 8.23 -28.57
N GLY A 240 -7.11 7.53 -27.49
CA GLY A 240 -7.96 7.58 -26.31
C GLY A 240 -8.12 8.99 -25.73
N THR A 241 -7.03 9.74 -25.81
CA THR A 241 -7.03 11.09 -25.30
C THR A 241 -8.14 11.96 -25.94
N PHE A 242 -8.26 11.88 -27.27
CA PHE A 242 -9.29 12.62 -27.99
C PHE A 242 -10.67 12.05 -27.77
N LEU A 243 -10.76 10.73 -27.57
CA LEU A 243 -12.05 10.14 -27.29
C LEU A 243 -12.55 10.60 -25.94
N VAL A 244 -11.66 10.76 -24.98
CA VAL A 244 -12.04 11.25 -23.67
C VAL A 244 -12.46 12.69 -23.78
N ALA A 245 -11.72 13.45 -24.58
CA ALA A 245 -12.08 14.85 -24.80
C ALA A 245 -13.53 15.00 -25.32
N ALA A 246 -13.94 14.10 -26.22
CA ALA A 246 -15.31 14.09 -26.72
C ALA A 246 -16.28 13.59 -25.67
N ALA A 247 -15.86 12.54 -24.93
CA ALA A 247 -16.72 11.93 -23.89
C ALA A 247 -17.07 12.90 -22.80
N VAL A 248 -16.08 13.65 -22.37
CA VAL A 248 -16.23 14.51 -21.20
C VAL A 248 -16.90 15.84 -21.56
N SER A 249 -17.07 16.13 -22.84
CA SER A 249 -17.71 17.39 -23.25
C SER A 249 -19.08 17.15 -23.90
N ARG A 250 -19.69 15.99 -23.71
CA ARG A 250 -20.90 15.62 -24.45
C ARG A 250 -20.70 15.77 -25.96
N GLY A 251 -19.53 15.32 -26.44
CA GLY A 251 -19.13 15.57 -27.81
C GLY A 251 -19.32 14.42 -28.74
N LYS A 252 -18.69 14.54 -29.90
CA LYS A 252 -18.91 13.62 -31.05
C LYS A 252 -17.70 13.71 -32.00
N ILE A 253 -16.90 12.69 -32.02
CA ILE A 253 -15.63 12.74 -32.69
C ILE A 253 -15.32 11.44 -33.41
N VAL A 254 -14.66 11.53 -34.55
CA VAL A 254 -14.16 10.35 -35.21
C VAL A 254 -12.66 10.52 -35.38
N CYS A 255 -11.93 9.49 -34.96
CA CYS A 255 -10.48 9.45 -35.09
C CYS A 255 -10.12 8.61 -36.28
N ARG A 256 -9.33 9.18 -37.18
CA ARG A 256 -8.90 8.53 -38.41
C ARG A 256 -7.45 8.04 -38.30
N ASN A 257 -7.13 6.99 -39.08
CA ASN A 257 -5.83 6.25 -39.02
C ASN A 257 -5.49 5.71 -37.64
N THR A 258 -6.38 4.87 -37.16
CA THR A 258 -6.27 4.27 -35.83
C THR A 258 -7.12 3.01 -35.83
N HIS A 259 -6.90 2.11 -34.88
CA HIS A 259 -7.52 0.80 -34.92
C HIS A 259 -8.02 0.43 -33.54
N ALA A 260 -9.25 -0.06 -33.50
CA ALA A 260 -9.90 -0.46 -32.27
C ALA A 260 -9.12 -1.51 -31.49
N HIS A 261 -8.49 -2.44 -32.19
CA HIS A 261 -7.80 -3.55 -31.50
C HIS A 261 -6.65 -3.05 -30.64
N LEU A 262 -6.20 -1.81 -30.83
CA LEU A 262 -5.09 -1.33 -30.02
C LEU A 262 -5.50 -0.90 -28.63
N LEU A 263 -6.82 -0.69 -28.42
CA LEU A 263 -7.33 -0.11 -27.19
C LEU A 263 -8.75 -0.55 -26.77
N GLU A 264 -8.99 -1.86 -26.79
CA GLU A 264 -10.32 -2.42 -26.44
C GLU A 264 -10.72 -2.11 -24.98
N ALA A 265 -9.77 -2.16 -24.05
CA ALA A 265 -10.06 -1.88 -22.63
C ALA A 265 -10.58 -0.45 -22.45
N VAL A 266 -9.93 0.51 -23.08
CA VAL A 266 -10.37 1.87 -23.05
C VAL A 266 -11.74 2.02 -23.71
N LEU A 267 -11.93 1.39 -24.87
CA LEU A 267 -13.19 1.52 -25.58
C LEU A 267 -14.35 0.95 -24.78
N ALA A 268 -14.11 -0.16 -24.09
CA ALA A 268 -15.15 -0.73 -23.22
C ALA A 268 -15.44 0.20 -22.03
N LYS A 269 -14.42 0.80 -21.43
CA LYS A 269 -14.65 1.75 -20.32
C LYS A 269 -15.42 2.98 -20.74
N LEU A 270 -15.18 3.46 -21.95
CA LEU A 270 -15.88 4.59 -22.47
C LEU A 270 -17.36 4.25 -22.79
N GLU A 271 -17.60 3.02 -23.24
CA GLU A 271 -18.95 2.52 -23.51
C GLU A 271 -19.70 2.43 -22.20
N GLU A 272 -18.97 2.03 -21.17
CA GLU A 272 -19.54 1.85 -19.88
C GLU A 272 -19.85 3.19 -19.19
N ALA A 273 -19.09 4.21 -19.55
CA ALA A 273 -19.32 5.55 -19.06
C ALA A 273 -20.41 6.30 -19.84
N GLY A 274 -21.02 5.65 -20.84
CA GLY A 274 -22.16 6.24 -21.49
C GLY A 274 -22.01 6.42 -23.00
N ALA A 275 -20.81 6.31 -23.52
CA ALA A 275 -20.57 6.63 -24.92
C ALA A 275 -21.02 5.51 -25.87
N GLU A 276 -21.39 5.90 -27.07
CA GLU A 276 -21.60 4.97 -28.17
C GLU A 276 -20.38 5.02 -29.10
N ILE A 277 -19.87 3.82 -29.41
CA ILE A 277 -18.66 3.68 -30.14
C ILE A 277 -18.85 2.87 -31.37
N GLU A 278 -18.30 3.38 -32.48
CA GLU A 278 -18.25 2.65 -33.72
C GLU A 278 -16.84 2.56 -34.23
N CYS A 279 -16.59 1.51 -35.03
CA CYS A 279 -15.27 1.15 -35.50
C CYS A 279 -15.35 0.80 -36.96
N GLY A 280 -14.29 1.15 -37.67
CA GLY A 280 -14.19 0.85 -39.07
C GLY A 280 -12.86 0.21 -39.38
N GLU A 281 -12.60 0.06 -40.66
CA GLU A 281 -11.33 -0.45 -41.13
C GLU A 281 -10.13 0.26 -40.47
N ASP A 282 -10.19 1.58 -40.39
CA ASP A 282 -9.08 2.36 -39.80
C ASP A 282 -9.53 3.63 -39.07
N TRP A 283 -10.67 3.54 -38.40
CA TRP A 283 -11.16 4.68 -37.66
C TRP A 283 -12.05 4.25 -36.52
N ILE A 284 -12.15 5.11 -35.51
CA ILE A 284 -13.02 4.90 -34.35
C ILE A 284 -13.79 6.20 -34.12
N SER A 285 -15.10 6.08 -33.87
CA SER A 285 -15.91 7.23 -33.61
C SER A 285 -16.50 7.09 -32.23
N LEU A 286 -16.71 8.23 -31.60
CA LEU A 286 -17.35 8.29 -30.33
C LEU A 286 -18.45 9.32 -30.41
N ASP A 287 -19.66 8.94 -29.96
CA ASP A 287 -20.78 9.84 -29.80
C ASP A 287 -21.22 9.88 -28.33
N MET A 288 -21.18 11.07 -27.76
CA MET A 288 -21.64 11.30 -26.41
C MET A 288 -22.81 12.30 -26.36
N THR A 289 -23.26 12.75 -27.52
CA THR A 289 -24.35 13.76 -27.54
C THR A 289 -25.62 13.16 -26.96
N GLY A 290 -26.21 13.90 -26.03
CA GLY A 290 -27.46 13.51 -25.37
C GLY A 290 -27.35 12.29 -24.45
N ARG A 291 -26.12 11.89 -24.15
CA ARG A 291 -25.89 10.77 -23.25
C ARG A 291 -25.30 11.31 -21.96
N GLU A 292 -25.64 10.67 -20.86
CA GLU A 292 -25.26 11.14 -19.53
C GLU A 292 -23.99 10.42 -19.11
N LEU A 293 -23.00 11.18 -18.68
CA LEU A 293 -21.70 10.63 -18.33
C LEU A 293 -21.69 9.90 -16.95
N LYS A 294 -21.40 8.59 -16.95
CA LYS A 294 -21.44 7.74 -15.74
C LYS A 294 -20.04 7.30 -15.31
N ALA A 295 -19.76 7.37 -13.99
CA ALA A 295 -18.41 7.06 -13.47
C ALA A 295 -18.11 5.58 -13.62
N VAL A 296 -16.83 5.25 -13.72
CA VAL A 296 -16.40 3.88 -13.88
C VAL A 296 -15.24 3.51 -12.93
N THR A 297 -15.05 2.23 -12.70
CA THR A 297 -13.95 1.75 -11.90
C THR A 297 -12.85 1.30 -12.85
N VAL A 298 -11.59 1.57 -12.46
CA VAL A 298 -10.46 1.37 -13.38
C VAL A 298 -9.25 0.82 -12.62
N ARG A 299 -8.60 -0.18 -13.21
CA ARG A 299 -7.36 -0.70 -12.65
C ARG A 299 -6.28 -0.73 -13.72
N THR A 300 -5.21 0.07 -13.59
CA THR A 300 -4.18 0.06 -14.66
C THR A 300 -3.48 -1.27 -14.68
N ALA A 301 -3.12 -1.73 -15.89
CA ALA A 301 -2.45 -3.02 -16.02
C ALA A 301 -1.74 -3.17 -17.36
N PRO A 302 -0.83 -4.15 -17.48
CA PRO A 302 -0.21 -4.41 -18.76
C PRO A 302 -1.23 -4.66 -19.85
N HIS A 303 -0.84 -4.29 -21.05
CA HIS A 303 -1.65 -4.50 -22.21
C HIS A 303 -2.01 -5.97 -22.29
N PRO A 304 -3.23 -6.30 -22.68
CA PRO A 304 -4.35 -5.50 -23.17
C PRO A 304 -5.30 -5.00 -22.08
N GLY A 305 -4.83 -4.92 -20.85
CA GLY A 305 -5.59 -4.27 -19.82
C GLY A 305 -5.55 -2.75 -19.98
N PHE A 306 -5.93 -2.03 -18.93
CA PHE A 306 -6.10 -0.60 -19.02
C PHE A 306 -4.77 0.07 -18.90
N PRO A 307 -4.37 0.88 -19.88
CA PRO A 307 -3.00 1.43 -19.85
C PRO A 307 -2.83 2.60 -18.90
N THR A 308 -1.71 2.64 -18.23
CA THR A 308 -1.50 3.65 -17.23
C THR A 308 -1.34 5.02 -17.90
N ASP A 309 -1.04 5.01 -19.19
CA ASP A 309 -0.97 6.24 -19.97
C ASP A 309 -2.34 6.88 -20.25
N MET A 310 -3.44 6.20 -19.89
CA MET A 310 -4.77 6.77 -20.03
C MET A 310 -5.38 7.14 -18.69
N GLN A 311 -4.58 7.01 -17.66
CA GLN A 311 -5.10 7.05 -16.33
C GLN A 311 -5.45 8.45 -15.91
N ALA A 312 -4.60 9.41 -16.25
CA ALA A 312 -4.89 10.80 -15.89
C ALA A 312 -6.14 11.32 -16.62
N GLN A 313 -6.36 10.84 -17.83
CA GLN A 313 -7.48 11.28 -18.63
C GLN A 313 -8.81 10.76 -18.08
N PHE A 314 -8.82 9.50 -17.67
CA PHE A 314 -9.90 8.93 -16.94
C PHE A 314 -10.04 9.43 -15.49
N THR A 315 -8.99 9.94 -14.87
CA THR A 315 -9.20 10.68 -13.63
C THR A 315 -10.09 11.87 -13.91
N LEU A 316 -9.79 12.64 -14.94
CA LEU A 316 -10.65 13.78 -15.28
C LEU A 316 -12.12 13.40 -15.62
N LEU A 317 -12.28 12.31 -16.36
CA LEU A 317 -13.58 11.83 -16.73
C LEU A 317 -14.39 11.55 -15.50
N ASN A 318 -13.79 10.82 -14.56
CA ASN A 318 -14.56 10.35 -13.42
C ASN A 318 -14.88 11.52 -12.55
N MET A 319 -13.95 12.48 -12.49
CA MET A 319 -14.19 13.69 -11.71
C MET A 319 -15.43 14.43 -12.22
N MET A 320 -15.75 14.27 -13.51
CA MET A 320 -16.89 14.95 -14.12
C MET A 320 -18.07 14.05 -14.21
N ALA A 321 -17.87 12.75 -13.98
CA ALA A 321 -18.92 11.74 -14.07
C ALA A 321 -19.58 11.55 -12.75
N LYS A 322 -20.90 11.41 -12.78
CA LYS A 322 -21.66 11.12 -11.58
C LYS A 322 -21.60 9.63 -11.22
N GLY A 323 -21.62 9.34 -9.93
CA GLY A 323 -21.54 7.95 -9.42
C GLY A 323 -20.16 7.63 -8.86
N GLY A 324 -19.37 8.63 -8.54
CA GLY A 324 -18.06 8.40 -7.94
C GLY A 324 -16.96 8.17 -8.99
N GLY A 325 -16.42 6.98 -9.01
CA GLY A 325 -15.34 6.67 -9.93
C GLY A 325 -14.08 6.41 -9.13
N VAL A 326 -13.49 5.24 -9.39
CA VAL A 326 -12.31 4.82 -8.65
C VAL A 326 -11.26 4.34 -9.62
N ILE A 327 -10.06 4.85 -9.43
CA ILE A 327 -8.94 4.57 -10.28
C ILE A 327 -7.80 4.05 -9.46
N THR A 328 -7.36 2.85 -9.78
CA THR A 328 -6.26 2.20 -9.07
C THR A 328 -5.10 2.11 -10.02
N GLU A 329 -3.94 2.60 -9.59
CA GLU A 329 -2.77 2.66 -10.44
C GLU A 329 -1.76 1.68 -9.89
N THR A 330 -1.51 0.64 -10.67
CA THR A 330 -0.62 -0.43 -10.26
C THR A 330 0.79 -0.25 -10.83
N ILE A 331 0.93 0.47 -11.93
CA ILE A 331 2.17 0.44 -12.69
C ILE A 331 3.25 1.36 -12.13
N PHE A 332 2.94 2.66 -11.98
CA PHE A 332 3.88 3.64 -11.42
C PHE A 332 3.37 4.16 -10.09
N GLU A 333 4.30 4.43 -9.18
CA GLU A 333 3.97 4.72 -7.80
C GLU A 333 3.53 6.18 -7.52
N ASN A 334 3.99 7.14 -8.33
CA ASN A 334 3.62 8.54 -8.17
C ASN A 334 2.98 9.27 -9.40
N ARG A 335 1.84 8.78 -9.87
CA ARG A 335 1.24 9.32 -11.06
C ARG A 335 -0.16 9.89 -10.78
N PHE A 336 -0.27 10.61 -9.67
CA PHE A 336 -1.49 11.34 -9.40
C PHE A 336 -1.20 12.83 -9.23
N MET A 337 -0.11 13.31 -9.80
CA MET A 337 0.25 14.73 -9.73
C MET A 337 -0.79 15.68 -10.36
N HIS A 338 -1.58 15.18 -11.30
CA HIS A 338 -2.68 15.95 -11.89
C HIS A 338 -3.83 16.27 -10.91
N VAL A 339 -3.96 15.47 -9.86
CA VAL A 339 -5.10 15.63 -8.97
C VAL A 339 -5.10 16.96 -8.21
N PRO A 340 -4.01 17.28 -7.49
CA PRO A 340 -4.04 18.58 -6.80
C PRO A 340 -4.19 19.76 -7.77
N GLU A 341 -3.73 19.62 -9.02
CA GLU A 341 -3.94 20.68 -10.03
C GLU A 341 -5.44 20.82 -10.42
N LEU A 342 -6.07 19.69 -10.65
CA LEU A 342 -7.46 19.67 -11.01
C LEU A 342 -8.31 20.18 -9.84
N LYS A 343 -7.81 19.98 -8.64
CA LYS A 343 -8.53 20.45 -7.45
C LYS A 343 -8.55 21.96 -7.45
N ARG A 344 -7.52 22.59 -8.03
CA ARG A 344 -7.44 24.03 -8.05
C ARG A 344 -8.56 24.60 -8.93
N MET A 345 -9.07 23.75 -9.82
CA MET A 345 -10.14 24.09 -10.73
C MET A 345 -11.50 23.68 -10.17
N GLY A 346 -11.55 23.26 -8.89
CA GLY A 346 -12.80 22.96 -8.20
C GLY A 346 -13.16 21.49 -8.23
N ALA A 347 -12.22 20.65 -8.61
CA ALA A 347 -12.48 19.22 -8.75
C ALA A 347 -12.48 18.55 -7.40
N LYS A 348 -13.22 17.43 -7.30
CA LYS A 348 -13.32 16.69 -6.06
C LYS A 348 -12.80 15.27 -6.20
N ALA A 349 -11.82 14.95 -5.35
CA ALA A 349 -11.18 13.65 -5.30
C ALA A 349 -10.36 13.48 -4.03
N GLU A 350 -10.16 12.23 -3.65
CA GLU A 350 -9.33 11.84 -2.56
C GLU A 350 -8.41 10.71 -2.98
N ILE A 351 -7.19 10.78 -2.47
CA ILE A 351 -6.11 9.84 -2.78
C ILE A 351 -5.81 8.95 -1.57
N GLU A 352 -5.51 7.68 -1.87
CA GLU A 352 -5.12 6.69 -0.87
C GLU A 352 -4.30 5.55 -1.45
N GLY A 353 -3.03 5.52 -1.08
CA GLY A 353 -2.06 4.64 -1.70
C GLY A 353 -2.20 4.86 -3.18
N ASN A 354 -2.47 3.76 -3.86
CA ASN A 354 -2.45 3.71 -5.30
C ASN A 354 -3.85 3.93 -5.92
N THR A 355 -4.73 4.60 -5.19
CA THR A 355 -6.11 4.74 -5.65
C THR A 355 -6.62 6.18 -5.49
N VAL A 356 -7.32 6.67 -6.51
CA VAL A 356 -8.07 7.92 -6.40
C VAL A 356 -9.56 7.62 -6.38
N ILE A 357 -10.25 8.29 -5.46
CA ILE A 357 -11.67 8.17 -5.27
C ILE A 357 -12.23 9.50 -5.62
N CYS A 358 -12.88 9.54 -6.77
CA CYS A 358 -13.40 10.76 -7.30
C CYS A 358 -14.79 11.07 -6.77
N GLY A 359 -14.98 12.33 -6.40
CA GLY A 359 -16.28 12.95 -6.27
C GLY A 359 -16.84 13.34 -7.63
N ASP A 360 -18.01 13.99 -7.62
CA ASP A 360 -18.75 14.38 -8.83
C ASP A 360 -18.89 15.89 -8.84
N VAL A 361 -18.69 16.52 -10.00
CA VAL A 361 -18.70 17.99 -10.11
C VAL A 361 -19.37 18.37 -11.44
N ASP A 362 -20.30 19.32 -11.41
CA ASP A 362 -21.01 19.71 -12.62
C ASP A 362 -20.04 20.38 -13.54
N ARG A 363 -19.30 21.35 -13.02
CA ARG A 363 -18.40 22.12 -13.88
C ARG A 363 -17.22 22.65 -13.17
N LEU A 364 -16.08 22.54 -13.84
CA LEU A 364 -14.84 23.03 -13.33
C LEU A 364 -14.75 24.53 -13.49
N SER A 365 -13.83 25.09 -12.74
CA SER A 365 -13.63 26.50 -12.74
C SER A 365 -12.22 26.77 -13.29
N GLY A 366 -12.09 27.74 -14.19
CA GLY A 366 -10.76 28.11 -14.69
C GLY A 366 -9.83 28.62 -13.60
N ALA A 367 -8.56 28.25 -13.73
CA ALA A 367 -7.52 28.61 -12.78
C ALA A 367 -6.17 28.40 -13.44
N GLN A 368 -5.15 28.99 -12.83
CA GLN A 368 -3.78 28.80 -13.27
C GLN A 368 -3.26 27.48 -12.71
N VAL A 369 -2.86 26.58 -13.59
CA VAL A 369 -2.37 25.29 -13.19
C VAL A 369 -1.01 24.98 -13.86
N MET A 370 -0.40 23.88 -13.44
CA MET A 370 0.94 23.54 -13.91
C MET A 370 1.07 22.06 -14.30
N ALA A 371 1.51 21.84 -15.52
CA ALA A 371 1.74 20.49 -15.99
C ALA A 371 2.96 19.93 -15.32
N THR A 372 2.98 18.62 -15.18
CA THR A 372 4.05 17.95 -14.47
C THR A 372 4.63 16.81 -15.29
N ASP A 373 3.83 16.23 -16.17
CA ASP A 373 4.23 15.12 -17.01
C ASP A 373 3.32 15.14 -18.24
N LEU A 374 3.62 14.26 -19.20
CA LEU A 374 3.01 14.29 -20.51
C LEU A 374 1.48 14.08 -20.48
N ARG A 375 1.02 12.97 -19.92
CA ARG A 375 -0.41 12.64 -19.85
C ARG A 375 -1.20 13.55 -18.89
N ALA A 376 -0.62 13.89 -17.73
CA ALA A 376 -1.23 14.88 -16.85
C ALA A 376 -1.44 16.17 -17.59
N SER A 377 -0.47 16.58 -18.38
CA SER A 377 -0.56 17.84 -19.12
C SER A 377 -1.80 17.90 -20.05
N ALA A 378 -2.08 16.80 -20.72
CA ALA A 378 -3.19 16.72 -21.64
C ALA A 378 -4.52 16.81 -20.85
N SER A 379 -4.58 16.19 -19.68
CA SER A 379 -5.80 16.16 -18.91
C SER A 379 -6.13 17.56 -18.52
N LEU A 380 -5.13 18.30 -18.08
CA LEU A 380 -5.34 19.69 -17.68
C LEU A 380 -5.81 20.58 -18.86
N VAL A 381 -5.29 20.35 -20.06
CA VAL A 381 -5.76 21.11 -21.21
C VAL A 381 -7.20 20.75 -21.52
N ILE A 382 -7.53 19.47 -21.46
CA ILE A 382 -8.91 19.10 -21.64
C ILE A 382 -9.80 19.70 -20.56
N ALA A 383 -9.34 19.67 -19.32
CA ALA A 383 -10.05 20.31 -18.24
C ALA A 383 -10.31 21.79 -18.56
N GLY A 384 -9.29 22.46 -19.07
CA GLY A 384 -9.41 23.85 -19.44
C GLY A 384 -10.50 24.11 -20.45
N CYS A 385 -10.61 23.21 -21.44
CA CYS A 385 -11.62 23.30 -22.51
C CYS A 385 -13.05 23.26 -22.01
N ILE A 386 -13.32 22.48 -20.96
CA ILE A 386 -14.69 22.31 -20.47
C ILE A 386 -14.99 23.17 -19.26
N ALA A 387 -13.95 23.70 -18.63
CA ALA A 387 -14.12 24.51 -17.41
C ALA A 387 -14.82 25.83 -17.73
N LYS A 388 -15.12 26.63 -16.70
CA LYS A 388 -15.69 27.95 -16.88
C LYS A 388 -14.70 29.07 -16.61
N GLY A 389 -14.42 29.88 -17.64
CA GLY A 389 -13.45 30.97 -17.54
C GLY A 389 -12.09 30.56 -18.12
N GLU A 390 -11.05 31.28 -17.70
CA GLU A 390 -9.74 31.20 -18.34
C GLU A 390 -8.80 30.31 -17.52
N THR A 391 -8.18 29.36 -18.23
CA THR A 391 -7.20 28.47 -17.65
C THR A 391 -5.79 28.71 -18.21
N ILE A 392 -4.79 28.77 -17.33
CA ILE A 392 -3.39 28.88 -17.77
C ILE A 392 -2.63 27.63 -17.37
N VAL A 393 -2.21 26.84 -18.36
CA VAL A 393 -1.43 25.66 -18.12
C VAL A 393 0.04 25.97 -18.33
N ASP A 394 0.75 26.05 -17.22
CA ASP A 394 2.16 26.35 -17.27
C ASP A 394 2.96 25.08 -17.61
N ARG A 395 4.17 25.28 -18.10
CA ARG A 395 5.09 24.18 -18.43
C ARG A 395 4.53 23.21 -19.47
N ILE A 396 3.94 23.77 -20.51
CA ILE A 396 3.27 23.00 -21.54
C ILE A 396 4.21 22.20 -22.47
N TYR A 397 5.53 22.36 -22.35
CA TYR A 397 6.48 21.63 -23.21
C TYR A 397 6.34 20.11 -23.01
N HIS A 398 5.81 19.74 -21.83
CA HIS A 398 5.51 18.33 -21.51
C HIS A 398 4.61 17.72 -22.54
N ILE A 399 3.62 18.49 -23.03
CA ILE A 399 2.65 17.98 -24.00
C ILE A 399 3.26 17.65 -25.35
N ASP A 400 4.19 18.50 -25.76
CA ASP A 400 4.84 18.42 -27.03
C ASP A 400 5.78 17.26 -27.12
N ARG A 401 6.08 16.66 -25.97
CA ARG A 401 6.83 15.43 -25.94
C ARG A 401 6.09 14.28 -26.54
N GLY A 402 4.76 14.32 -26.46
CA GLY A 402 3.94 13.22 -26.92
C GLY A 402 2.75 13.51 -27.83
N TYR A 403 2.42 14.77 -28.00
CA TYR A 403 1.32 15.14 -28.87
C TYR A 403 1.86 16.14 -29.90
N GLU A 404 1.58 15.86 -31.14
CA GLU A 404 1.93 16.75 -32.21
C GLU A 404 0.88 17.84 -32.32
N ARG A 405 1.26 19.07 -31.96
CA ARG A 405 0.47 20.27 -32.25
C ARG A 405 -0.98 20.06 -31.79
N ILE A 406 -1.11 19.91 -30.47
CA ILE A 406 -2.38 19.50 -29.88
C ILE A 406 -3.36 20.65 -29.88
N GLU A 407 -2.82 21.87 -29.87
CA GLU A 407 -3.66 23.06 -29.84
C GLU A 407 -4.38 23.19 -31.18
N ASP A 408 -3.71 22.81 -32.25
CA ASP A 408 -4.33 22.87 -33.58
C ASP A 408 -5.40 21.77 -33.70
N LYS A 409 -5.05 20.56 -33.30
CA LYS A 409 -5.97 19.44 -33.33
C LYS A 409 -7.24 19.69 -32.52
N LEU A 410 -7.08 20.20 -31.32
CA LEU A 410 -8.22 20.54 -30.50
C LEU A 410 -9.01 21.79 -31.00
N SER A 411 -8.30 22.75 -31.59
CA SER A 411 -8.97 23.91 -32.20
C SER A 411 -9.89 23.51 -33.36
N ALA A 412 -9.44 22.57 -34.17
CA ALA A 412 -10.28 22.01 -35.23
C ALA A 412 -11.53 21.32 -34.67
N LEU A 413 -11.55 21.03 -33.37
CA LEU A 413 -12.72 20.47 -32.67
C LEU A 413 -13.58 21.49 -31.93
N GLY A 414 -13.21 22.76 -32.00
CA GLY A 414 -14.00 23.79 -31.36
C GLY A 414 -13.38 24.39 -30.11
N ALA A 415 -12.19 23.90 -29.72
CA ALA A 415 -11.54 24.43 -28.55
C ALA A 415 -10.96 25.81 -28.80
N ASN A 416 -10.75 26.54 -27.72
CA ASN A 416 -10.20 27.86 -27.75
C ASN A 416 -8.93 27.87 -26.94
N ILE A 417 -7.81 27.75 -27.65
CA ILE A 417 -6.51 27.56 -27.06
C ILE A 417 -5.48 28.50 -27.70
N GLU A 418 -4.65 29.11 -26.86
CA GLU A 418 -3.59 29.94 -27.36
C GLU A 418 -2.28 29.48 -26.75
N ARG A 419 -1.29 29.24 -27.60
CA ARG A 419 0.07 29.03 -27.13
C ARG A 419 0.74 30.39 -26.95
N PHE A 420 1.29 30.69 -25.76
CA PHE A 420 2.09 31.94 -25.53
C PHE A 420 3.23 31.79 -24.51
N ARG A 421 4.10 32.82 -24.43
CA ARG A 421 5.26 32.80 -23.52
C ARG A 421 4.90 33.46 -22.21
N MET B 4 20.78 28.44 -12.97
CA MET B 4 20.50 27.79 -11.63
C MET B 4 21.79 27.47 -10.93
N GLU B 5 21.86 27.78 -9.63
CA GLU B 5 23.08 27.51 -8.84
C GLU B 5 23.23 26.00 -8.68
N LYS B 6 24.47 25.57 -8.51
CA LYS B 6 24.80 24.16 -8.35
C LYS B 6 25.89 24.05 -7.29
N PHE B 7 26.02 22.89 -6.67
CA PHE B 7 27.21 22.59 -5.86
C PHE B 7 28.16 21.62 -6.59
N ARG B 8 29.43 22.01 -6.69
CA ARG B 8 30.52 21.09 -7.04
C ARG B 8 31.13 20.60 -5.75
N VAL B 9 30.93 19.31 -5.48
CA VAL B 9 31.48 18.65 -4.31
C VAL B 9 32.55 17.67 -4.77
N ILE B 10 33.64 17.67 -4.02
CA ILE B 10 34.76 16.78 -4.25
C ILE B 10 34.97 15.94 -3.01
N GLY B 11 34.67 14.65 -3.15
CA GLY B 11 34.53 13.82 -1.99
C GLY B 11 35.85 13.34 -1.41
N SER B 12 35.80 12.87 -0.17
CA SER B 12 36.97 12.36 0.52
C SER B 12 36.55 11.43 1.65
N THR B 13 37.46 10.54 2.04
CA THR B 13 37.27 9.66 3.22
C THR B 13 37.63 10.41 4.47
N GLN B 14 38.06 11.65 4.33
CA GLN B 14 38.37 12.47 5.49
C GLN B 14 37.13 12.63 6.36
N PRO B 15 37.21 12.32 7.65
CA PRO B 15 35.98 12.50 8.42
C PRO B 15 35.61 13.98 8.55
N LEU B 16 34.30 14.25 8.51
CA LEU B 16 33.76 15.56 8.79
C LEU B 16 33.81 15.81 10.27
N GLN B 17 34.54 16.83 10.69
CA GLN B 17 34.81 17.08 12.08
C GLN B 17 34.75 18.55 12.40
N GLY B 18 34.35 18.87 13.62
CA GLY B 18 34.44 20.23 14.13
C GLY B 18 33.13 20.63 14.80
N GLU B 19 32.76 21.88 14.62
CA GLU B 19 31.60 22.44 15.27
C GLU B 19 30.70 23.06 14.26
N VAL B 20 29.45 23.26 14.66
CA VAL B 20 28.49 23.92 13.84
C VAL B 20 27.47 24.53 14.77
N THR B 21 27.04 25.76 14.47
CA THR B 21 26.04 26.44 15.26
C THR B 21 24.66 26.22 14.63
N ILE B 22 23.74 25.61 15.37
CA ILE B 22 22.38 25.38 14.85
C ILE B 22 21.56 26.66 14.90
N SER B 23 20.92 26.98 13.77
CA SER B 23 20.01 28.12 13.68
C SER B 23 18.62 27.81 14.26
N GLY B 24 17.77 28.81 14.23
CA GLY B 24 16.42 28.64 14.70
C GLY B 24 15.68 27.82 13.68
N ALA B 25 14.66 27.12 14.13
CA ALA B 25 13.92 26.23 13.29
C ALA B 25 13.16 27.00 12.23
N LYS B 26 13.42 26.65 10.96
CA LYS B 26 12.62 27.11 9.81
C LYS B 26 11.14 26.99 10.11
N ASN B 27 10.76 25.77 10.49
CA ASN B 27 9.40 25.38 10.73
C ASN B 27 8.83 25.94 12.04
N ALA B 28 9.65 26.64 12.82
CA ALA B 28 9.14 27.48 13.89
C ALA B 28 9.02 28.89 13.42
N ALA B 29 10.08 29.42 12.82
CA ALA B 29 10.10 30.83 12.41
C ALA B 29 8.94 31.18 11.49
N LEU B 30 8.56 30.27 10.59
CA LEU B 30 7.43 30.51 9.66
C LEU B 30 6.07 30.65 10.29
N PRO B 31 5.62 29.63 11.04
CA PRO B 31 4.31 29.81 11.66
C PRO B 31 4.30 31.01 12.64
N ILE B 32 5.42 31.31 13.28
CA ILE B 32 5.44 32.46 14.17
C ILE B 32 5.26 33.74 13.36
N LEU B 33 5.96 33.87 12.24
CA LEU B 33 5.79 35.08 11.40
C LEU B 33 4.38 35.21 10.75
N PHE B 34 3.74 34.08 10.40
CA PHE B 34 2.36 34.14 9.96
C PHE B 34 1.45 34.42 11.13
N ALA B 35 1.87 34.04 12.33
CA ALA B 35 1.05 34.21 13.53
C ALA B 35 1.03 35.67 13.90
N SER B 36 2.09 36.37 13.55
CA SER B 36 2.17 37.78 13.88
C SER B 36 1.19 38.63 13.09
N ILE B 37 0.55 38.08 12.07
CA ILE B 37 -0.59 38.81 11.46
C ILE B 37 -1.66 39.18 12.48
N LEU B 38 -1.83 38.32 13.48
CA LEU B 38 -2.72 38.55 14.60
C LEU B 38 -2.41 39.80 15.45
N ALA B 39 -1.12 40.13 15.57
CA ALA B 39 -0.67 41.14 16.51
C ALA B 39 -0.90 42.54 16.00
N GLU B 40 -1.33 43.43 16.88
CA GLU B 40 -1.58 44.83 16.51
C GLU B 40 -0.35 45.69 16.78
N GLU B 41 0.61 45.17 17.55
CA GLU B 41 1.84 45.91 17.91
C GLU B 41 3.06 45.24 17.32
N PRO B 42 4.18 46.02 17.21
CA PRO B 42 5.45 45.50 16.72
C PRO B 42 5.89 44.26 17.44
N VAL B 43 6.59 43.43 16.69
CA VAL B 43 7.00 42.16 17.16
C VAL B 43 8.46 42.00 16.75
N GLU B 44 9.20 41.33 17.60
CA GLU B 44 10.58 41.02 17.25
C GLU B 44 10.88 39.55 17.47
N VAL B 45 11.32 38.86 16.41
CA VAL B 45 11.59 37.42 16.46
C VAL B 45 13.06 37.21 16.21
N ALA B 46 13.79 36.87 17.27
CA ALA B 46 15.22 36.57 17.20
C ALA B 46 15.54 35.09 16.81
N ASN B 47 16.83 34.85 16.55
CA ASN B 47 17.37 33.55 16.12
C ASN B 47 16.70 33.01 14.85
N VAL B 48 16.39 33.91 13.91
CA VAL B 48 15.73 33.54 12.66
C VAL B 48 16.77 33.33 11.58
N PRO B 49 16.76 32.15 10.93
CA PRO B 49 17.76 31.88 9.92
C PRO B 49 17.53 32.65 8.61
N HIS B 50 18.61 32.88 7.88
CA HIS B 50 18.55 33.51 6.59
C HIS B 50 18.22 32.49 5.53
N LEU B 51 16.96 32.44 5.11
CA LEU B 51 16.49 31.42 4.19
C LEU B 51 15.56 32.04 3.22
N ARG B 52 15.45 31.43 2.03
CA ARG B 52 14.53 31.90 0.96
C ARG B 52 13.08 31.97 1.42
N ASP B 53 12.67 30.94 2.15
CA ASP B 53 11.28 30.82 2.65
C ASP B 53 10.93 31.96 3.65
N ILE B 54 11.93 32.51 4.32
CA ILE B 54 11.71 33.64 5.23
C ILE B 54 11.69 34.96 4.47
N ASP B 55 12.44 35.03 3.38
CA ASP B 55 12.30 36.19 2.48
C ASP B 55 10.87 36.21 1.91
N THR B 56 10.39 35.04 1.49
CA THR B 56 9.10 34.94 0.84
C THR B 56 8.01 35.26 1.83
N THR B 57 8.15 34.81 3.08
CA THR B 57 7.21 35.18 4.11
C THR B 57 7.26 36.69 4.39
N MET B 58 8.42 37.28 4.45
CA MET B 58 8.51 38.75 4.65
C MET B 58 7.84 39.50 3.52
N GLU B 59 7.90 38.92 2.33
CA GLU B 59 7.29 39.58 1.19
C GLU B 59 5.78 39.44 1.30
N LEU B 60 5.33 38.28 1.77
CA LEU B 60 3.90 38.04 1.95
C LEU B 60 3.30 39.02 2.93
N LEU B 61 3.97 39.18 4.04
CA LEU B 61 3.57 40.11 5.04
C LEU B 61 3.52 41.56 4.60
N GLU B 62 4.56 42.01 3.88
CA GLU B 62 4.54 43.36 3.34
C GLU B 62 3.35 43.56 2.39
N ARG B 63 3.05 42.55 1.60
CA ARG B 63 1.98 42.67 0.63
C ARG B 63 0.61 42.70 1.28
N LEU B 64 0.56 42.40 2.55
CA LEU B 64 -0.66 42.56 3.31
C LEU B 64 -0.76 43.93 3.93
N GLY B 65 0.38 44.63 3.92
CA GLY B 65 0.49 46.00 4.41
C GLY B 65 1.26 46.15 5.69
N ALA B 66 1.93 45.10 6.11
CA ALA B 66 2.73 45.12 7.33
C ALA B 66 4.08 45.70 7.04
N LYS B 67 4.75 46.19 8.09
CA LYS B 67 6.10 46.76 7.98
C LYS B 67 7.11 45.78 8.52
N VAL B 68 8.16 45.49 7.73
CA VAL B 68 9.08 44.40 8.05
C VAL B 68 10.56 44.72 7.74
N GLU B 69 11.44 44.52 8.71
CA GLU B 69 12.90 44.56 8.50
C GLU B 69 13.49 43.24 9.03
N ARG B 70 14.75 43.01 8.72
CA ARG B 70 15.45 41.97 9.43
C ARG B 70 16.98 42.14 9.42
N ASN B 71 17.63 41.48 10.37
CA ASN B 71 18.78 40.65 10.02
C ASN B 71 19.05 39.54 11.02
N GLY B 72 19.55 39.85 12.21
CA GLY B 72 19.60 38.82 13.26
C GLY B 72 18.18 38.39 13.60
N SER B 73 17.34 39.38 13.89
CA SER B 73 15.91 39.18 14.13
C SER B 73 15.09 39.61 12.91
N VAL B 74 13.84 39.20 12.92
CA VAL B 74 12.86 39.81 12.05
C VAL B 74 11.88 40.68 12.87
N HIS B 75 11.75 41.95 12.51
CA HIS B 75 10.75 42.83 13.10
C HIS B 75 9.52 42.89 12.20
N VAL B 76 8.35 42.83 12.83
CA VAL B 76 7.09 42.89 12.14
C VAL B 76 6.14 43.79 12.87
N ASP B 77 5.61 44.75 12.14
CA ASP B 77 4.52 45.59 12.60
C ASP B 77 3.30 45.28 11.73
N ALA B 78 2.47 44.36 12.20
CA ALA B 78 1.27 43.94 11.47
C ALA B 78 0.14 44.89 11.73
N GLY B 79 0.33 45.89 12.59
CA GLY B 79 -0.72 46.84 12.98
C GLY B 79 -1.49 47.42 11.82
N PRO B 80 -0.77 47.93 10.83
CA PRO B 80 -1.46 48.58 9.70
C PRO B 80 -1.81 47.64 8.51
N ILE B 81 -2.05 46.37 8.74
CA ILE B 81 -2.43 45.50 7.64
C ILE B 81 -3.77 45.96 7.03
N ASN B 82 -3.79 46.12 5.71
CA ASN B 82 -4.98 46.64 5.04
C ASN B 82 -5.42 45.78 3.86
N GLN B 83 -4.68 44.69 3.60
CA GLN B 83 -4.98 43.73 2.53
C GLN B 83 -4.98 42.32 3.10
N TYR B 84 -5.58 41.39 2.38
CA TYR B 84 -5.98 40.11 2.96
C TYR B 84 -5.86 38.93 1.99
N CYS B 85 -5.08 39.10 0.92
CA CYS B 85 -4.87 38.08 -0.10
C CYS B 85 -3.43 37.55 -0.08
N ALA B 86 -3.29 36.24 -0.08
CA ALA B 86 -2.01 35.58 -0.41
C ALA B 86 -2.05 35.16 -1.88
N PRO B 87 -1.47 35.97 -2.78
CA PRO B 87 -1.65 35.70 -4.21
C PRO B 87 -0.95 34.45 -4.73
N TYR B 88 -1.41 33.96 -5.87
CA TYR B 88 -0.80 32.82 -6.57
C TYR B 88 0.72 32.87 -6.70
N ASP B 89 1.25 34.03 -7.08
CA ASP B 89 2.66 34.16 -7.44
C ASP B 89 3.54 33.84 -6.25
N LEU B 90 2.99 33.98 -5.05
CA LEU B 90 3.72 33.60 -3.84
C LEU B 90 3.44 32.17 -3.36
N VAL B 91 2.22 31.71 -3.53
CA VAL B 91 1.82 30.40 -2.99
C VAL B 91 2.46 29.28 -3.75
N LYS B 92 2.51 29.40 -5.07
CA LYS B 92 3.19 28.40 -5.89
C LYS B 92 4.68 28.26 -5.49
N THR B 93 5.22 29.30 -4.86
CA THR B 93 6.62 29.30 -4.38
C THR B 93 6.75 28.58 -3.04
N MET B 94 5.72 28.69 -2.20
CA MET B 94 5.79 28.22 -0.83
C MET B 94 4.39 28.00 -0.28
N ARG B 95 3.99 26.74 -0.24
CA ARG B 95 2.66 26.33 0.19
C ARG B 95 2.29 26.69 1.63
N ALA B 96 3.28 26.84 2.50
CA ALA B 96 3.06 27.28 3.89
C ALA B 96 2.37 28.66 4.01
N SER B 97 2.21 29.36 2.88
CA SER B 97 1.44 30.58 2.82
C SER B 97 0.00 30.36 3.20
N ILE B 98 -0.44 29.11 3.26
CA ILE B 98 -1.77 28.81 3.76
C ILE B 98 -1.99 29.33 5.17
N TRP B 99 -0.96 29.30 5.98
CA TRP B 99 -1.00 29.83 7.35
C TRP B 99 -1.37 31.31 7.42
N ALA B 100 -1.43 31.98 6.29
CA ALA B 100 -1.95 33.36 6.27
C ALA B 100 -3.46 33.39 6.52
N LEU B 101 -4.16 32.31 6.18
CA LEU B 101 -5.64 32.34 6.08
C LEU B 101 -6.30 32.59 7.42
N GLY B 102 -5.75 31.95 8.45
CA GLY B 102 -6.37 31.86 9.76
C GLY B 102 -6.32 33.17 10.51
N PRO B 103 -5.09 33.69 10.71
CA PRO B 103 -4.88 35.03 11.29
C PRO B 103 -5.73 36.13 10.63
N LEU B 104 -5.86 36.05 9.31
CA LEU B 104 -6.54 37.10 8.59
C LEU B 104 -8.02 37.08 8.87
N VAL B 105 -8.64 35.92 8.73
CA VAL B 105 -10.07 35.80 8.97
C VAL B 105 -10.39 36.01 10.44
N ALA B 106 -9.46 35.68 11.31
CA ALA B 106 -9.63 35.85 12.75
C ALA B 106 -9.63 37.33 13.12
N ARG B 107 -8.60 38.03 12.64
CA ARG B 107 -8.41 39.44 12.97
C ARG B 107 -9.29 40.39 12.16
N PHE B 108 -9.53 40.08 10.89
CA PHE B 108 -10.16 41.01 9.94
C PHE B 108 -11.52 40.52 9.38
N GLY B 109 -11.92 39.31 9.77
CA GLY B 109 -13.18 38.71 9.33
C GLY B 109 -13.13 38.24 7.88
N GLN B 110 -11.93 38.22 7.30
CA GLN B 110 -11.77 37.98 5.85
C GLN B 110 -10.33 37.55 5.46
N GLY B 111 -10.25 36.66 4.47
CA GLY B 111 -8.97 36.12 4.03
C GLY B 111 -9.09 35.34 2.75
N GLN B 112 -8.10 35.50 1.86
CA GLN B 112 -8.05 34.80 0.58
C GLN B 112 -6.65 34.26 0.36
N VAL B 113 -6.55 33.00 -0.09
CA VAL B 113 -5.29 32.36 -0.27
C VAL B 113 -5.34 31.35 -1.42
N SER B 114 -4.33 31.40 -2.29
CA SER B 114 -4.30 30.52 -3.43
C SER B 114 -4.17 29.05 -2.99
N LEU B 115 -5.04 28.19 -3.52
CA LEU B 115 -5.08 26.79 -3.13
C LEU B 115 -3.82 26.15 -3.69
N PRO B 116 -2.95 25.65 -2.80
CA PRO B 116 -1.71 25.11 -3.32
C PRO B 116 -1.89 23.90 -4.24
N GLY B 117 -1.06 23.82 -5.28
CA GLY B 117 -1.06 22.67 -6.15
C GLY B 117 -0.26 21.52 -5.56
N GLY B 118 0.17 20.65 -6.45
CA GLY B 118 1.03 19.56 -6.08
C GLY B 118 2.38 20.01 -5.55
N CYS B 119 2.79 19.32 -4.49
CA CYS B 119 4.15 19.30 -4.02
C CYS B 119 4.81 18.06 -4.58
N ALA B 120 6.10 18.13 -4.86
CA ALA B 120 6.78 16.91 -5.36
C ALA B 120 6.74 15.69 -4.37
N ILE B 121 6.77 15.96 -3.06
CA ILE B 121 6.80 14.89 -2.04
C ILE B 121 5.46 14.32 -1.67
N GLY B 122 4.39 14.94 -2.16
CA GLY B 122 3.02 14.38 -1.99
C GLY B 122 1.96 15.36 -2.47
N ALA B 123 0.71 14.94 -2.40
CA ALA B 123 -0.41 15.75 -2.89
C ALA B 123 -0.74 16.87 -1.90
N ARG B 124 -0.49 16.62 -0.62
CA ARG B 124 -0.53 17.63 0.41
C ARG B 124 -1.78 18.52 0.39
N PRO B 125 -2.96 17.94 0.56
CA PRO B 125 -4.18 18.71 0.61
C PRO B 125 -4.24 19.51 1.89
N VAL B 126 -5.15 20.47 1.96
CA VAL B 126 -5.25 21.33 3.10
C VAL B 126 -6.67 21.33 3.65
N ASP B 127 -7.41 20.25 3.39
CA ASP B 127 -8.80 20.07 3.88
C ASP B 127 -8.98 20.31 5.39
N LEU B 128 -8.03 19.84 6.18
CA LEU B 128 -8.11 19.98 7.61
C LEU B 128 -8.01 21.42 8.10
N HIS B 129 -7.36 22.31 7.34
CA HIS B 129 -7.25 23.73 7.73
C HIS B 129 -8.60 24.37 7.53
N ILE B 130 -9.20 24.09 6.38
CA ILE B 130 -10.50 24.63 6.01
C ILE B 130 -11.57 24.16 6.95
N HIS B 131 -11.70 22.84 7.11
CA HIS B 131 -12.75 22.28 7.94
C HIS B 131 -12.60 22.72 9.40
N GLY B 132 -11.39 23.00 9.85
CA GLY B 132 -11.21 23.52 11.19
C GLY B 132 -11.57 24.99 11.35
N LEU B 133 -11.30 25.80 10.35
CA LEU B 133 -11.70 27.19 10.40
C LEU B 133 -13.21 27.34 10.25
N GLU B 134 -13.84 26.46 9.48
CA GLU B 134 -15.30 26.43 9.43
C GLU B 134 -15.87 26.08 10.79
N GLN B 135 -15.25 25.14 11.49
CA GLN B 135 -15.75 24.79 12.83
C GLN B 135 -15.59 25.92 13.84
N LEU B 136 -14.78 26.93 13.54
CA LEU B 136 -14.74 28.15 14.34
C LEU B 136 -15.68 29.25 13.85
N GLY B 137 -16.50 28.92 12.87
CA GLY B 137 -17.60 29.79 12.45
C GLY B 137 -17.37 30.48 11.13
N ALA B 138 -16.27 30.12 10.47
CA ALA B 138 -15.94 30.68 9.15
C ALA B 138 -16.74 30.01 8.01
N THR B 139 -17.03 30.81 6.98
CA THR B 139 -17.61 30.32 5.73
C THR B 139 -16.52 30.34 4.64
N ILE B 140 -16.30 29.19 4.01
CA ILE B 140 -15.19 29.08 3.11
C ILE B 140 -15.59 28.48 1.78
N THR B 141 -15.06 29.08 0.73
CA THR B 141 -15.40 28.78 -0.66
C THR B 141 -14.13 28.67 -1.49
N LEU B 142 -14.25 28.02 -2.64
CA LEU B 142 -13.18 27.97 -3.63
C LEU B 142 -13.63 28.74 -4.85
N GLU B 143 -12.82 29.68 -5.32
CA GLU B 143 -13.21 30.54 -6.41
C GLU B 143 -11.97 30.96 -7.15
N ASP B 144 -11.87 30.59 -8.43
CA ASP B 144 -10.71 30.92 -9.28
C ASP B 144 -9.40 30.43 -8.69
N GLY B 145 -9.46 29.28 -8.02
CA GLY B 145 -8.29 28.71 -7.33
C GLY B 145 -7.86 29.39 -6.05
N TYR B 146 -8.71 30.26 -5.51
CA TYR B 146 -8.42 30.92 -4.24
C TYR B 146 -9.34 30.38 -3.18
N VAL B 147 -8.75 30.05 -2.03
CA VAL B 147 -9.55 29.74 -0.87
C VAL B 147 -9.98 31.05 -0.22
N LYS B 148 -11.29 31.33 -0.27
CA LYS B 148 -11.85 32.59 0.23
C LYS B 148 -12.64 32.31 1.48
N ALA B 149 -12.10 32.77 2.61
CA ALA B 149 -12.73 32.64 3.90
C ALA B 149 -13.29 33.97 4.37
N HIS B 150 -14.45 33.90 5.00
CA HIS B 150 -15.01 35.09 5.68
C HIS B 150 -15.96 34.72 6.83
N VAL B 151 -16.04 35.60 7.84
CA VAL B 151 -17.01 35.49 8.92
C VAL B 151 -17.58 36.88 9.25
N ASP B 152 -18.89 36.95 9.48
CA ASP B 152 -19.51 38.15 9.97
C ASP B 152 -19.26 38.30 11.48
N GLY B 153 -18.29 39.14 11.85
CA GLY B 153 -17.89 39.29 13.25
C GLY B 153 -16.67 38.42 13.65
N ARG B 154 -16.65 38.06 14.93
CA ARG B 154 -15.58 37.25 15.49
C ARG B 154 -15.87 35.76 15.32
N LEU B 155 -14.78 35.01 15.38
CA LEU B 155 -14.88 33.57 15.35
C LEU B 155 -15.39 33.08 16.67
N GLN B 156 -15.84 31.84 16.67
CA GLN B 156 -16.59 31.31 17.79
C GLN B 156 -15.89 30.06 18.26
N GLY B 157 -15.29 30.14 19.44
CA GLY B 157 -14.64 28.99 20.03
C GLY B 157 -15.45 27.71 19.99
N ALA B 158 -14.80 26.59 19.71
CA ALA B 158 -15.51 25.35 19.45
C ALA B 158 -14.71 24.17 19.99
N HIS B 159 -15.38 23.02 20.13
CA HIS B 159 -14.72 21.78 20.49
C HIS B 159 -14.45 21.01 19.20
N ILE B 160 -13.16 20.83 18.87
CA ILE B 160 -12.74 20.25 17.59
C ILE B 160 -11.86 19.05 17.81
N VAL B 161 -12.22 17.94 17.14
CA VAL B 161 -11.34 16.77 17.05
C VAL B 161 -10.83 16.61 15.63
N MET B 162 -9.52 16.53 15.51
CA MET B 162 -8.88 16.45 14.23
C MET B 162 -9.07 15.05 13.68
N ASP B 163 -9.52 14.94 12.44
CA ASP B 163 -9.63 13.66 11.74
C ASP B 163 -8.31 12.92 11.64
N LYS B 164 -7.23 13.67 11.49
CA LYS B 164 -5.90 13.16 11.51
C LYS B 164 -4.94 14.20 12.04
N VAL B 165 -3.78 13.73 12.49
CA VAL B 165 -2.75 14.55 13.10
C VAL B 165 -2.08 15.35 11.97
N SER B 166 -2.09 16.68 12.12
CA SER B 166 -1.54 17.59 11.12
C SER B 166 -0.89 18.76 11.81
N VAL B 167 0.41 18.91 11.62
CA VAL B 167 1.17 20.07 12.14
C VAL B 167 0.54 21.38 11.67
N GLY B 168 0.32 21.46 10.36
CA GLY B 168 -0.13 22.66 9.70
C GLY B 168 -1.48 23.09 10.18
N ALA B 169 -2.43 22.16 10.20
CA ALA B 169 -3.80 22.50 10.58
C ALA B 169 -3.92 22.82 12.07
N THR B 170 -3.11 22.14 12.87
CA THR B 170 -3.10 22.38 14.29
C THR B 170 -2.79 23.84 14.55
N ILE B 171 -1.77 24.32 13.87
CA ILE B 171 -1.33 25.67 14.01
C ILE B 171 -2.36 26.64 13.47
N THR B 172 -2.88 26.36 12.30
CA THR B 172 -3.93 27.19 11.75
C THR B 172 -5.06 27.37 12.77
N ILE B 173 -5.56 26.28 13.32
CA ILE B 173 -6.70 26.35 14.19
C ILE B 173 -6.28 27.00 15.49
N MET B 174 -5.10 26.64 16.00
CA MET B 174 -4.64 27.20 17.25
C MET B 174 -4.52 28.72 17.18
N CYS B 175 -3.82 29.22 16.16
CA CYS B 175 -3.62 30.65 16.00
C CYS B 175 -4.94 31.39 15.84
N ALA B 176 -5.75 30.96 14.87
CA ALA B 176 -7.09 31.57 14.69
C ALA B 176 -7.92 31.66 15.98
N ALA B 177 -7.84 30.65 16.84
CA ALA B 177 -8.68 30.55 18.04
C ALA B 177 -8.30 31.57 19.11
N THR B 178 -7.09 32.10 19.05
CA THR B 178 -6.65 33.11 20.00
C THR B 178 -7.54 34.35 19.97
N LEU B 179 -8.21 34.63 18.85
CA LEU B 179 -9.13 35.80 18.76
C LEU B 179 -10.61 35.46 18.65
N ALA B 180 -10.98 34.22 18.93
CA ALA B 180 -12.38 33.83 18.90
C ALA B 180 -13.06 34.35 20.12
N GLU B 181 -14.40 34.38 20.11
CA GLU B 181 -15.15 34.56 21.35
C GLU B 181 -15.24 33.20 22.00
N GLY B 182 -14.79 33.12 23.24
CA GLY B 182 -14.99 31.89 24.03
C GLY B 182 -13.80 30.96 23.97
N THR B 183 -14.03 29.72 24.35
CA THR B 183 -12.97 28.75 24.47
C THR B 183 -12.97 27.69 23.37
N THR B 184 -11.77 27.29 22.98
CA THR B 184 -11.56 26.29 21.96
C THR B 184 -10.74 25.12 22.55
N VAL B 185 -11.15 23.90 22.21
CA VAL B 185 -10.39 22.74 22.64
C VAL B 185 -10.08 21.89 21.43
N LEU B 186 -8.80 21.84 21.11
CA LEU B 186 -8.32 21.13 19.93
C LEU B 186 -7.77 19.77 20.38
N ASP B 187 -8.55 18.74 20.13
CA ASP B 187 -8.22 17.39 20.50
C ASP B 187 -7.52 16.70 19.32
N ASN B 188 -6.64 15.76 19.64
CA ASN B 188 -5.86 15.05 18.63
C ASN B 188 -4.97 16.05 17.93
N ALA B 189 -4.46 16.99 18.69
CA ALA B 189 -3.57 17.94 18.13
C ALA B 189 -2.17 17.34 17.94
N ALA B 190 -1.45 17.94 16.98
CA ALA B 190 -0.03 17.66 16.79
C ALA B 190 0.83 18.21 17.98
N ARG B 191 1.98 17.58 18.17
CA ARG B 191 2.84 17.83 19.31
C ARG B 191 4.25 18.25 18.93
N GLU B 192 4.56 18.38 17.64
CA GLU B 192 5.85 18.95 17.20
C GLU B 192 6.22 20.24 18.01
N PRO B 193 7.48 20.33 18.49
CA PRO B 193 7.92 21.49 19.28
C PRO B 193 7.77 22.85 18.58
N GLU B 194 7.51 22.85 17.27
CA GLU B 194 7.29 24.11 16.57
C GLU B 194 5.90 24.65 16.85
N ILE B 195 4.99 23.78 17.27
CA ILE B 195 3.70 24.20 17.76
C ILE B 195 3.82 24.73 19.18
N VAL B 196 4.66 24.09 19.97
CA VAL B 196 4.88 24.55 21.33
C VAL B 196 5.46 25.97 21.27
N ASP B 197 6.42 26.17 20.38
CA ASP B 197 7.09 27.46 20.27
C ASP B 197 6.15 28.57 19.86
N THR B 198 5.35 28.28 18.84
CA THR B 198 4.40 29.24 18.33
C THR B 198 3.45 29.67 19.43
N ALA B 199 3.05 28.74 20.30
CA ALA B 199 2.10 29.04 21.37
C ALA B 199 2.75 29.85 22.49
N MET B 200 4.02 29.58 22.78
CA MET B 200 4.80 30.47 23.70
C MET B 200 4.86 31.89 23.15
N PHE B 201 5.13 32.01 21.87
CA PHE B 201 5.18 33.31 21.24
C PHE B 201 3.83 34.04 21.39
N LEU B 202 2.74 33.33 21.18
CA LEU B 202 1.43 33.96 21.22
C LEU B 202 1.00 34.37 22.64
N ASN B 203 1.35 33.57 23.64
CA ASN B 203 1.06 33.91 25.01
C ASN B 203 1.84 35.13 25.47
N LYS B 204 3.03 35.37 24.90
CA LYS B 204 3.77 36.60 25.22
C LYS B 204 3.05 37.84 24.69
N LEU B 205 2.24 37.66 23.65
CA LEU B 205 1.45 38.77 23.11
C LEU B 205 0.11 38.95 23.79
N GLY B 206 -0.21 38.03 24.69
CA GLY B 206 -1.47 38.07 25.44
C GLY B 206 -2.44 36.95 25.12
N ALA B 207 -2.04 35.99 24.30
CA ALA B 207 -2.93 34.88 23.98
C ALA B 207 -3.05 33.97 25.20
N LYS B 208 -4.01 33.05 25.15
CA LYS B 208 -4.27 32.14 26.30
C LYS B 208 -4.31 30.71 25.84
N ILE B 209 -3.16 30.18 25.50
CA ILE B 209 -3.07 28.83 24.97
C ILE B 209 -2.44 27.99 26.07
N SER B 210 -3.00 26.82 26.31
CA SER B 210 -2.37 25.80 27.17
C SER B 210 -2.60 24.42 26.59
N GLY B 211 -1.69 23.51 26.94
CA GLY B 211 -1.73 22.15 26.40
C GLY B 211 -0.86 22.00 25.15
N ALA B 212 -0.31 23.11 24.67
CA ALA B 212 0.59 23.05 23.52
C ALA B 212 1.75 22.11 23.86
N GLY B 213 1.94 21.07 23.06
CA GLY B 213 2.90 20.03 23.38
C GLY B 213 2.21 18.69 23.63
N THR B 214 0.92 18.74 24.02
CA THR B 214 0.07 17.54 24.15
C THR B 214 -0.97 17.48 23.05
N ASP B 215 -1.80 16.46 23.10
CA ASP B 215 -2.79 16.22 22.07
C ASP B 215 -4.15 16.92 22.31
N SER B 216 -4.27 17.64 23.42
CA SER B 216 -5.40 18.56 23.58
C SER B 216 -4.90 19.94 23.91
N ILE B 217 -5.30 20.92 23.11
CA ILE B 217 -4.84 22.29 23.28
C ILE B 217 -6.08 23.12 23.57
N THR B 218 -6.00 23.88 24.66
CA THR B 218 -7.10 24.72 25.09
C THR B 218 -6.73 26.18 24.88
N ILE B 219 -7.49 26.86 24.03
CA ILE B 219 -7.26 28.26 23.77
C ILE B 219 -8.48 29.06 24.19
N GLU B 220 -8.26 30.01 25.10
CA GLU B 220 -9.30 30.92 25.49
C GLU B 220 -9.14 32.21 24.69
N GLY B 221 -10.19 32.58 23.96
CA GLY B 221 -10.11 33.71 23.03
C GLY B 221 -9.95 35.02 23.73
N VAL B 222 -9.14 35.91 23.17
CA VAL B 222 -9.05 37.29 23.66
C VAL B 222 -9.48 38.25 22.58
N GLU B 223 -9.63 39.52 22.91
CA GLU B 223 -10.13 40.50 21.96
C GLU B 223 -9.08 40.93 20.94
N ARG B 224 -7.85 41.09 21.42
CA ARG B 224 -6.74 41.61 20.63
C ARG B 224 -5.45 41.11 21.24
N LEU B 225 -4.36 41.25 20.50
CA LEU B 225 -3.04 40.82 20.94
C LEU B 225 -2.07 41.94 20.69
N GLY B 226 -1.07 42.04 21.57
CA GLY B 226 -0.18 43.19 21.63
C GLY B 226 1.08 42.84 20.90
N GLY B 227 2.23 43.15 21.51
CA GLY B 227 3.58 42.96 20.95
C GLY B 227 4.53 42.25 21.90
N GLY B 228 5.74 41.96 21.44
CA GLY B 228 6.69 41.12 22.21
C GLY B 228 7.97 40.73 21.49
N LYS B 229 8.83 40.00 22.19
CA LYS B 229 10.09 39.49 21.67
C LYS B 229 10.16 38.00 21.93
N HIS B 230 10.67 37.23 20.97
CA HIS B 230 10.70 35.78 21.10
C HIS B 230 11.87 35.25 20.32
N ALA B 231 12.71 34.45 20.96
CA ALA B 231 13.80 33.78 20.27
C ALA B 231 13.29 32.39 19.79
N VAL B 232 13.41 32.13 18.50
CA VAL B 232 12.92 30.89 17.92
C VAL B 232 13.72 29.71 18.45
N VAL B 233 13.00 28.62 18.72
CA VAL B 233 13.57 27.31 19.06
C VAL B 233 14.58 26.76 18.03
N PRO B 234 15.71 26.20 18.48
CA PRO B 234 16.72 25.63 17.56
C PRO B 234 16.15 24.63 16.58
N ASP B 235 16.75 24.50 15.40
CA ASP B 235 16.28 23.60 14.38
C ASP B 235 16.72 22.18 14.65
N ARG B 236 15.78 21.28 14.97
CA ARG B 236 16.14 19.89 15.24
C ARG B 236 16.49 19.12 13.99
N ILE B 237 16.01 19.55 12.83
CA ILE B 237 16.28 18.83 11.61
C ILE B 237 17.67 19.22 11.09
N GLU B 238 17.98 20.50 11.08
CA GLU B 238 19.37 20.92 10.81
C GLU B 238 20.32 20.18 11.76
N THR B 239 19.93 20.08 13.04
CA THR B 239 20.72 19.36 14.03
C THR B 239 20.91 17.91 13.58
N GLY B 240 19.80 17.20 13.38
CA GLY B 240 19.83 15.80 12.85
C GLY B 240 20.72 15.62 11.61
N THR B 241 20.62 16.60 10.70
CA THR B 241 21.32 16.54 9.44
C THR B 241 22.87 16.60 9.63
N PHE B 242 23.36 17.46 10.48
CA PHE B 242 24.81 17.49 10.67
C PHE B 242 25.35 16.29 11.43
N LEU B 243 24.54 15.77 12.35
CA LEU B 243 24.87 14.54 13.06
C LEU B 243 25.01 13.29 12.13
N VAL B 244 24.15 13.20 11.12
CA VAL B 244 24.25 12.15 10.10
C VAL B 244 25.51 12.32 9.24
N ALA B 245 25.81 13.57 8.89
CA ALA B 245 27.01 13.87 8.12
C ALA B 245 28.26 13.35 8.81
N ALA B 246 28.30 13.43 10.14
CA ALA B 246 29.43 12.92 10.89
C ALA B 246 29.39 11.40 10.97
N ALA B 247 28.21 10.86 11.20
CA ALA B 247 28.04 9.42 11.31
C ALA B 247 28.38 8.72 10.02
N VAL B 248 28.06 9.35 8.92
CA VAL B 248 28.26 8.69 7.66
C VAL B 248 29.70 8.87 7.13
N SER B 249 30.50 9.64 7.84
CA SER B 249 31.86 9.93 7.40
C SER B 249 32.88 9.42 8.41
N ARG B 250 32.44 8.61 9.37
CA ARG B 250 33.31 8.13 10.47
C ARG B 250 33.83 9.33 11.24
N GLY B 251 32.96 10.31 11.43
CA GLY B 251 33.34 11.63 11.92
C GLY B 251 33.05 11.90 13.38
N LYS B 252 33.27 13.16 13.77
CA LYS B 252 33.19 13.61 15.17
C LYS B 252 32.77 15.07 15.20
N ILE B 253 31.59 15.34 15.72
CA ILE B 253 30.99 16.68 15.61
C ILE B 253 30.25 17.10 16.89
N VAL B 254 30.26 18.38 17.18
CA VAL B 254 29.45 18.93 18.25
C VAL B 254 28.58 20.04 17.67
N CYS B 255 27.26 19.97 17.90
CA CYS B 255 26.33 20.99 17.43
C CYS B 255 25.98 21.90 18.62
N ARG B 256 26.05 23.22 18.41
CA ARG B 256 25.74 24.23 19.44
C ARG B 256 24.39 24.91 19.24
N ASN B 257 23.85 25.43 20.34
CA ASN B 257 22.53 26.05 20.38
C ASN B 257 21.44 25.12 19.89
N THR B 258 21.42 23.93 20.47
CA THR B 258 20.43 22.96 20.18
C THR B 258 20.22 22.09 21.42
N HIS B 259 19.14 21.30 21.42
CA HIS B 259 18.67 20.59 22.61
C HIS B 259 18.24 19.16 22.27
N ALA B 260 18.72 18.20 23.05
CA ALA B 260 18.49 16.77 22.77
C ALA B 260 17.03 16.40 22.79
N HIS B 261 16.28 16.99 23.72
CA HIS B 261 14.86 16.70 23.87
C HIS B 261 14.02 17.03 22.64
N LEU B 262 14.58 17.81 21.71
CA LEU B 262 13.92 18.04 20.42
C LEU B 262 13.99 16.82 19.49
N LEU B 263 14.95 15.93 19.69
CA LEU B 263 15.14 14.84 18.75
C LEU B 263 15.56 13.51 19.38
N GLU B 264 14.84 13.09 20.40
CA GLU B 264 15.19 11.83 21.05
C GLU B 264 15.14 10.63 20.10
N ALA B 265 14.14 10.60 19.24
CA ALA B 265 14.01 9.53 18.26
C ALA B 265 15.23 9.38 17.36
N VAL B 266 15.80 10.49 16.94
CA VAL B 266 16.95 10.48 16.02
C VAL B 266 18.23 10.11 16.74
N LEU B 267 18.37 10.59 17.97
CA LEU B 267 19.54 10.26 18.75
C LEU B 267 19.63 8.75 19.04
N ALA B 268 18.49 8.12 19.27
CA ALA B 268 18.48 6.73 19.66
C ALA B 268 18.84 5.85 18.48
N LYS B 269 18.39 6.21 17.27
CA LYS B 269 18.74 5.48 16.07
C LYS B 269 20.18 5.68 15.72
N LEU B 270 20.70 6.89 15.93
CA LEU B 270 22.13 7.15 15.76
C LEU B 270 23.00 6.28 16.68
N GLU B 271 22.59 6.15 17.96
CA GLU B 271 23.24 5.26 18.95
C GLU B 271 23.13 3.81 18.49
N GLU B 272 21.95 3.40 18.04
CA GLU B 272 21.71 2.05 17.52
C GLU B 272 22.57 1.79 16.29
N ALA B 273 22.91 2.84 15.54
CA ALA B 273 23.82 2.73 14.37
C ALA B 273 25.31 2.62 14.76
N GLY B 274 25.60 2.88 16.01
CA GLY B 274 26.89 2.57 16.58
C GLY B 274 27.68 3.82 16.87
N ALA B 275 27.01 4.94 17.12
CA ALA B 275 27.65 6.24 17.38
C ALA B 275 27.60 6.62 18.85
N GLU B 276 28.61 7.35 19.30
CA GLU B 276 28.70 7.83 20.71
C GLU B 276 28.11 9.24 20.81
N ILE B 277 27.02 9.34 21.54
CA ILE B 277 26.32 10.60 21.67
C ILE B 277 26.33 11.07 23.11
N GLU B 278 26.55 12.35 23.27
CA GLU B 278 26.61 12.97 24.58
C GLU B 278 25.90 14.31 24.50
N CYS B 279 25.27 14.74 25.60
CA CYS B 279 24.37 15.90 25.59
C CYS B 279 24.58 16.83 26.76
N GLY B 280 24.75 18.12 26.48
CA GLY B 280 24.84 19.14 27.51
C GLY B 280 23.57 19.97 27.60
N GLU B 281 23.69 21.15 28.22
CA GLU B 281 22.55 22.05 28.39
C GLU B 281 22.07 22.58 27.05
N ASP B 282 23.00 23.00 26.20
CA ASP B 282 22.62 23.50 24.89
C ASP B 282 23.50 22.97 23.77
N TRP B 283 23.88 21.70 23.87
CA TRP B 283 24.65 21.06 22.81
C TRP B 283 24.48 19.55 22.75
N ILE B 284 24.78 19.01 21.58
CA ILE B 284 24.81 17.60 21.31
C ILE B 284 26.08 17.26 20.54
N SER B 285 26.77 16.19 20.93
CA SER B 285 27.97 15.74 20.24
C SER B 285 27.84 14.31 19.80
N LEU B 286 28.49 13.99 18.71
CA LEU B 286 28.50 12.64 18.16
C LEU B 286 29.91 12.30 17.72
N ASP B 287 30.38 11.15 18.16
CA ASP B 287 31.70 10.67 17.84
C ASP B 287 31.52 9.31 17.18
N MET B 288 31.97 9.19 15.92
CA MET B 288 31.86 7.97 15.14
C MET B 288 33.26 7.45 14.78
N THR B 289 34.29 8.01 15.42
CA THR B 289 35.66 7.70 15.01
C THR B 289 36.00 6.26 15.44
N GLY B 290 36.62 5.52 14.52
CA GLY B 290 36.89 4.10 14.70
C GLY B 290 35.67 3.25 15.02
N ARG B 291 34.48 3.66 14.58
CA ARG B 291 33.29 2.90 14.89
C ARG B 291 32.63 2.36 13.65
N GLU B 292 31.91 1.26 13.83
CA GLU B 292 31.33 0.51 12.73
C GLU B 292 29.86 0.94 12.51
N LEU B 293 29.58 1.45 11.31
CA LEU B 293 28.25 1.98 10.99
C LEU B 293 27.31 0.81 10.70
N LYS B 294 26.29 0.67 11.53
CA LYS B 294 25.32 -0.42 11.40
C LYS B 294 23.96 0.08 10.94
N ALA B 295 23.36 -0.68 10.04
CA ALA B 295 22.06 -0.35 9.47
C ALA B 295 21.01 -0.42 10.56
N VAL B 296 19.91 0.26 10.33
CA VAL B 296 18.82 0.37 11.30
C VAL B 296 17.49 0.44 10.57
N THR B 297 16.43 0.08 11.28
CA THR B 297 15.10 0.23 10.72
C THR B 297 14.44 1.47 11.30
N VAL B 298 13.67 2.13 10.45
CA VAL B 298 13.03 3.36 10.77
C VAL B 298 11.59 3.32 10.27
N ARG B 299 10.69 3.80 11.09
CA ARG B 299 9.34 4.06 10.69
C ARG B 299 9.03 5.53 10.97
N THR B 300 8.72 6.33 9.94
CA THR B 300 8.43 7.75 10.21
C THR B 300 7.07 7.85 10.84
N ALA B 301 6.89 8.90 11.62
CA ALA B 301 5.68 9.09 12.43
C ALA B 301 5.67 10.46 13.10
N PRO B 302 4.48 10.94 13.44
CA PRO B 302 4.32 12.19 14.17
C PRO B 302 5.19 12.30 15.43
N HIS B 303 5.65 13.51 15.74
CA HIS B 303 6.48 13.77 16.93
C HIS B 303 5.83 13.26 18.22
N PRO B 304 6.60 12.68 19.15
CA PRO B 304 8.07 12.53 19.16
C PRO B 304 8.59 11.31 18.40
N GLY B 305 7.87 10.81 17.39
CA GLY B 305 8.35 9.65 16.62
C GLY B 305 9.47 10.08 15.68
N PHE B 306 9.94 9.17 14.83
CA PHE B 306 11.01 9.51 13.92
C PHE B 306 10.48 10.46 12.84
N PRO B 307 11.16 11.62 12.66
CA PRO B 307 10.61 12.64 11.77
C PRO B 307 10.89 12.40 10.32
N THR B 308 9.88 12.62 9.49
CA THR B 308 9.95 12.43 8.05
C THR B 308 10.98 13.38 7.39
N ASP B 309 11.23 14.53 8.03
CA ASP B 309 12.24 15.46 7.55
C ASP B 309 13.69 14.90 7.77
N MET B 310 13.83 13.75 8.42
CA MET B 310 15.15 13.11 8.58
C MET B 310 15.28 11.84 7.71
N GLN B 311 14.21 11.52 6.99
CA GLN B 311 14.15 10.25 6.30
C GLN B 311 15.08 10.15 5.14
N ALA B 312 15.24 11.21 4.36
CA ALA B 312 16.19 11.16 3.25
C ALA B 312 17.63 10.98 3.76
N GLN B 313 17.94 11.67 4.83
CA GLN B 313 19.28 11.61 5.34
C GLN B 313 19.59 10.22 5.87
N PHE B 314 18.59 9.60 6.49
CA PHE B 314 18.71 8.22 7.02
C PHE B 314 18.65 7.16 5.98
N THR B 315 18.10 7.46 4.82
CA THR B 315 18.24 6.61 3.66
C THR B 315 19.71 6.55 3.25
N LEU B 316 20.34 7.69 3.09
CA LEU B 316 21.76 7.73 2.82
C LEU B 316 22.56 6.93 3.87
N LEU B 317 22.33 7.19 5.14
CA LEU B 317 23.00 6.48 6.22
C LEU B 317 22.93 4.97 6.01
N ASN B 318 21.74 4.40 5.93
CA ASN B 318 21.57 2.95 5.79
C ASN B 318 22.23 2.43 4.50
N MET B 319 22.13 3.17 3.41
CA MET B 319 22.86 2.81 2.20
C MET B 319 24.41 2.58 2.41
N MET B 320 25.00 3.32 3.32
CA MET B 320 26.44 3.17 3.63
C MET B 320 26.70 2.20 4.78
N ALA B 321 25.73 2.04 5.67
CA ALA B 321 25.80 1.06 6.76
C ALA B 321 25.65 -0.37 6.30
N LYS B 322 26.27 -1.29 7.04
CA LYS B 322 26.21 -2.71 6.75
C LYS B 322 25.08 -3.36 7.54
N GLY B 323 24.50 -4.37 6.91
CA GLY B 323 23.43 -5.14 7.49
C GLY B 323 22.08 -4.67 6.98
N GLY B 324 22.00 -4.16 5.74
CA GLY B 324 20.73 -3.75 5.12
C GLY B 324 20.22 -2.34 5.47
N GLY B 325 19.04 -2.29 6.10
CA GLY B 325 18.40 -1.03 6.44
C GLY B 325 17.07 -0.94 5.74
N VAL B 326 16.02 -0.77 6.52
CA VAL B 326 14.69 -0.61 5.98
C VAL B 326 14.14 0.69 6.51
N ILE B 327 13.49 1.43 5.62
CA ILE B 327 12.87 2.66 5.99
C ILE B 327 11.44 2.70 5.49
N THR B 328 10.51 2.87 6.42
CA THR B 328 9.12 3.02 6.08
C THR B 328 8.68 4.49 6.28
N GLU B 329 8.20 5.12 5.21
CA GLU B 329 7.66 6.49 5.30
C GLU B 329 6.13 6.45 5.35
N THR B 330 5.53 6.87 6.46
CA THR B 330 4.05 6.83 6.60
C THR B 330 3.33 8.18 6.47
N ILE B 331 4.09 9.27 6.34
CA ILE B 331 3.56 10.64 6.29
C ILE B 331 3.34 11.18 4.88
N PHE B 332 4.39 11.20 4.07
CA PHE B 332 4.25 11.73 2.68
C PHE B 332 4.38 10.57 1.73
N GLU B 333 3.64 10.61 0.63
CA GLU B 333 3.51 9.41 -0.26
C GLU B 333 4.54 9.30 -1.39
N ASN B 334 5.38 10.34 -1.52
CA ASN B 334 6.38 10.36 -2.60
C ASN B 334 7.69 10.97 -2.16
N ARG B 335 8.30 10.41 -1.14
CA ARG B 335 9.44 11.04 -0.57
C ARG B 335 10.66 10.18 -0.68
N PHE B 336 10.84 9.63 -1.86
CA PHE B 336 11.92 8.74 -2.16
C PHE B 336 12.61 9.13 -3.41
N MET B 337 12.54 10.42 -3.72
CA MET B 337 13.12 10.92 -4.98
C MET B 337 14.66 10.97 -4.97
N HIS B 338 15.23 11.10 -3.78
CA HIS B 338 16.68 10.97 -3.60
C HIS B 338 17.24 9.63 -4.02
N VAL B 339 16.43 8.59 -3.94
CA VAL B 339 16.92 7.24 -4.16
C VAL B 339 17.54 7.00 -5.54
N PRO B 340 16.77 7.16 -6.62
CA PRO B 340 17.34 6.98 -7.94
C PRO B 340 18.50 7.94 -8.24
N GLU B 341 18.62 9.06 -7.53
CA GLU B 341 19.72 9.99 -7.76
C GLU B 341 20.97 9.47 -7.06
N LEU B 342 20.79 8.95 -5.85
CA LEU B 342 21.88 8.26 -5.16
C LEU B 342 22.31 6.99 -5.93
N LYS B 343 21.37 6.37 -6.64
CA LYS B 343 21.73 5.18 -7.43
C LYS B 343 22.77 5.57 -8.47
N ARG B 344 22.65 6.77 -9.01
CA ARG B 344 23.61 7.26 -9.99
C ARG B 344 25.02 7.24 -9.41
N MET B 345 25.12 7.48 -8.10
CA MET B 345 26.38 7.47 -7.40
C MET B 345 26.83 6.07 -6.94
N GLY B 346 26.17 5.01 -7.42
CA GLY B 346 26.51 3.66 -7.05
C GLY B 346 25.83 3.19 -5.76
N ALA B 347 24.74 3.85 -5.35
CA ALA B 347 24.01 3.41 -4.15
C ALA B 347 23.11 2.24 -4.50
N LYS B 348 22.80 1.42 -3.51
CA LYS B 348 21.99 0.22 -3.74
C LYS B 348 20.81 0.12 -2.81
N ALA B 349 19.62 -0.03 -3.42
CA ALA B 349 18.37 -0.03 -2.72
C ALA B 349 17.17 -0.33 -3.62
N GLU B 350 16.10 -0.86 -3.04
CA GLU B 350 14.84 -1.02 -3.76
C GLU B 350 13.69 -0.45 -2.96
N ILE B 351 12.60 -0.17 -3.65
CA ILE B 351 11.45 0.52 -3.07
C ILE B 351 10.26 -0.30 -3.32
N GLU B 352 9.42 -0.46 -2.32
CA GLU B 352 8.10 -1.02 -2.53
C GLU B 352 7.12 -0.26 -1.67
N GLY B 353 6.22 0.45 -2.33
CA GLY B 353 5.18 1.19 -1.66
C GLY B 353 5.89 2.17 -0.80
N ASN B 354 5.53 2.18 0.48
CA ASN B 354 6.04 3.16 1.45
C ASN B 354 7.38 2.78 2.12
N THR B 355 8.11 1.90 1.48
CA THR B 355 9.29 1.35 2.11
C THR B 355 10.44 1.18 1.18
N VAL B 356 11.61 1.63 1.64
CA VAL B 356 12.89 1.42 0.93
C VAL B 356 13.63 0.35 1.62
N ILE B 357 14.15 -0.55 0.83
CA ILE B 357 14.97 -1.60 1.35
C ILE B 357 16.38 -1.35 0.89
N CYS B 358 17.26 -0.98 1.82
CA CYS B 358 18.59 -0.54 1.47
C CYS B 358 19.59 -1.65 1.42
N GLY B 359 20.46 -1.59 0.44
CA GLY B 359 21.66 -2.42 0.44
C GLY B 359 22.84 -1.77 1.13
N ASP B 360 24.02 -2.32 0.83
CA ASP B 360 25.26 -1.96 1.52
C ASP B 360 26.29 -1.57 0.49
N VAL B 361 26.91 -0.42 0.67
CA VAL B 361 27.98 0.01 -0.20
C VAL B 361 29.12 0.60 0.63
N ASP B 362 30.37 0.29 0.25
CA ASP B 362 31.50 0.84 0.97
C ASP B 362 31.78 2.27 0.58
N ARG B 363 31.81 2.57 -0.71
CA ARG B 363 31.98 3.97 -1.09
C ARG B 363 31.23 4.37 -2.37
N LEU B 364 30.63 5.55 -2.33
CA LEU B 364 29.91 6.06 -3.47
C LEU B 364 30.84 6.62 -4.55
N SER B 365 30.29 6.75 -5.74
CA SER B 365 31.03 7.24 -6.87
C SER B 365 30.45 8.62 -7.28
N GLY B 366 31.32 9.62 -7.43
CA GLY B 366 30.90 10.92 -7.89
C GLY B 366 30.11 10.87 -9.20
N ALA B 367 29.04 11.66 -9.26
CA ALA B 367 28.34 11.84 -10.50
C ALA B 367 27.51 13.10 -10.49
N GLN B 368 26.93 13.43 -11.64
CA GLN B 368 25.98 14.56 -11.72
C GLN B 368 24.55 14.17 -11.28
N VAL B 369 24.01 14.90 -10.29
CA VAL B 369 22.73 14.55 -9.68
C VAL B 369 21.81 15.75 -9.49
N MET B 370 20.52 15.46 -9.32
CA MET B 370 19.50 16.48 -9.27
C MET B 370 18.75 16.52 -7.95
N ALA B 371 18.80 17.68 -7.33
CA ALA B 371 18.01 17.91 -6.15
C ALA B 371 16.52 18.14 -6.55
N THR B 372 15.61 17.60 -5.76
CA THR B 372 14.20 17.62 -6.06
C THR B 372 13.40 18.22 -4.92
N ASP B 373 13.99 18.24 -3.71
CA ASP B 373 13.39 18.83 -2.54
C ASP B 373 14.43 19.10 -1.47
N LEU B 374 14.03 19.90 -0.49
CA LEU B 374 14.89 20.39 0.61
C LEU B 374 15.81 19.32 1.30
N ARG B 375 15.22 18.24 1.76
CA ARG B 375 15.96 17.29 2.57
C ARG B 375 16.76 16.33 1.72
N ALA B 376 16.26 16.03 0.52
CA ALA B 376 16.97 15.20 -0.44
C ALA B 376 18.18 15.94 -0.90
N SER B 377 17.99 17.20 -1.15
CA SER B 377 19.06 18.04 -1.55
C SER B 377 20.27 17.92 -0.62
N ALA B 378 20.01 17.96 0.69
CA ALA B 378 21.07 17.95 1.67
C ALA B 378 21.73 16.58 1.76
N SER B 379 20.93 15.52 1.60
CA SER B 379 21.42 14.15 1.63
C SER B 379 22.34 13.96 0.42
N LEU B 380 22.02 14.56 -0.71
CA LEU B 380 22.90 14.48 -1.90
C LEU B 380 24.22 15.20 -1.74
N VAL B 381 24.20 16.28 -0.99
CA VAL B 381 25.44 17.02 -0.78
C VAL B 381 26.38 16.23 0.15
N ILE B 382 25.78 15.67 1.20
CA ILE B 382 26.53 14.85 2.12
C ILE B 382 27.11 13.65 1.38
N ALA B 383 26.30 13.04 0.52
CA ALA B 383 26.80 11.92 -0.31
C ALA B 383 27.97 12.39 -1.17
N GLY B 384 27.91 13.63 -1.64
CA GLY B 384 29.00 14.21 -2.39
C GLY B 384 30.28 14.31 -1.59
N CYS B 385 30.20 14.58 -0.29
CA CYS B 385 31.38 14.77 0.54
C CYS B 385 32.11 13.47 0.80
N ILE B 386 31.37 12.37 0.88
CA ILE B 386 31.97 11.05 1.14
C ILE B 386 32.23 10.20 -0.14
N ALA B 387 31.60 10.53 -1.25
CA ALA B 387 31.85 9.79 -2.49
C ALA B 387 33.33 9.87 -2.96
N LYS B 388 33.71 8.99 -3.89
CA LYS B 388 34.99 9.11 -4.58
C LYS B 388 34.79 9.88 -5.87
N GLY B 389 35.40 11.06 -5.95
CA GLY B 389 35.40 11.85 -7.17
C GLY B 389 34.62 13.15 -7.05
N GLU B 390 34.10 13.63 -8.19
CA GLU B 390 33.43 14.92 -8.28
C GLU B 390 31.95 14.69 -8.43
N THR B 391 31.17 15.37 -7.60
CA THR B 391 29.72 15.33 -7.65
C THR B 391 29.19 16.72 -7.96
N ILE B 392 28.32 16.80 -8.96
CA ILE B 392 27.53 18.00 -9.24
C ILE B 392 26.08 17.81 -8.79
N VAL B 393 25.65 18.59 -7.82
CA VAL B 393 24.25 18.65 -7.43
C VAL B 393 23.55 19.85 -8.11
N ASP B 394 22.67 19.58 -9.06
CA ASP B 394 21.91 20.62 -9.74
C ASP B 394 20.68 21.06 -8.93
N ARG B 395 20.14 22.23 -9.32
CA ARG B 395 18.98 22.80 -8.70
C ARG B 395 19.14 23.00 -7.20
N ILE B 396 20.30 23.44 -6.77
CA ILE B 396 20.63 23.56 -5.37
C ILE B 396 19.90 24.67 -4.60
N TYR B 397 19.07 25.46 -5.26
CA TYR B 397 18.30 26.49 -4.54
C TYR B 397 17.42 25.87 -3.47
N HIS B 398 16.96 24.65 -3.75
CA HIS B 398 16.17 23.88 -2.80
C HIS B 398 16.76 23.92 -1.39
N ILE B 399 18.08 23.84 -1.31
CA ILE B 399 18.76 23.73 -0.04
C ILE B 399 18.73 25.03 0.75
N ASP B 400 18.76 26.16 0.05
CA ASP B 400 18.68 27.46 0.70
C ASP B 400 17.29 27.73 1.23
N ARG B 401 16.32 26.89 0.87
CA ARG B 401 14.97 27.04 1.42
C ARG B 401 14.91 26.64 2.89
N GLY B 402 15.95 26.03 3.39
CA GLY B 402 15.91 25.53 4.74
C GLY B 402 17.23 25.45 5.50
N TYR B 403 18.36 25.55 4.81
CA TYR B 403 19.66 25.49 5.50
C TYR B 403 20.36 26.79 5.21
N GLU B 404 20.79 27.47 6.26
CA GLU B 404 21.52 28.69 6.11
C GLU B 404 22.99 28.45 5.76
N ARG B 405 23.38 28.77 4.53
CA ARG B 405 24.80 28.83 4.13
C ARG B 405 25.48 27.53 4.46
N ILE B 406 24.94 26.48 3.86
CA ILE B 406 25.30 25.14 4.26
C ILE B 406 26.67 24.77 3.72
N GLU B 407 27.06 25.37 2.59
CA GLU B 407 28.38 25.10 2.05
C GLU B 407 29.44 25.69 2.95
N ASP B 408 29.09 26.74 3.69
CA ASP B 408 30.02 27.34 4.64
C ASP B 408 30.08 26.48 5.88
N LYS B 409 28.93 26.06 6.39
CA LYS B 409 28.89 25.22 7.59
C LYS B 409 29.65 23.89 7.39
N LEU B 410 29.55 23.34 6.18
CA LEU B 410 30.21 22.08 5.84
C LEU B 410 31.70 22.20 5.55
N SER B 411 32.12 23.33 4.99
CA SER B 411 33.55 23.55 4.75
C SER B 411 34.28 23.65 6.08
N ALA B 412 33.60 24.19 7.09
CA ALA B 412 34.20 24.36 8.42
C ALA B 412 34.39 23.03 9.09
N LEU B 413 33.86 21.98 8.46
CA LEU B 413 34.02 20.61 8.93
C LEU B 413 34.96 19.77 8.08
N GLY B 414 35.58 20.38 7.08
CA GLY B 414 36.50 19.67 6.21
C GLY B 414 36.08 19.64 4.76
N ALA B 415 34.79 19.73 4.49
CA ALA B 415 34.29 19.52 3.12
C ALA B 415 34.86 20.43 2.06
N ASN B 416 34.79 19.93 0.83
CA ASN B 416 35.20 20.68 -0.33
C ASN B 416 33.98 20.93 -1.22
N ILE B 417 33.30 22.04 -0.99
CA ILE B 417 32.10 22.40 -1.75
C ILE B 417 32.24 23.77 -2.39
N GLU B 418 31.70 23.89 -3.60
CA GLU B 418 31.75 25.10 -4.38
C GLU B 418 30.40 25.40 -5.00
N ARG B 419 29.89 26.58 -4.71
CA ARG B 419 28.69 27.08 -5.36
C ARG B 419 29.05 27.78 -6.67
N PHE B 420 28.44 27.37 -7.78
CA PHE B 420 28.66 27.97 -9.08
C PHE B 420 27.40 27.92 -9.99
N ARG B 421 27.49 28.52 -11.18
CA ARG B 421 26.32 28.76 -12.04
C ARG B 421 26.25 27.82 -13.26
N MET C 4 -20.73 -25.67 18.80
CA MET C 4 -20.37 -24.29 18.32
C MET C 4 -21.63 -23.35 18.31
N GLU C 5 -21.58 -22.29 19.13
CA GLU C 5 -22.73 -21.41 19.33
C GLU C 5 -22.89 -20.41 18.21
N LYS C 6 -24.15 -20.04 17.94
CA LYS C 6 -24.51 -19.04 16.96
C LYS C 6 -25.55 -18.09 17.56
N PHE C 7 -25.81 -16.98 16.87
CA PHE C 7 -27.00 -16.18 17.13
C PHE C 7 -27.96 -16.30 15.96
N ARG C 8 -29.25 -16.39 16.27
CA ARG C 8 -30.29 -16.19 15.28
C ARG C 8 -30.86 -14.83 15.57
N VAL C 9 -30.59 -13.87 14.70
CA VAL C 9 -31.12 -12.51 14.80
C VAL C 9 -32.25 -12.27 13.82
N ILE C 10 -33.36 -11.72 14.32
CA ILE C 10 -34.48 -11.31 13.47
C ILE C 10 -34.59 -9.78 13.42
N GLY C 11 -34.44 -9.26 12.21
CA GLY C 11 -34.28 -7.84 12.03
C GLY C 11 -35.61 -7.11 12.00
N SER C 12 -35.49 -5.79 12.15
CA SER C 12 -36.62 -4.89 12.25
C SER C 12 -36.16 -3.46 11.94
N THR C 13 -37.11 -2.66 11.48
CA THR C 13 -36.94 -1.22 11.24
C THR C 13 -37.17 -0.42 12.49
N GLN C 14 -37.79 -1.04 13.49
CA GLN C 14 -37.97 -0.36 14.79
C GLN C 14 -36.61 0.05 15.35
N PRO C 15 -36.45 1.31 15.70
CA PRO C 15 -35.16 1.71 16.25
C PRO C 15 -34.84 1.06 17.59
N LEU C 16 -33.57 0.79 17.84
CA LEU C 16 -33.17 0.30 19.15
C LEU C 16 -33.17 1.49 20.11
N GLN C 17 -33.81 1.30 21.24
CA GLN C 17 -34.07 2.37 22.19
C GLN C 17 -33.90 1.86 23.62
N GLY C 18 -33.38 2.70 24.50
CA GLY C 18 -33.33 2.40 25.90
C GLY C 18 -31.99 2.73 26.54
N GLU C 19 -31.65 1.92 27.54
CA GLU C 19 -30.45 2.11 28.33
C GLU C 19 -29.52 0.94 28.22
N VAL C 20 -28.26 1.19 28.51
CA VAL C 20 -27.29 0.13 28.60
C VAL C 20 -26.22 0.57 29.56
N THR C 21 -25.77 -0.37 30.39
CA THR C 21 -24.80 -0.08 31.41
C THR C 21 -23.50 -0.60 30.88
N ILE C 22 -22.56 0.30 30.70
CA ILE C 22 -21.25 -0.06 30.20
C ILE C 22 -20.46 -0.73 31.30
N SER C 23 -19.83 -1.84 30.91
CA SER C 23 -18.91 -2.55 31.79
C SER C 23 -17.51 -1.94 31.76
N GLY C 24 -16.65 -2.49 32.60
CA GLY C 24 -15.25 -2.11 32.65
C GLY C 24 -14.57 -2.55 31.39
N ALA C 25 -13.55 -1.81 30.99
CA ALA C 25 -12.82 -2.10 29.79
C ALA C 25 -12.10 -3.45 29.89
N LYS C 26 -12.37 -4.35 28.94
CA LYS C 26 -11.58 -5.57 28.76
C LYS C 26 -10.10 -5.26 28.68
N ASN C 27 -9.77 -4.28 27.87
CA ASN C 27 -8.41 -3.94 27.60
C ASN C 27 -7.72 -3.17 28.70
N ALA C 28 -8.44 -2.86 29.76
CA ALA C 28 -7.85 -2.36 30.97
C ALA C 28 -7.77 -3.50 31.98
N ALA C 29 -8.85 -4.28 32.08
CA ALA C 29 -8.89 -5.43 32.95
C ALA C 29 -7.70 -6.35 32.73
N LEU C 30 -7.42 -6.69 31.47
CA LEU C 30 -6.37 -7.62 31.14
C LEU C 30 -4.97 -7.18 31.61
N PRO C 31 -4.47 -5.99 31.16
CA PRO C 31 -3.15 -5.58 31.60
C PRO C 31 -3.05 -5.52 33.14
N ILE C 32 -4.10 -5.07 33.80
CA ILE C 32 -4.08 -4.94 35.24
C ILE C 32 -3.97 -6.28 35.95
N LEU C 33 -4.67 -7.29 35.44
CA LEU C 33 -4.53 -8.63 35.99
C LEU C 33 -3.15 -9.23 35.73
N PHE C 34 -2.58 -8.99 34.57
CA PHE C 34 -1.21 -9.46 34.29
C PHE C 34 -0.24 -8.66 35.13
N ALA C 35 -0.62 -7.42 35.40
CA ALA C 35 0.21 -6.52 36.16
C ALA C 35 0.28 -6.94 37.62
N SER C 36 -0.79 -7.55 38.12
CA SER C 36 -0.84 -7.94 39.53
C SER C 36 0.18 -9.04 39.88
N ILE C 37 0.83 -9.63 38.88
CA ILE C 37 1.91 -10.56 39.12
C ILE C 37 3.03 -9.92 39.91
N LEU C 38 3.15 -8.61 39.76
CA LEU C 38 4.14 -7.86 40.49
C LEU C 38 3.82 -7.77 41.99
N ALA C 39 2.57 -8.05 42.38
CA ALA C 39 2.11 -7.69 43.71
C ALA C 39 2.38 -8.83 44.62
N GLU C 40 2.94 -8.49 45.77
CA GLU C 40 3.30 -9.49 46.75
C GLU C 40 2.07 -9.89 47.59
N GLU C 41 0.99 -9.14 47.50
CA GLU C 41 -0.16 -9.42 48.34
C GLU C 41 -1.48 -9.20 47.64
N PRO C 42 -2.58 -9.62 48.30
CA PRO C 42 -3.89 -9.59 47.71
C PRO C 42 -4.28 -8.31 47.06
N VAL C 43 -4.95 -8.48 45.94
CA VAL C 43 -5.41 -7.41 45.11
C VAL C 43 -6.84 -7.73 44.72
N GLU C 44 -7.67 -6.68 44.71
CA GLU C 44 -9.07 -6.78 44.28
C GLU C 44 -9.30 -5.77 43.15
N VAL C 45 -9.76 -6.26 42.01
CA VAL C 45 -10.00 -5.45 40.81
C VAL C 45 -11.49 -5.42 40.59
N ALA C 46 -12.10 -4.28 40.85
CA ALA C 46 -13.55 -4.11 40.71
C ALA C 46 -13.93 -3.76 39.27
N ASN C 47 -15.23 -3.85 38.99
CA ASN C 47 -15.79 -3.45 37.71
C ASN C 47 -15.21 -4.21 36.54
N VAL C 48 -15.02 -5.51 36.71
CA VAL C 48 -14.42 -6.35 35.69
C VAL C 48 -15.55 -7.10 34.97
N PRO C 49 -15.59 -7.03 33.64
CA PRO C 49 -16.63 -7.74 32.94
C PRO C 49 -16.40 -9.23 32.93
N HIS C 50 -17.47 -9.99 32.72
CA HIS C 50 -17.39 -11.45 32.63
C HIS C 50 -17.15 -11.81 31.17
N LEU C 51 -15.95 -12.23 30.85
CA LEU C 51 -15.55 -12.52 29.49
C LEU C 51 -14.66 -13.74 29.41
N ARG C 52 -14.56 -14.31 28.21
CA ARG C 52 -13.76 -15.50 28.00
C ARG C 52 -12.29 -15.22 28.21
N ASP C 53 -11.87 -14.07 27.72
CA ASP C 53 -10.50 -13.64 27.86
C ASP C 53 -10.09 -13.41 29.32
N ILE C 54 -11.03 -13.04 30.17
CA ILE C 54 -10.75 -12.92 31.59
C ILE C 54 -10.69 -14.26 32.27
N ASP C 55 -11.47 -15.20 31.78
CA ASP C 55 -11.39 -16.55 32.33
C ASP C 55 -10.02 -17.14 31.97
N THR C 56 -9.53 -16.83 30.77
CA THR C 56 -8.26 -17.33 30.30
C THR C 56 -7.14 -16.71 31.09
N THR C 57 -7.28 -15.46 31.43
CA THR C 57 -6.25 -14.77 32.21
C THR C 57 -6.19 -15.36 33.63
N MET C 58 -7.35 -15.60 34.23
CA MET C 58 -7.43 -16.20 35.57
C MET C 58 -6.82 -17.60 35.62
N GLU C 59 -6.98 -18.39 34.57
CA GLU C 59 -6.38 -19.72 34.56
C GLU C 59 -4.86 -19.62 34.42
N LEU C 60 -4.42 -18.63 33.65
CA LEU C 60 -3.02 -18.43 33.38
C LEU C 60 -2.34 -18.01 34.68
N LEU C 61 -3.04 -17.19 35.45
CA LEU C 61 -2.55 -16.77 36.74
C LEU C 61 -2.52 -17.97 37.72
N GLU C 62 -3.58 -18.76 37.74
CA GLU C 62 -3.59 -19.97 38.55
C GLU C 62 -2.37 -20.87 38.26
N ARG C 63 -2.04 -21.03 36.98
CA ARG C 63 -0.99 -21.92 36.54
C ARG C 63 0.42 -21.41 36.84
N LEU C 64 0.51 -20.16 37.28
CA LEU C 64 1.72 -19.62 37.81
C LEU C 64 1.84 -19.81 39.33
N GLY C 65 0.70 -20.01 39.98
CA GLY C 65 0.67 -20.26 41.42
C GLY C 65 -0.07 -19.19 42.18
N ALA C 66 -0.68 -18.27 41.46
CA ALA C 66 -1.51 -17.26 42.08
C ALA C 66 -2.82 -17.90 42.48
N LYS C 67 -3.44 -17.31 43.49
CA LYS C 67 -4.75 -17.73 43.98
C LYS C 67 -5.80 -16.69 43.60
N VAL C 68 -6.87 -17.17 42.96
CA VAL C 68 -7.74 -16.32 42.16
C VAL C 68 -9.20 -16.69 42.36
N GLU C 69 -10.03 -15.68 42.63
CA GLU C 69 -11.50 -15.85 42.74
C GLU C 69 -12.17 -14.70 42.00
N ARG C 70 -13.45 -14.83 41.66
CA ARG C 70 -14.22 -13.64 41.18
C ARG C 70 -15.71 -13.71 41.38
N ASN C 71 -16.33 -12.51 41.43
CA ASN C 71 -17.60 -12.24 40.70
C ASN C 71 -17.83 -10.79 40.12
N GLY C 72 -18.22 -9.81 40.93
CA GLY C 72 -18.20 -8.39 40.44
C GLY C 72 -16.74 -7.94 40.24
N SER C 73 -15.92 -8.22 41.24
CA SER C 73 -14.49 -8.05 41.20
C SER C 73 -13.78 -9.38 40.96
N VAL C 74 -12.50 -9.27 40.65
CA VAL C 74 -11.60 -10.41 40.61
C VAL C 74 -10.58 -10.24 41.71
N HIS C 75 -10.48 -11.22 42.60
CA HIS C 75 -9.45 -11.22 43.63
C HIS C 75 -8.27 -12.05 43.20
N VAL C 76 -7.09 -11.56 43.52
CA VAL C 76 -5.84 -12.15 43.07
C VAL C 76 -4.79 -12.02 44.14
N ASP C 77 -4.27 -13.18 44.55
CA ASP C 77 -3.08 -13.24 45.39
C ASP C 77 -1.89 -13.82 44.61
N ALA C 78 -0.99 -12.92 44.24
CA ALA C 78 0.16 -13.27 43.42
C ALA C 78 1.40 -13.52 44.26
N GLY C 79 1.27 -13.35 45.56
CA GLY C 79 2.32 -13.64 46.53
C GLY C 79 3.01 -14.98 46.33
N PRO C 80 2.23 -16.07 46.34
CA PRO C 80 2.84 -17.42 46.35
C PRO C 80 3.17 -17.97 44.99
N ILE C 81 3.41 -17.13 44.00
CA ILE C 81 3.71 -17.62 42.65
C ILE C 81 5.06 -18.33 42.64
N ASN C 82 5.08 -19.48 41.96
CA ASN C 82 6.18 -20.45 42.00
C ASN C 82 6.52 -21.09 40.67
N GLN C 83 5.76 -20.74 39.64
CA GLN C 83 6.05 -21.13 38.27
C GLN C 83 6.02 -19.90 37.38
N TYR C 84 6.67 -20.00 36.23
CA TYR C 84 6.98 -18.83 35.44
C TYR C 84 6.78 -19.06 33.95
N CYS C 85 5.81 -19.89 33.59
CA CYS C 85 5.55 -20.23 32.18
C CYS C 85 4.10 -19.95 31.78
N ALA C 86 3.94 -19.21 30.70
CA ALA C 86 2.67 -19.17 29.95
C ALA C 86 2.67 -20.20 28.81
N PRO C 87 1.93 -21.31 28.97
CA PRO C 87 2.04 -22.43 28.04
C PRO C 87 1.35 -22.15 26.70
N TYR C 88 1.82 -22.83 25.64
CA TYR C 88 1.23 -22.75 24.33
C TYR C 88 -0.29 -22.87 24.34
N ASP C 89 -0.82 -23.81 25.10
CA ASP C 89 -2.25 -24.09 25.08
C ASP C 89 -3.10 -22.90 25.49
N LEU C 90 -2.53 -21.99 26.29
CA LEU C 90 -3.21 -20.73 26.66
C LEU C 90 -2.91 -19.58 25.73
N VAL C 91 -1.68 -19.48 25.22
CA VAL C 91 -1.32 -18.34 24.38
C VAL C 91 -2.01 -18.42 23.04
N LYS C 92 -2.15 -19.64 22.51
CA LYS C 92 -2.83 -19.86 21.25
C LYS C 92 -4.24 -19.37 21.36
N THR C 93 -4.75 -19.30 22.59
CA THR C 93 -6.13 -18.84 22.88
C THR C 93 -6.24 -17.33 23.00
N MET C 94 -5.20 -16.69 23.45
CA MET C 94 -5.27 -15.29 23.79
C MET C 94 -3.88 -14.68 23.83
N ARG C 95 -3.60 -13.81 22.88
CA ARG C 95 -2.23 -13.36 22.69
C ARG C 95 -1.80 -12.31 23.70
N ALA C 96 -2.76 -11.70 24.38
CA ALA C 96 -2.41 -10.78 25.46
C ALA C 96 -1.61 -11.46 26.57
N SER C 97 -1.59 -12.80 26.57
CA SER C 97 -0.77 -13.57 27.48
C SER C 97 0.70 -13.15 27.44
N ILE C 98 1.14 -12.52 26.36
CA ILE C 98 2.51 -11.97 26.31
C ILE C 98 2.82 -11.01 27.47
N TRP C 99 1.79 -10.33 27.98
CA TRP C 99 1.98 -9.39 29.09
C TRP C 99 2.49 -10.05 30.37
N ALA C 100 2.46 -11.38 30.41
CA ALA C 100 2.97 -12.10 31.55
C ALA C 100 4.50 -12.08 31.59
N LEU C 101 5.15 -11.68 30.49
CA LEU C 101 6.61 -11.84 30.41
C LEU C 101 7.37 -10.88 31.32
N GLY C 102 6.89 -9.66 31.36
CA GLY C 102 7.64 -8.59 31.99
C GLY C 102 7.50 -8.60 33.47
N PRO C 103 6.27 -8.77 33.98
CA PRO C 103 6.12 -8.87 35.41
C PRO C 103 6.93 -10.01 35.98
N LEU C 104 6.90 -11.15 35.31
CA LEU C 104 7.57 -12.36 35.81
C LEU C 104 9.10 -12.19 35.86
N VAL C 105 9.67 -11.74 34.74
CA VAL C 105 11.08 -11.47 34.73
C VAL C 105 11.49 -10.37 35.71
N ALA C 106 10.58 -9.43 35.97
CA ALA C 106 10.91 -8.27 36.78
C ALA C 106 10.88 -8.65 38.22
N ARG C 107 9.87 -9.46 38.60
CA ARG C 107 9.74 -9.86 40.00
C ARG C 107 10.61 -11.09 40.37
N PHE C 108 10.76 -12.02 39.45
CA PHE C 108 11.46 -13.28 39.68
C PHE C 108 12.78 -13.47 38.95
N GLY C 109 13.17 -12.53 38.07
CA GLY C 109 14.39 -12.70 37.30
C GLY C 109 14.27 -13.73 36.16
N GLN C 110 13.04 -14.11 35.82
CA GLN C 110 12.83 -15.19 34.85
C GLN C 110 11.36 -15.26 34.37
N GLY C 111 11.17 -15.66 33.12
CA GLY C 111 9.83 -15.78 32.51
C GLY C 111 9.90 -16.49 31.15
N GLN C 112 8.96 -17.40 30.90
CA GLN C 112 8.81 -18.02 29.59
C GLN C 112 7.37 -17.87 29.11
N VAL C 113 7.19 -17.51 27.85
CA VAL C 113 5.87 -17.28 27.30
C VAL C 113 5.87 -17.70 25.82
N SER C 114 4.92 -18.52 25.41
CA SER C 114 4.88 -19.01 24.04
C SER C 114 4.70 -17.84 23.08
N LEU C 115 5.50 -17.81 22.01
CA LEU C 115 5.53 -16.73 21.00
C LEU C 115 4.25 -16.77 20.24
N PRO C 116 3.41 -15.76 20.34
CA PRO C 116 2.13 -15.82 19.62
C PRO C 116 2.26 -16.09 18.12
N GLY C 117 1.34 -16.93 17.64
CA GLY C 117 1.22 -17.20 16.23
C GLY C 117 0.58 -16.04 15.47
N GLY C 118 0.11 -16.36 14.27
CA GLY C 118 -0.64 -15.41 13.49
C GLY C 118 -2.00 -15.09 14.12
N CYS C 119 -2.40 -13.84 13.98
CA CYS C 119 -3.76 -13.43 14.36
C CYS C 119 -4.51 -13.26 13.07
N ALA C 120 -5.81 -13.54 13.14
CA ALA C 120 -6.74 -13.22 12.04
C ALA C 120 -6.53 -11.82 11.34
N ILE C 121 -6.45 -10.77 12.16
CA ILE C 121 -6.37 -9.37 11.69
C ILE C 121 -4.99 -8.78 11.33
N GLY C 122 -3.92 -9.56 11.46
CA GLY C 122 -2.54 -9.07 11.15
C GLY C 122 -1.50 -10.01 11.75
N ALA C 123 -0.24 -9.90 11.33
CA ALA C 123 0.83 -10.75 11.86
C ALA C 123 1.15 -10.49 13.33
N ARG C 124 1.12 -9.22 13.74
CA ARG C 124 1.14 -8.80 15.13
C ARG C 124 2.37 -9.28 15.89
N PRO C 125 3.57 -8.96 15.37
CA PRO C 125 4.79 -9.33 16.06
C PRO C 125 4.95 -8.61 17.42
N VAL C 126 5.88 -9.14 18.22
CA VAL C 126 6.03 -8.68 19.59
C VAL C 126 7.44 -8.20 19.83
N ASP C 127 8.14 -7.89 18.73
CA ASP C 127 9.57 -7.49 18.75
C ASP C 127 9.80 -6.30 19.64
N LEU C 128 8.81 -5.42 19.78
CA LEU C 128 8.96 -4.24 20.65
C LEU C 128 8.90 -4.59 22.12
N HIS C 129 8.23 -5.67 22.48
CA HIS C 129 8.11 -6.05 23.88
C HIS C 129 9.49 -6.56 24.27
N ILE C 130 10.02 -7.40 23.40
CA ILE C 130 11.28 -8.06 23.61
C ILE C 130 12.43 -7.06 23.71
N HIS C 131 12.52 -6.22 22.70
CA HIS C 131 13.53 -5.20 22.68
C HIS C 131 13.43 -4.26 23.85
N GLY C 132 12.22 -3.98 24.29
CA GLY C 132 12.04 -3.07 25.42
C GLY C 132 12.56 -3.69 26.70
N LEU C 133 12.40 -5.02 26.81
CA LEU C 133 12.83 -5.76 27.98
C LEU C 133 14.30 -6.02 27.97
N GLU C 134 14.87 -6.22 26.77
CA GLU C 134 16.33 -6.36 26.59
C GLU C 134 16.98 -5.08 27.09
N GLN C 135 16.42 -3.94 26.72
CA GLN C 135 16.98 -2.65 27.14
C GLN C 135 16.81 -2.35 28.65
N LEU C 136 15.95 -3.09 29.35
CA LEU C 136 15.90 -3.01 30.79
C LEU C 136 16.89 -3.96 31.46
N GLY C 137 17.67 -4.69 30.65
CA GLY C 137 18.76 -5.52 31.16
C GLY C 137 18.47 -7.01 31.07
N ALA C 138 17.38 -7.42 30.39
CA ALA C 138 17.05 -8.87 30.30
C ALA C 138 17.73 -9.57 29.12
N THR C 139 17.92 -10.88 29.21
CA THR C 139 18.47 -11.67 28.11
C THR C 139 17.32 -12.54 27.60
N ILE C 140 17.10 -12.57 26.30
CA ILE C 140 15.92 -13.18 25.74
C ILE C 140 16.21 -13.99 24.52
N THR C 141 15.60 -15.17 24.46
CA THR C 141 15.90 -16.18 23.46
C THR C 141 14.61 -16.81 23.05
N LEU C 142 14.60 -17.41 21.88
CA LEU C 142 13.46 -18.16 21.40
C LEU C 142 13.91 -19.63 21.33
N GLU C 143 13.21 -20.45 22.08
CA GLU C 143 13.63 -21.82 22.22
C GLU C 143 12.40 -22.67 22.11
N ASP C 144 12.26 -23.40 20.99
CA ASP C 144 11.14 -24.35 20.83
C ASP C 144 9.77 -23.67 20.93
N GLY C 145 9.67 -22.45 20.38
CA GLY C 145 8.41 -21.71 20.36
C GLY C 145 8.16 -20.84 21.56
N TYR C 146 9.09 -20.80 22.52
CA TYR C 146 8.91 -20.05 23.78
C TYR C 146 9.87 -18.89 23.86
N VAL C 147 9.31 -17.72 24.19
CA VAL C 147 10.09 -16.55 24.52
C VAL C 147 10.64 -16.67 25.93
N LYS C 148 11.92 -17.01 26.07
CA LYS C 148 12.55 -17.28 27.39
C LYS C 148 13.37 -16.07 27.80
N ALA C 149 12.93 -15.41 28.83
CA ALA C 149 13.57 -14.20 29.34
C ALA C 149 14.16 -14.43 30.71
N HIS C 150 15.41 -14.01 30.93
CA HIS C 150 15.96 -14.02 32.29
C HIS C 150 16.87 -12.84 32.58
N VAL C 151 16.98 -12.52 33.86
CA VAL C 151 17.92 -11.55 34.34
C VAL C 151 18.54 -11.95 35.68
N ASP C 152 19.87 -11.88 35.73
CA ASP C 152 20.62 -12.02 36.96
C ASP C 152 20.39 -10.79 37.85
N GLY C 153 19.43 -10.85 38.76
CA GLY C 153 19.12 -9.74 39.67
C GLY C 153 17.93 -8.90 39.21
N ARG C 154 17.91 -7.64 39.67
CA ARG C 154 16.90 -6.66 39.28
C ARG C 154 17.24 -6.06 37.92
N LEU C 155 16.16 -5.66 37.21
CA LEU C 155 16.24 -4.97 35.93
C LEU C 155 16.76 -3.57 36.21
N GLN C 156 17.34 -2.97 35.18
CA GLN C 156 17.97 -1.67 35.30
C GLN C 156 17.18 -0.69 34.43
N GLY C 157 16.74 0.38 35.07
CA GLY C 157 16.16 1.47 34.37
C GLY C 157 17.05 2.02 33.28
N ALA C 158 16.39 2.55 32.27
CA ALA C 158 17.04 2.92 31.03
C ALA C 158 16.16 3.99 30.37
N HIS C 159 16.77 4.80 29.51
CA HIS C 159 16.01 5.70 28.66
C HIS C 159 15.63 4.96 27.37
N ILE C 160 14.33 4.72 27.16
CA ILE C 160 13.90 3.94 26.00
C ILE C 160 13.03 4.76 25.07
N VAL C 161 13.42 4.81 23.81
CA VAL C 161 12.61 5.48 22.82
C VAL C 161 11.96 4.43 21.90
N MET C 162 10.63 4.36 21.96
CA MET C 162 9.89 3.42 21.16
C MET C 162 10.03 3.72 19.65
N ASP C 163 10.34 2.69 18.88
CA ASP C 163 10.37 2.81 17.42
C ASP C 163 8.99 3.02 16.77
N LYS C 164 7.95 2.49 17.38
CA LYS C 164 6.57 2.69 16.93
C LYS C 164 5.70 2.88 18.15
N VAL C 165 4.48 3.38 17.95
CA VAL C 165 3.48 3.45 19.03
C VAL C 165 2.83 2.07 19.14
N SER C 166 2.96 1.45 20.30
CA SER C 166 2.33 0.14 20.60
C SER C 166 1.68 0.18 21.98
N VAL C 167 0.41 -0.17 22.04
CA VAL C 167 -0.30 -0.22 23.30
C VAL C 167 0.34 -1.29 24.20
N GLY C 168 0.42 -2.51 23.65
CA GLY C 168 0.97 -3.65 24.36
C GLY C 168 2.38 -3.48 24.89
N ALA C 169 3.28 -2.97 24.02
CA ALA C 169 4.68 -2.86 24.38
C ALA C 169 4.87 -1.78 25.45
N THR C 170 4.09 -0.71 25.34
CA THR C 170 4.23 0.36 26.31
C THR C 170 3.96 -0.17 27.73
N ILE C 171 2.95 -1.03 27.81
CA ILE C 171 2.54 -1.64 29.07
C ILE C 171 3.59 -2.62 29.62
N THR C 172 4.10 -3.47 28.74
CA THR C 172 5.19 -4.37 29.12
C THR C 172 6.31 -3.61 29.81
N ILE C 173 6.79 -2.58 29.14
CA ILE C 173 7.98 -1.86 29.59
C ILE C 173 7.67 -1.07 30.86
N MET C 174 6.49 -0.46 30.87
CA MET C 174 6.01 0.31 32.02
C MET C 174 5.95 -0.53 33.28
N CYS C 175 5.22 -1.64 33.19
CA CYS C 175 4.99 -2.51 34.34
C CYS C 175 6.30 -3.08 34.83
N ALA C 176 7.04 -3.73 33.92
CA ALA C 176 8.33 -4.29 34.22
C ALA C 176 9.24 -3.28 34.90
N ALA C 177 9.26 -2.05 34.42
CA ALA C 177 10.07 -0.99 35.02
C ALA C 177 9.80 -0.70 36.49
N THR C 178 8.57 -0.96 36.98
CA THR C 178 8.20 -0.59 38.36
C THR C 178 9.05 -1.29 39.41
N LEU C 179 9.68 -2.41 39.06
CA LEU C 179 10.60 -3.11 39.99
C LEU C 179 12.07 -3.06 39.58
N ALA C 180 12.39 -2.33 38.53
CA ALA C 180 13.78 -2.17 38.13
C ALA C 180 14.46 -1.20 39.09
N GLU C 181 15.80 -1.23 39.08
CA GLU C 181 16.61 -0.31 39.85
C GLU C 181 16.73 0.99 39.10
N GLY C 182 16.47 2.09 39.81
CA GLY C 182 16.62 3.44 39.24
C GLY C 182 15.41 3.88 38.44
N THR C 183 15.66 4.77 37.48
CA THR C 183 14.62 5.49 36.79
C THR C 183 14.59 5.11 35.31
N THR C 184 13.39 5.00 34.77
CA THR C 184 13.21 4.69 33.37
C THR C 184 12.41 5.85 32.80
N VAL C 185 12.80 6.25 31.59
CA VAL C 185 11.97 7.15 30.83
C VAL C 185 11.59 6.52 29.52
N LEU C 186 10.31 6.26 29.35
CA LEU C 186 9.80 5.68 28.13
C LEU C 186 9.22 6.80 27.29
N ASP C 187 9.80 7.00 26.12
CA ASP C 187 9.36 8.01 25.19
C ASP C 187 8.60 7.44 24.00
N ASN C 188 7.80 8.29 23.35
CA ASN C 188 6.91 7.92 22.29
C ASN C 188 5.99 6.80 22.76
N ALA C 189 5.50 6.94 23.99
CA ALA C 189 4.69 5.91 24.58
C ALA C 189 3.25 6.05 24.12
N ALA C 190 2.50 4.95 24.11
CA ALA C 190 1.07 5.01 23.77
C ALA C 190 0.32 5.76 24.84
N ARG C 191 -0.81 6.38 24.51
CA ARG C 191 -1.58 7.18 25.45
C ARG C 191 -3.02 6.71 25.59
N GLU C 192 -3.30 5.51 25.11
CA GLU C 192 -4.59 4.87 25.31
C GLU C 192 -4.97 4.96 26.78
N PRO C 193 -6.25 5.18 27.06
CA PRO C 193 -6.64 5.36 28.45
C PRO C 193 -6.45 4.12 29.30
N GLU C 194 -6.29 2.97 28.63
CA GLU C 194 -6.10 1.72 29.37
C GLU C 194 -4.70 1.69 29.98
N ILE C 195 -3.80 2.48 29.40
CA ILE C 195 -2.48 2.63 29.95
C ILE C 195 -2.52 3.49 31.19
N VAL C 196 -3.32 4.54 31.15
CA VAL C 196 -3.49 5.41 32.29
C VAL C 196 -4.06 4.61 33.46
N ASP C 197 -5.10 3.82 33.20
CA ASP C 197 -5.77 3.04 34.25
C ASP C 197 -4.87 1.95 34.82
N THR C 198 -4.05 1.33 33.99
CA THR C 198 -3.07 0.40 34.52
C THR C 198 -2.05 1.09 35.38
N ALA C 199 -1.70 2.34 35.05
CA ALA C 199 -0.72 3.10 35.82
C ALA C 199 -1.29 3.56 37.14
N MET C 200 -2.58 3.89 37.14
CA MET C 200 -3.30 4.24 38.36
C MET C 200 -3.30 3.05 39.30
N PHE C 201 -3.62 1.88 38.76
CA PHE C 201 -3.62 0.61 39.49
C PHE C 201 -2.28 0.32 40.18
N LEU C 202 -1.20 0.41 39.43
CA LEU C 202 0.14 0.11 39.96
C LEU C 202 0.59 1.10 41.02
N ASN C 203 0.26 2.36 40.84
CA ASN C 203 0.64 3.38 41.81
C ASN C 203 -0.06 3.17 43.11
N LYS C 204 -1.28 2.63 43.11
CA LYS C 204 -1.97 2.32 44.38
C LYS C 204 -1.20 1.29 45.18
N LEU C 205 -0.49 0.42 44.47
CA LEU C 205 0.29 -0.61 45.10
C LEU C 205 1.68 -0.17 45.54
N GLY C 206 1.98 1.11 45.39
CA GLY C 206 3.29 1.63 45.79
C GLY C 206 4.27 1.87 44.65
N ALA C 207 3.77 1.80 43.42
CA ALA C 207 4.60 2.12 42.26
C ALA C 207 4.72 3.65 42.09
N LYS C 208 5.71 4.08 41.29
CA LYS C 208 5.97 5.51 41.10
C LYS C 208 6.00 5.84 39.62
N ILE C 209 4.83 5.79 39.02
CA ILE C 209 4.71 6.03 37.59
C ILE C 209 4.16 7.40 37.37
N SER C 210 4.83 8.17 36.55
CA SER C 210 4.29 9.48 36.17
C SER C 210 4.30 9.65 34.66
N GLY C 211 3.36 10.46 34.19
CA GLY C 211 3.26 10.84 32.78
C GLY C 211 2.47 9.87 31.93
N ALA C 212 1.78 8.94 32.57
CA ALA C 212 1.00 7.98 31.85
C ALA C 212 -0.18 8.71 31.24
N GLY C 213 -0.42 8.39 29.97
CA GLY C 213 -1.40 9.13 29.20
C GLY C 213 -0.75 10.22 28.36
N THR C 214 0.56 10.42 28.54
CA THR C 214 1.32 11.30 27.65
C THR C 214 2.36 10.45 26.94
N ASP C 215 3.16 11.07 26.08
CA ASP C 215 4.11 10.34 25.24
C ASP C 215 5.40 10.07 25.98
N SER C 216 5.48 10.52 27.22
CA SER C 216 6.68 10.30 27.99
C SER C 216 6.28 9.82 29.34
N ILE C 217 6.70 8.61 29.68
CA ILE C 217 6.37 8.03 30.97
C ILE C 217 7.62 7.75 31.77
N THR C 218 7.68 8.32 32.97
CA THR C 218 8.77 8.09 33.92
C THR C 218 8.39 7.05 34.99
N ILE C 219 9.16 6.00 35.07
CA ILE C 219 8.96 5.02 36.12
C ILE C 219 10.19 5.05 37.02
N GLU C 220 9.96 5.37 38.29
CA GLU C 220 11.00 5.27 39.30
C GLU C 220 10.84 3.93 40.00
N GLY C 221 11.80 3.04 39.78
CA GLY C 221 11.72 1.69 40.32
C GLY C 221 11.71 1.61 41.84
N VAL C 222 10.97 0.61 42.35
CA VAL C 222 10.89 0.32 43.80
C VAL C 222 11.31 -1.11 44.02
N GLU C 223 11.50 -1.48 45.29
CA GLU C 223 11.94 -2.84 45.64
C GLU C 223 10.78 -3.86 45.55
N ARG C 224 9.57 -3.45 45.94
CA ARG C 224 8.41 -4.33 45.95
C ARG C 224 7.09 -3.54 45.83
N LEU C 225 5.97 -4.24 45.73
CA LEU C 225 4.63 -3.62 45.69
C LEU C 225 3.64 -4.32 46.61
N GLY C 226 2.76 -3.55 47.25
CA GLY C 226 1.82 -4.11 48.19
C GLY C 226 0.59 -4.65 47.50
N GLY C 227 -0.54 -4.59 48.20
CA GLY C 227 -1.85 -4.94 47.67
C GLY C 227 -2.70 -3.69 47.62
N GLY C 228 -3.97 -3.84 47.26
CA GLY C 228 -4.86 -2.69 47.14
C GLY C 228 -6.10 -2.95 46.31
N LYS C 229 -6.95 -1.93 46.17
CA LYS C 229 -8.23 -2.05 45.50
C LYS C 229 -8.35 -1.03 44.34
N HIS C 230 -8.87 -1.47 43.19
CA HIS C 230 -9.01 -0.61 42.01
C HIS C 230 -10.22 -0.98 41.17
N ALA C 231 -11.03 0.00 40.82
CA ALA C 231 -12.17 -0.18 39.90
C ALA C 231 -11.76 0.20 38.48
N VAL C 232 -11.87 -0.75 37.56
CA VAL C 232 -11.51 -0.55 36.15
C VAL C 232 -12.35 0.53 35.43
N VAL C 233 -11.65 1.37 34.67
CA VAL C 233 -12.26 2.37 33.78
C VAL C 233 -13.29 1.76 32.80
N PRO C 234 -14.36 2.50 32.47
CA PRO C 234 -15.35 2.09 31.48
C PRO C 234 -14.79 1.64 30.13
N ASP C 235 -15.52 0.76 29.46
CA ASP C 235 -15.13 0.25 28.14
C ASP C 235 -15.61 1.20 27.06
N ARG C 236 -14.65 1.85 26.42
CA ARG C 236 -14.97 2.85 25.40
C ARG C 236 -15.35 2.21 24.05
N ILE C 237 -14.92 0.99 23.82
CA ILE C 237 -15.26 0.33 22.61
C ILE C 237 -16.67 -0.20 22.71
N GLU C 238 -17.02 -0.82 23.83
CA GLU C 238 -18.38 -1.27 24.00
C GLU C 238 -19.31 -0.07 23.95
N THR C 239 -18.85 1.05 24.51
CA THR C 239 -19.61 2.28 24.48
C THR C 239 -19.88 2.71 23.03
N GLY C 240 -18.82 2.81 22.25
CA GLY C 240 -18.94 3.18 20.85
C GLY C 240 -19.82 2.23 20.09
N THR C 241 -19.72 0.96 20.43
CA THR C 241 -20.41 -0.08 19.72
C THR C 241 -21.94 0.08 19.91
N PHE C 242 -22.39 0.46 21.10
CA PHE C 242 -23.83 0.65 21.31
C PHE C 242 -24.38 1.96 20.73
N LEU C 243 -23.54 2.97 20.77
CA LEU C 243 -23.87 4.23 20.17
C LEU C 243 -24.00 4.03 18.65
N VAL C 244 -23.18 3.15 18.08
CA VAL C 244 -23.31 2.86 16.65
C VAL C 244 -24.63 2.18 16.40
N ALA C 245 -25.00 1.26 17.29
CA ALA C 245 -26.24 0.57 17.23
C ALA C 245 -27.48 1.47 17.19
N ALA C 246 -27.49 2.46 18.08
CA ALA C 246 -28.57 3.43 18.11
C ALA C 246 -28.60 4.23 16.80
N ALA C 247 -27.44 4.68 16.36
CA ALA C 247 -27.36 5.57 15.24
C ALA C 247 -27.83 4.89 13.98
N VAL C 248 -27.30 3.71 13.76
CA VAL C 248 -27.53 3.00 12.55
C VAL C 248 -28.96 2.49 12.49
N SER C 249 -29.63 2.34 13.64
CA SER C 249 -31.05 1.91 13.70
C SER C 249 -32.01 3.08 13.77
N ARG C 250 -31.49 4.29 13.58
CA ARG C 250 -32.22 5.55 13.67
C ARG C 250 -32.97 5.65 15.02
N GLY C 251 -32.25 5.32 16.09
CA GLY C 251 -32.79 5.16 17.42
C GLY C 251 -32.28 6.17 18.42
N LYS C 252 -32.36 5.80 19.69
CA LYS C 252 -32.18 6.74 20.80
C LYS C 252 -31.69 5.95 21.98
N ILE C 253 -30.52 6.30 22.52
CA ILE C 253 -29.89 5.52 23.58
C ILE C 253 -29.16 6.37 24.62
N VAL C 254 -29.11 5.87 25.84
CA VAL C 254 -28.21 6.46 26.86
C VAL C 254 -27.34 5.36 27.46
N CYS C 255 -26.04 5.62 27.47
CA CYS C 255 -25.07 4.72 28.01
C CYS C 255 -24.63 5.18 29.41
N ARG C 256 -24.78 4.32 30.41
CA ARG C 256 -24.48 4.64 31.81
C ARG C 256 -23.11 4.06 32.23
N ASN C 257 -22.48 4.68 33.22
CA ASN C 257 -21.15 4.30 33.66
C ASN C 257 -20.12 4.36 32.55
N THR C 258 -20.16 5.43 31.79
CA THR C 258 -19.10 5.72 30.84
C THR C 258 -18.77 7.23 30.83
N HIS C 259 -17.73 7.60 30.10
CA HIS C 259 -17.26 8.98 30.05
C HIS C 259 -16.83 9.36 28.63
N ALA C 260 -17.34 10.49 28.16
CA ALA C 260 -17.08 11.03 26.84
C ALA C 260 -15.62 11.27 26.58
N HIS C 261 -14.89 11.70 27.60
CA HIS C 261 -13.48 12.02 27.42
C HIS C 261 -12.65 10.80 26.93
N LEU C 262 -13.19 9.59 27.10
CA LEU C 262 -12.56 8.39 26.56
C LEU C 262 -12.69 8.20 25.04
N LEU C 263 -13.66 8.86 24.41
CA LEU C 263 -13.93 8.61 23.01
C LEU C 263 -14.44 9.83 22.25
N GLU C 264 -13.74 10.94 22.39
CA GLU C 264 -14.14 12.15 21.71
C GLU C 264 -14.11 12.00 20.19
N ALA C 265 -13.21 11.17 19.66
CA ALA C 265 -13.13 10.96 18.23
C ALA C 265 -14.36 10.23 17.64
N VAL C 266 -14.88 9.26 18.38
CA VAL C 266 -16.05 8.53 17.94
C VAL C 266 -17.26 9.43 17.99
N LEU C 267 -17.37 10.23 19.03
CA LEU C 267 -18.51 11.08 19.21
C LEU C 267 -18.61 12.13 18.12
N ALA C 268 -17.47 12.71 17.75
CA ALA C 268 -17.47 13.76 16.71
C ALA C 268 -17.85 13.17 15.37
N LYS C 269 -17.43 11.94 15.11
CA LYS C 269 -17.85 11.26 13.87
C LYS C 269 -19.33 10.90 13.90
N LEU C 270 -19.84 10.58 15.09
CA LEU C 270 -21.24 10.27 15.22
C LEU C 270 -22.06 11.55 15.00
N GLU C 271 -21.62 12.64 15.58
CA GLU C 271 -22.23 13.92 15.28
C GLU C 271 -22.10 14.29 13.80
N GLU C 272 -20.98 13.94 13.19
CA GLU C 272 -20.80 14.28 11.78
C GLU C 272 -21.69 13.39 10.92
N ALA C 273 -21.98 12.20 11.42
CA ALA C 273 -22.92 11.31 10.76
C ALA C 273 -24.39 11.77 10.91
N GLY C 274 -24.63 12.71 11.81
CA GLY C 274 -25.94 13.38 11.93
C GLY C 274 -26.66 13.15 13.24
N ALA C 275 -25.94 12.74 14.26
CA ALA C 275 -26.54 12.37 15.51
C ALA C 275 -26.43 13.51 16.52
N GLU C 276 -27.45 13.63 17.37
CA GLU C 276 -27.39 14.51 18.52
C GLU C 276 -26.83 13.74 19.73
N ILE C 277 -25.77 14.29 20.28
CA ILE C 277 -25.11 13.63 21.37
C ILE C 277 -25.03 14.53 22.58
N GLU C 278 -25.33 13.96 23.75
CA GLU C 278 -25.17 14.67 25.01
C GLU C 278 -24.40 13.84 26.03
N CYS C 279 -23.76 14.52 26.96
CA CYS C 279 -22.85 13.93 27.95
C CYS C 279 -23.16 14.47 29.31
N GLY C 280 -23.09 13.60 30.32
CA GLY C 280 -23.09 14.00 31.72
C GLY C 280 -21.77 13.60 32.39
N GLU C 281 -21.79 13.53 33.72
CA GLU C 281 -20.61 13.19 34.50
C GLU C 281 -20.25 11.72 34.25
N ASP C 282 -21.25 10.87 34.07
CA ASP C 282 -20.95 9.47 33.87
C ASP C 282 -21.90 8.77 32.86
N TRP C 283 -22.42 9.55 31.93
CA TRP C 283 -23.27 9.01 30.92
C TRP C 283 -23.14 9.77 29.62
N ILE C 284 -23.48 9.05 28.55
CA ILE C 284 -23.52 9.60 27.22
C ILE C 284 -24.82 9.16 26.54
N SER C 285 -25.52 10.08 25.90
CA SER C 285 -26.74 9.69 25.15
C SER C 285 -26.59 10.03 23.68
N LEU C 286 -27.31 9.31 22.85
CA LEU C 286 -27.30 9.57 21.43
C LEU C 286 -28.74 9.50 20.94
N ASP C 287 -29.14 10.48 20.13
CA ASP C 287 -30.47 10.46 19.57
C ASP C 287 -30.35 10.72 18.06
N MET C 288 -30.92 9.77 17.32
CA MET C 288 -30.87 9.76 15.89
C MET C 288 -32.29 9.74 15.30
N THR C 289 -33.28 10.05 16.16
CA THR C 289 -34.67 9.98 15.77
C THR C 289 -34.98 11.13 14.84
N GLY C 290 -35.61 10.80 13.72
CA GLY C 290 -36.00 11.79 12.69
C GLY C 290 -34.82 12.37 11.92
N ARG C 291 -33.71 11.64 11.89
CA ARG C 291 -32.46 12.18 11.38
C ARG C 291 -31.85 11.31 10.31
N GLU C 292 -31.18 12.02 9.42
CA GLU C 292 -30.64 11.42 8.23
C GLU C 292 -29.22 11.01 8.51
N LEU C 293 -28.95 9.75 8.26
CA LEU C 293 -27.64 9.17 8.51
C LEU C 293 -26.70 9.51 7.37
N LYS C 294 -25.62 10.23 7.68
CA LYS C 294 -24.68 10.71 6.68
C LYS C 294 -23.30 10.03 6.77
N ALA C 295 -22.77 9.71 5.60
CA ALA C 295 -21.50 9.00 5.51
C ALA C 295 -20.35 9.89 6.02
N VAL C 296 -19.31 9.25 6.55
CA VAL C 296 -18.13 9.95 7.09
C VAL C 296 -16.86 9.26 6.66
N THR C 297 -15.78 10.02 6.57
CA THR C 297 -14.49 9.46 6.29
C THR C 297 -13.75 9.30 7.58
N VAL C 298 -13.04 8.17 7.70
CA VAL C 298 -12.38 7.83 8.94
C VAL C 298 -10.97 7.34 8.67
N ARG C 299 -10.03 7.77 9.53
CA ARG C 299 -8.67 7.28 9.56
C ARG C 299 -8.35 6.72 10.93
N THR C 300 -8.20 5.41 11.04
CA THR C 300 -7.83 4.83 12.33
C THR C 300 -6.42 5.28 12.69
N ALA C 301 -6.14 5.40 13.98
CA ALA C 301 -4.89 5.98 14.44
C ALA C 301 -4.80 5.83 15.95
N PRO C 302 -3.59 5.96 16.49
CA PRO C 302 -3.46 5.82 17.96
C PRO C 302 -4.30 6.79 18.73
N HIS C 303 -4.73 6.37 19.92
CA HIS C 303 -5.45 7.27 20.82
C HIS C 303 -4.69 8.60 21.01
N PRO C 304 -5.41 9.73 21.08
CA PRO C 304 -6.88 9.94 21.01
C PRO C 304 -7.47 9.99 19.56
N GLY C 305 -6.87 9.32 18.61
CA GLY C 305 -7.40 9.34 17.27
C GLY C 305 -8.52 8.36 17.19
N PHE C 306 -9.00 8.12 15.99
CA PHE C 306 -10.13 7.23 15.84
C PHE C 306 -9.63 5.81 16.08
N PRO C 307 -10.24 5.08 17.03
CA PRO C 307 -9.73 3.76 17.37
C PRO C 307 -10.01 2.68 16.33
N THR C 308 -9.00 1.85 16.10
CA THR C 308 -9.14 0.74 15.18
C THR C 308 -10.23 -0.29 15.58
N ASP C 309 -10.52 -0.38 16.87
CA ASP C 309 -11.50 -1.32 17.38
C ASP C 309 -12.91 -0.86 17.10
N MET C 310 -13.06 0.37 16.60
CA MET C 310 -14.39 0.91 16.19
C MET C 310 -14.60 0.86 14.69
N GLN C 311 -13.59 0.39 13.99
CA GLN C 311 -13.61 0.48 12.54
C GLN C 311 -14.69 -0.35 11.86
N ALA C 312 -14.83 -1.60 12.28
CA ALA C 312 -15.77 -2.51 11.67
C ALA C 312 -17.22 -2.01 11.87
N GLN C 313 -17.45 -1.33 12.95
CA GLN C 313 -18.78 -0.91 13.30
C GLN C 313 -19.08 0.35 12.47
N PHE C 314 -18.09 1.21 12.30
CA PHE C 314 -18.21 2.34 11.40
C PHE C 314 -18.23 1.99 9.92
N THR C 315 -17.65 0.85 9.56
CA THR C 315 -17.86 0.31 8.25
C THR C 315 -19.35 0.03 7.98
N LEU C 316 -20.02 -0.58 8.95
CA LEU C 316 -21.45 -0.81 8.82
C LEU C 316 -22.22 0.50 8.76
N LEU C 317 -21.86 1.43 9.63
CA LEU C 317 -22.50 2.71 9.65
C LEU C 317 -22.48 3.34 8.28
N ASN C 318 -21.31 3.41 7.66
CA ASN C 318 -21.16 4.02 6.34
C ASN C 318 -21.88 3.25 5.26
N MET C 319 -22.00 1.94 5.43
CA MET C 319 -22.67 1.13 4.42
C MET C 319 -24.16 1.43 4.40
N MET C 320 -24.73 1.80 5.55
CA MET C 320 -26.12 2.22 5.64
C MET C 320 -26.29 3.72 5.46
N ALA C 321 -25.20 4.46 5.56
CA ALA C 321 -25.27 5.93 5.45
C ALA C 321 -25.32 6.33 3.99
N LYS C 322 -25.85 7.51 3.73
CA LYS C 322 -25.87 8.05 2.38
C LYS C 322 -24.69 9.02 2.20
N GLY C 323 -24.11 9.02 1.00
CA GLY C 323 -23.02 9.88 0.65
C GLY C 323 -21.70 9.13 0.55
N GLY C 324 -21.75 7.81 0.49
CA GLY C 324 -20.56 7.02 0.27
C GLY C 324 -19.94 6.52 1.57
N GLY C 325 -18.77 7.06 1.90
CA GLY C 325 -18.08 6.78 3.15
C GLY C 325 -16.79 6.03 2.93
N VAL C 326 -15.70 6.57 3.45
CA VAL C 326 -14.36 6.02 3.25
C VAL C 326 -13.70 5.72 4.58
N ILE C 327 -13.23 4.50 4.71
CA ILE C 327 -12.57 4.09 5.93
C ILE C 327 -11.17 3.62 5.63
N THR C 328 -10.20 4.21 6.31
CA THR C 328 -8.80 3.88 6.13
C THR C 328 -8.24 3.34 7.41
N GLU C 329 -7.69 2.14 7.31
CA GLU C 329 -7.15 1.43 8.46
C GLU C 329 -5.63 1.48 8.37
N THR C 330 -4.99 2.11 9.35
CA THR C 330 -3.54 2.25 9.40
C THR C 330 -2.88 1.37 10.42
N ILE C 331 -3.66 0.69 11.27
CA ILE C 331 -3.06 -0.03 12.41
C ILE C 331 -2.84 -1.49 12.09
N PHE C 332 -3.91 -2.19 11.72
CA PHE C 332 -3.83 -3.59 11.39
C PHE C 332 -4.04 -3.80 9.89
N GLU C 333 -3.44 -4.87 9.38
CA GLU C 333 -3.19 -5.01 7.93
C GLU C 333 -4.28 -5.75 7.23
N ASN C 334 -5.04 -6.50 8.02
CA ASN C 334 -6.10 -7.36 7.49
C ASN C 334 -7.33 -7.29 8.38
N ARG C 335 -7.96 -6.11 8.43
CA ARG C 335 -9.07 -5.94 9.31
C ARG C 335 -10.33 -5.52 8.62
N PHE C 336 -10.60 -6.20 7.51
CA PHE C 336 -11.78 -5.97 6.70
C PHE C 336 -12.52 -7.28 6.41
N MET C 337 -12.37 -8.24 7.30
CA MET C 337 -13.03 -9.53 7.09
C MET C 337 -14.56 -9.43 7.18
N HIS C 338 -15.05 -8.41 7.89
CA HIS C 338 -16.48 -8.18 8.04
C HIS C 338 -17.12 -7.79 6.73
N VAL C 339 -16.31 -7.25 5.83
CA VAL C 339 -16.84 -6.68 4.61
C VAL C 339 -17.46 -7.71 3.67
N PRO C 340 -16.66 -8.72 3.23
CA PRO C 340 -17.33 -9.75 2.42
C PRO C 340 -18.49 -10.48 3.16
N GLU C 341 -18.52 -10.47 4.49
CA GLU C 341 -19.67 -11.03 5.21
C GLU C 341 -20.91 -10.12 5.16
N LEU C 342 -20.71 -8.82 5.33
CA LEU C 342 -21.82 -7.89 5.20
C LEU C 342 -22.33 -7.87 3.74
N LYS C 343 -21.44 -8.14 2.81
CA LYS C 343 -21.84 -8.19 1.42
C LYS C 343 -22.90 -9.27 1.25
N ARG C 344 -22.77 -10.38 1.97
CA ARG C 344 -23.75 -11.48 1.84
C ARG C 344 -25.15 -10.98 2.24
N MET C 345 -25.18 -10.02 3.17
CA MET C 345 -26.39 -9.33 3.58
C MET C 345 -26.76 -8.12 2.68
N GLY C 346 -26.05 -7.98 1.57
CA GLY C 346 -26.43 -7.06 0.50
C GLY C 346 -25.72 -5.73 0.56
N ALA C 347 -24.71 -5.62 1.41
CA ALA C 347 -23.98 -4.36 1.57
C ALA C 347 -23.17 -4.06 0.32
N LYS C 348 -22.92 -2.79 0.05
CA LYS C 348 -22.04 -2.37 -1.08
C LYS C 348 -20.80 -1.64 -0.62
N ALA C 349 -19.64 -2.13 -1.02
CA ALA C 349 -18.34 -1.56 -0.67
C ALA C 349 -17.29 -2.21 -1.53
N GLU C 350 -16.17 -1.53 -1.68
CA GLU C 350 -15.03 -2.06 -2.38
C GLU C 350 -13.77 -1.82 -1.52
N ILE C 351 -12.82 -2.74 -1.61
CA ILE C 351 -11.60 -2.63 -0.81
C ILE C 351 -10.41 -2.39 -1.71
N GLU C 352 -9.58 -1.43 -1.34
CA GLU C 352 -8.31 -1.20 -2.03
C GLU C 352 -7.24 -0.92 -1.03
N GLY C 353 -6.30 -1.84 -0.90
CA GLY C 353 -5.23 -1.69 0.04
C GLY C 353 -5.76 -1.56 1.45
N ASN C 354 -5.49 -0.43 2.10
CA ASN C 354 -5.82 -0.26 3.48
C ASN C 354 -7.11 0.55 3.65
N THR C 355 -7.93 0.60 2.61
CA THR C 355 -9.10 1.46 2.57
C THR C 355 -10.35 0.79 2.05
N VAL C 356 -11.46 1.04 2.75
CA VAL C 356 -12.77 0.56 2.32
C VAL C 356 -13.50 1.75 1.78
N ILE C 357 -13.98 1.59 0.56
CA ILE C 357 -14.86 2.58 -0.04
C ILE C 357 -16.27 2.05 -0.06
N CYS C 358 -17.13 2.69 0.70
CA CYS C 358 -18.45 2.20 0.92
C CYS C 358 -19.45 2.79 -0.04
N GLY C 359 -20.38 1.95 -0.47
CA GLY C 359 -21.59 2.42 -1.14
C GLY C 359 -22.69 2.74 -0.13
N ASP C 360 -23.88 2.96 -0.66
CA ASP C 360 -25.08 3.28 0.13
C ASP C 360 -26.09 2.19 -0.13
N VAL C 361 -26.76 1.76 0.93
CA VAL C 361 -27.83 0.79 0.83
C VAL C 361 -28.89 1.16 1.87
N ASP C 362 -30.15 1.10 1.46
CA ASP C 362 -31.30 1.47 2.33
C ASP C 362 -31.52 0.42 3.41
N ARG C 363 -31.59 -0.85 3.05
CA ARG C 363 -31.76 -1.89 4.03
C ARG C 363 -31.12 -3.21 3.67
N LEU C 364 -30.36 -3.76 4.62
CA LEU C 364 -29.73 -5.03 4.45
C LEU C 364 -30.71 -6.16 4.54
N SER C 365 -30.25 -7.30 4.11
CA SER C 365 -31.04 -8.47 3.90
C SER C 365 -30.42 -9.61 4.71
N GLY C 366 -31.24 -10.31 5.47
CA GLY C 366 -30.76 -11.42 6.30
C GLY C 366 -30.10 -12.52 5.49
N ALA C 367 -29.08 -13.13 6.06
CA ALA C 367 -28.34 -14.19 5.39
C ALA C 367 -27.53 -14.93 6.46
N GLN C 368 -26.99 -16.09 6.14
CA GLN C 368 -26.06 -16.74 7.07
C GLN C 368 -24.65 -16.15 6.99
N VAL C 369 -24.08 -15.78 8.13
CA VAL C 369 -22.77 -15.13 8.17
C VAL C 369 -21.84 -15.63 9.29
N MET C 370 -20.54 -15.31 9.15
CA MET C 370 -19.51 -15.89 10.03
C MET C 370 -18.67 -14.81 10.65
N ALA C 371 -18.64 -14.81 11.97
CA ALA C 371 -17.78 -13.89 12.69
C ALA C 371 -16.36 -14.47 12.65
N THR C 372 -15.42 -13.61 12.35
CA THR C 372 -14.03 -13.92 12.23
C THR C 372 -13.23 -13.34 13.37
N ASP C 373 -13.70 -12.21 13.92
CA ASP C 373 -13.07 -11.52 15.06
C ASP C 373 -14.07 -10.76 15.91
N LEU C 374 -13.61 -10.41 17.09
CA LEU C 374 -14.39 -9.72 18.09
C LEU C 374 -15.23 -8.53 17.55
N ARG C 375 -14.59 -7.55 16.92
CA ARG C 375 -15.29 -6.32 16.54
C ARG C 375 -16.12 -6.55 15.31
N ALA C 376 -15.65 -7.41 14.41
CA ALA C 376 -16.45 -7.80 13.24
C ALA C 376 -17.68 -8.53 13.72
N SER C 377 -17.53 -9.32 14.75
CA SER C 377 -18.63 -10.08 15.33
C SER C 377 -19.79 -9.19 15.74
N ALA C 378 -19.46 -8.10 16.40
CA ALA C 378 -20.49 -7.22 16.85
C ALA C 378 -21.21 -6.50 15.71
N SER C 379 -20.44 -6.08 14.72
CA SER C 379 -20.99 -5.41 13.55
C SER C 379 -21.98 -6.28 12.80
N LEU C 380 -21.78 -7.60 12.85
CA LEU C 380 -22.69 -8.51 12.15
C LEU C 380 -23.95 -8.66 12.95
N VAL C 381 -23.80 -8.66 14.25
CA VAL C 381 -24.95 -8.76 15.11
C VAL C 381 -25.81 -7.56 14.94
N ILE C 382 -25.18 -6.40 14.93
CA ILE C 382 -25.93 -5.15 14.77
C ILE C 382 -26.61 -5.08 13.39
N ALA C 383 -25.92 -5.58 12.37
CA ALA C 383 -26.49 -5.69 11.06
C ALA C 383 -27.65 -6.67 11.09
N GLY C 384 -27.52 -7.68 11.91
CA GLY C 384 -28.64 -8.59 12.06
C GLY C 384 -29.90 -7.87 12.53
N CYS C 385 -29.74 -7.01 13.52
CA CYS C 385 -30.84 -6.31 14.16
C CYS C 385 -31.69 -5.42 13.27
N ILE C 386 -31.05 -4.84 12.25
CA ILE C 386 -31.73 -3.94 11.29
C ILE C 386 -32.02 -4.54 9.92
N ALA C 387 -31.47 -5.72 9.63
CA ALA C 387 -31.70 -6.35 8.33
C ALA C 387 -33.12 -6.82 8.18
N LYS C 388 -33.51 -7.14 6.97
CA LYS C 388 -34.83 -7.66 6.74
C LYS C 388 -34.72 -9.17 6.80
N GLY C 389 -35.46 -9.77 7.71
CA GLY C 389 -35.52 -11.22 7.86
C GLY C 389 -34.63 -11.74 8.96
N GLU C 390 -34.17 -12.97 8.76
CA GLU C 390 -33.41 -13.69 9.74
C GLU C 390 -31.97 -13.75 9.33
N THR C 391 -31.08 -13.61 10.30
CA THR C 391 -29.64 -13.70 10.08
C THR C 391 -29.02 -14.72 11.04
N ILE C 392 -28.17 -15.61 10.54
CA ILE C 392 -27.44 -16.50 11.44
C ILE C 392 -25.96 -16.14 11.51
N VAL C 393 -25.53 -15.71 12.70
CA VAL C 393 -24.13 -15.35 12.92
C VAL C 393 -23.43 -16.51 13.56
N ASP C 394 -22.59 -17.15 12.78
CA ASP C 394 -21.89 -18.31 13.24
C ASP C 394 -20.59 -17.94 13.99
N ARG C 395 -20.07 -18.88 14.77
CA ARG C 395 -18.85 -18.73 15.57
C ARG C 395 -18.93 -17.54 16.46
N ILE C 396 -19.99 -17.49 17.24
CA ILE C 396 -20.31 -16.35 18.08
C ILE C 396 -19.42 -16.21 19.32
N TYR C 397 -18.65 -17.24 19.67
CA TYR C 397 -17.80 -17.23 20.86
C TYR C 397 -16.84 -16.04 20.82
N HIS C 398 -16.42 -15.62 19.63
CA HIS C 398 -15.61 -14.41 19.46
C HIS C 398 -16.15 -13.22 20.22
N ILE C 399 -17.45 -13.03 20.21
CA ILE C 399 -18.06 -11.83 20.78
C ILE C 399 -17.96 -11.85 22.27
N ASP C 400 -18.00 -13.06 22.84
CA ASP C 400 -17.91 -13.23 24.28
C ASP C 400 -16.50 -13.01 24.82
N ARG C 401 -15.51 -12.93 23.94
CA ARG C 401 -14.17 -12.54 24.35
C ARG C 401 -14.11 -11.07 24.77
N GLY C 402 -15.03 -10.26 24.30
CA GLY C 402 -15.01 -8.85 24.63
C GLY C 402 -16.31 -8.16 25.03
N TYR C 403 -17.45 -8.83 24.87
CA TYR C 403 -18.75 -8.26 25.28
C TYR C 403 -19.40 -9.18 26.29
N GLU C 404 -19.96 -8.58 27.33
CA GLU C 404 -20.62 -9.33 28.39
C GLU C 404 -22.11 -9.46 28.09
N ARG C 405 -22.54 -10.67 27.74
CA ARG C 405 -23.94 -10.97 27.57
C ARG C 405 -24.59 -9.97 26.65
N ILE C 406 -24.05 -9.87 25.46
CA ILE C 406 -24.45 -8.80 24.56
C ILE C 406 -25.86 -8.94 24.04
N GLU C 407 -26.33 -10.17 23.92
CA GLU C 407 -27.70 -10.42 23.54
C GLU C 407 -28.67 -9.86 24.56
N ASP C 408 -28.29 -9.83 25.84
CA ASP C 408 -29.22 -9.35 26.88
C ASP C 408 -29.28 -7.87 26.87
N LYS C 409 -28.14 -7.24 26.62
CA LYS C 409 -28.06 -5.78 26.47
C LYS C 409 -28.80 -5.27 25.25
N LEU C 410 -28.66 -5.95 24.13
CA LEU C 410 -29.44 -5.61 22.92
C LEU C 410 -30.94 -5.86 23.06
N SER C 411 -31.31 -6.95 23.74
CA SER C 411 -32.70 -7.29 23.96
C SER C 411 -33.41 -6.22 24.80
N ALA C 412 -32.74 -5.76 25.85
CA ALA C 412 -33.22 -4.58 26.60
C ALA C 412 -33.40 -3.36 25.71
N LEU C 413 -32.88 -3.37 24.49
CA LEU C 413 -33.05 -2.21 23.63
C LEU C 413 -34.12 -2.42 22.56
N GLY C 414 -34.67 -3.62 22.47
CA GLY C 414 -35.65 -3.92 21.46
C GLY C 414 -35.26 -5.06 20.51
N ALA C 415 -34.01 -5.48 20.52
CA ALA C 415 -33.54 -6.48 19.58
C ALA C 415 -34.11 -7.87 19.82
N ASN C 416 -34.26 -8.65 18.74
CA ASN C 416 -34.68 -10.05 18.79
C ASN C 416 -33.51 -10.99 18.48
N ILE C 417 -32.84 -11.45 19.53
CA ILE C 417 -31.65 -12.30 19.40
C ILE C 417 -31.75 -13.59 20.22
N GLU C 418 -31.25 -14.67 19.68
CA GLU C 418 -31.33 -15.96 20.29
C GLU C 418 -29.97 -16.64 20.13
N ARG C 419 -29.31 -16.94 21.25
CA ARG C 419 -28.09 -17.77 21.26
C ARG C 419 -28.51 -19.21 21.18
N PHE C 420 -27.89 -20.00 20.31
CA PHE C 420 -28.35 -21.38 20.13
C PHE C 420 -27.24 -22.25 19.52
N ARG C 421 -27.54 -23.54 19.34
CA ARG C 421 -26.53 -24.51 18.87
C ARG C 421 -27.01 -25.39 17.72
N ASP C 422 -26.08 -25.97 16.97
CA ASP C 422 -26.40 -26.99 15.92
C ASP C 422 -27.07 -26.35 14.71
N MET D 4 -9.83 -33.07 15.12
CA MET D 4 -8.88 -32.23 14.32
C MET D 4 -7.55 -32.94 14.05
N GLU D 5 -7.34 -33.40 12.82
CA GLU D 5 -6.13 -34.14 12.46
C GLU D 5 -4.90 -33.24 12.47
N LYS D 6 -3.75 -33.84 12.77
CA LYS D 6 -2.50 -33.06 12.85
C LYS D 6 -1.38 -33.81 12.18
N PHE D 7 -0.29 -33.11 11.84
CA PHE D 7 0.96 -33.78 11.46
C PHE D 7 2.02 -33.63 12.54
N ARG D 8 2.55 -34.75 13.02
CA ARG D 8 3.75 -34.72 13.86
C ARG D 8 4.94 -34.97 12.97
N VAL D 9 5.82 -33.98 12.84
CA VAL D 9 7.01 -34.10 12.01
C VAL D 9 8.28 -34.00 12.85
N ILE D 10 9.19 -34.96 12.64
CA ILE D 10 10.47 -34.94 13.29
C ILE D 10 11.49 -34.57 12.23
N GLY D 11 12.10 -33.40 12.40
CA GLY D 11 13.01 -32.87 11.38
C GLY D 11 14.34 -33.57 11.29
N SER D 12 15.12 -33.21 10.28
CA SER D 12 16.37 -33.92 10.01
C SER D 12 17.31 -33.13 9.15
N THR D 13 18.60 -33.37 9.34
CA THR D 13 19.65 -32.81 8.49
C THR D 13 19.81 -33.63 7.19
N GLN D 14 19.31 -34.86 7.19
CA GLN D 14 19.29 -35.65 5.94
C GLN D 14 18.55 -34.96 4.76
N PRO D 15 19.27 -34.68 3.65
CA PRO D 15 18.58 -34.18 2.48
C PRO D 15 17.49 -35.11 1.99
N LEU D 16 16.41 -34.51 1.50
CA LEU D 16 15.35 -35.29 0.89
C LEU D 16 15.79 -35.69 -0.50
N GLN D 17 15.61 -36.96 -0.84
CA GLN D 17 16.01 -37.48 -2.14
C GLN D 17 15.02 -38.52 -2.66
N GLY D 18 14.91 -38.62 -3.98
CA GLY D 18 14.13 -39.66 -4.60
C GLY D 18 13.22 -39.17 -5.69
N GLU D 19 12.07 -39.81 -5.79
CA GLU D 19 11.15 -39.50 -6.85
C GLU D 19 9.81 -39.18 -6.24
N VAL D 20 9.10 -38.25 -6.85
CA VAL D 20 7.69 -37.99 -6.52
C VAL D 20 6.86 -37.99 -7.80
N THR D 21 5.69 -38.62 -7.75
CA THR D 21 4.82 -38.63 -8.90
C THR D 21 3.73 -37.56 -8.75
N ILE D 22 3.80 -36.57 -9.63
CA ILE D 22 2.90 -35.46 -9.62
C ILE D 22 1.49 -35.86 -10.10
N SER D 23 0.50 -35.38 -9.38
CA SER D 23 -0.89 -35.67 -9.66
C SER D 23 -1.50 -34.65 -10.61
N GLY D 24 -2.76 -34.86 -11.00
CA GLY D 24 -3.46 -33.86 -11.85
C GLY D 24 -3.65 -32.55 -11.11
N ALA D 25 -3.75 -31.45 -11.83
CA ALA D 25 -3.88 -30.15 -11.18
C ALA D 25 -5.24 -30.07 -10.53
N LYS D 26 -5.25 -29.77 -9.24
CA LYS D 26 -6.46 -29.45 -8.49
C LYS D 26 -7.27 -28.37 -9.19
N ASN D 27 -6.58 -27.32 -9.64
CA ASN D 27 -7.22 -26.17 -10.23
C ASN D 27 -7.58 -26.37 -11.69
N ALA D 28 -7.21 -27.50 -12.30
CA ALA D 28 -7.80 -27.84 -13.57
C ALA D 28 -8.91 -28.83 -13.36
N ALA D 29 -8.72 -29.77 -12.45
CA ALA D 29 -9.78 -30.74 -12.13
C ALA D 29 -11.09 -30.08 -11.75
N LEU D 30 -11.03 -29.03 -10.94
CA LEU D 30 -12.21 -28.42 -10.43
C LEU D 30 -13.04 -27.71 -11.51
N PRO D 31 -12.42 -26.81 -12.26
CA PRO D 31 -13.24 -26.16 -13.27
C PRO D 31 -13.73 -27.15 -14.31
N ILE D 32 -12.95 -28.16 -14.63
CA ILE D 32 -13.38 -29.18 -15.57
C ILE D 32 -14.62 -29.89 -15.08
N LEU D 33 -14.60 -30.27 -13.81
CA LEU D 33 -15.78 -30.88 -13.15
C LEU D 33 -17.05 -30.00 -13.17
N PHE D 34 -16.89 -28.70 -12.87
CA PHE D 34 -17.99 -27.76 -12.89
C PHE D 34 -18.43 -27.51 -14.31
N ALA D 35 -17.50 -27.59 -15.24
CA ALA D 35 -17.80 -27.41 -16.65
C ALA D 35 -18.63 -28.56 -17.18
N SER D 36 -18.43 -29.75 -16.62
CA SER D 36 -19.16 -30.92 -17.06
C SER D 36 -20.67 -30.82 -16.80
N ILE D 37 -21.10 -29.85 -16.02
CA ILE D 37 -22.52 -29.57 -15.87
C ILE D 37 -23.16 -29.25 -17.23
N LEU D 38 -22.34 -28.79 -18.17
CA LEU D 38 -22.82 -28.44 -19.51
C LEU D 38 -23.08 -29.70 -20.36
N ALA D 39 -22.51 -30.83 -19.96
CA ALA D 39 -22.51 -32.03 -20.78
C ALA D 39 -23.83 -32.81 -20.62
N GLU D 40 -24.34 -33.31 -21.74
CA GLU D 40 -25.60 -34.06 -21.76
C GLU D 40 -25.36 -35.56 -21.67
N GLU D 41 -24.09 -35.93 -21.83
CA GLU D 41 -23.71 -37.31 -21.90
C GLU D 41 -22.64 -37.56 -20.89
N PRO D 42 -22.44 -38.83 -20.53
CA PRO D 42 -21.39 -39.22 -19.60
C PRO D 42 -20.00 -38.71 -19.96
N VAL D 43 -19.26 -38.33 -18.93
CA VAL D 43 -17.91 -37.87 -19.08
C VAL D 43 -17.00 -38.68 -18.19
N GLU D 44 -15.75 -38.89 -18.62
CA GLU D 44 -14.68 -39.38 -17.74
C GLU D 44 -13.52 -38.40 -17.68
N VAL D 45 -13.19 -37.99 -16.46
CA VAL D 45 -12.03 -37.15 -16.20
C VAL D 45 -10.92 -37.91 -15.47
N ALA D 46 -9.86 -38.24 -16.20
CA ALA D 46 -8.78 -39.03 -15.62
C ALA D 46 -7.68 -38.17 -15.01
N ASN D 47 -6.75 -38.84 -14.32
CA ASN D 47 -5.65 -38.21 -13.63
C ASN D 47 -6.13 -37.13 -12.65
N VAL D 48 -7.14 -37.46 -11.83
CA VAL D 48 -7.69 -36.54 -10.83
C VAL D 48 -7.17 -36.93 -9.44
N PRO D 49 -6.55 -36.00 -8.75
CA PRO D 49 -6.03 -36.34 -7.44
C PRO D 49 -7.14 -36.52 -6.41
N HIS D 50 -6.82 -37.21 -5.31
CA HIS D 50 -7.76 -37.40 -4.21
C HIS D 50 -7.63 -36.28 -3.19
N LEU D 51 -8.52 -35.29 -3.31
CA LEU D 51 -8.53 -34.14 -2.43
C LEU D 51 -9.94 -33.95 -1.89
N ARG D 52 -10.03 -33.28 -0.76
CA ARG D 52 -11.33 -32.97 -0.17
C ARG D 52 -12.15 -32.04 -1.05
N ASP D 53 -11.49 -31.14 -1.77
CA ASP D 53 -12.17 -30.20 -2.63
C ASP D 53 -12.84 -30.86 -3.78
N ILE D 54 -12.28 -31.96 -4.23
CA ILE D 54 -12.90 -32.77 -5.27
C ILE D 54 -14.06 -33.61 -4.74
N ASP D 55 -13.99 -34.03 -3.48
CA ASP D 55 -15.15 -34.63 -2.81
C ASP D 55 -16.35 -33.66 -2.69
N THR D 56 -16.03 -32.41 -2.34
CA THR D 56 -17.02 -31.34 -2.14
C THR D 56 -17.65 -31.02 -3.50
N THR D 57 -16.85 -30.98 -4.53
CA THR D 57 -17.37 -30.80 -5.88
C THR D 57 -18.29 -31.96 -6.28
N MET D 58 -17.89 -33.19 -6.00
CA MET D 58 -18.79 -34.34 -6.25
C MET D 58 -20.09 -34.24 -5.49
N GLU D 59 -20.02 -33.89 -4.21
CA GLU D 59 -21.27 -33.75 -3.42
C GLU D 59 -22.16 -32.71 -4.04
N LEU D 60 -21.55 -31.65 -4.52
CA LEU D 60 -22.27 -30.55 -5.09
C LEU D 60 -22.93 -30.92 -6.40
N LEU D 61 -22.26 -31.68 -7.25
CA LEU D 61 -22.95 -32.16 -8.46
C LEU D 61 -24.06 -33.14 -8.14
N GLU D 62 -23.88 -33.94 -7.10
CA GLU D 62 -24.94 -34.88 -6.72
C GLU D 62 -26.20 -34.12 -6.40
N ARG D 63 -26.03 -32.96 -5.76
CA ARG D 63 -27.16 -32.22 -5.24
C ARG D 63 -27.93 -31.51 -6.37
N LEU D 64 -27.34 -31.43 -7.55
CA LEU D 64 -28.03 -30.93 -8.73
C LEU D 64 -28.81 -32.02 -9.42
N GLY D 65 -28.47 -33.28 -9.14
CA GLY D 65 -29.15 -34.41 -9.79
C GLY D 65 -28.25 -35.20 -10.70
N ALA D 66 -26.97 -34.85 -10.73
CA ALA D 66 -25.98 -35.58 -11.47
C ALA D 66 -25.64 -36.91 -10.83
N LYS D 67 -25.12 -37.81 -11.65
CA LYS D 67 -24.66 -39.10 -11.24
C LYS D 67 -23.13 -39.08 -11.25
N VAL D 68 -22.53 -39.36 -10.11
CA VAL D 68 -21.08 -39.22 -9.94
C VAL D 68 -20.44 -40.42 -9.23
N GLU D 69 -19.25 -40.80 -9.66
CA GLU D 69 -18.46 -41.85 -8.97
C GLU D 69 -17.00 -41.62 -9.33
N ARG D 70 -16.07 -42.26 -8.62
CA ARG D 70 -14.65 -42.05 -8.93
C ARG D 70 -13.71 -43.13 -8.42
N ASN D 71 -12.52 -43.18 -9.01
CA ASN D 71 -11.31 -43.42 -8.24
C ASN D 71 -10.03 -42.86 -8.85
N GLY D 72 -9.49 -43.49 -9.89
CA GLY D 72 -8.36 -42.85 -10.64
C GLY D 72 -8.91 -41.66 -11.44
N SER D 73 -10.03 -41.92 -12.10
CA SER D 73 -10.76 -40.92 -12.83
C SER D 73 -12.00 -40.56 -12.07
N VAL D 74 -12.66 -39.48 -12.50
CA VAL D 74 -13.97 -39.15 -12.03
C VAL D 74 -14.97 -39.28 -13.19
N HIS D 75 -16.09 -39.96 -12.94
CA HIS D 75 -17.11 -40.19 -13.95
C HIS D 75 -18.32 -39.32 -13.67
N VAL D 76 -18.74 -38.54 -14.66
CA VAL D 76 -19.88 -37.69 -14.44
C VAL D 76 -20.94 -37.83 -15.52
N ASP D 77 -22.19 -38.03 -15.11
CA ASP D 77 -23.32 -37.89 -16.01
C ASP D 77 -24.19 -36.76 -15.57
N ALA D 78 -24.07 -35.62 -16.25
CA ALA D 78 -24.82 -34.43 -15.87
C ALA D 78 -26.14 -34.31 -16.64
N GLY D 79 -26.47 -35.35 -17.41
CA GLY D 79 -27.69 -35.38 -18.22
C GLY D 79 -28.95 -35.15 -17.42
N PRO D 80 -29.15 -35.92 -16.33
CA PRO D 80 -30.42 -35.89 -15.57
C PRO D 80 -30.45 -34.84 -14.44
N ILE D 81 -29.71 -33.76 -14.61
CA ILE D 81 -29.68 -32.73 -13.62
C ILE D 81 -31.03 -32.03 -13.64
N ASN D 82 -31.57 -31.75 -12.45
CA ASN D 82 -32.90 -31.10 -12.33
C ASN D 82 -33.04 -30.21 -11.12
N GLN D 83 -31.93 -29.87 -10.49
CA GLN D 83 -31.93 -28.89 -9.42
C GLN D 83 -30.81 -27.93 -9.78
N TYR D 84 -30.89 -26.71 -9.28
CA TYR D 84 -30.02 -25.62 -9.76
C TYR D 84 -29.42 -24.75 -8.65
N CYS D 85 -29.48 -25.20 -7.40
CA CYS D 85 -28.92 -24.44 -6.29
C CYS D 85 -27.63 -25.08 -5.75
N ALA D 86 -26.58 -24.28 -5.61
CA ALA D 86 -25.40 -24.65 -4.84
C ALA D 86 -25.52 -24.04 -3.46
N PRO D 87 -25.84 -24.86 -2.44
CA PRO D 87 -26.23 -24.32 -1.14
C PRO D 87 -25.06 -23.84 -0.22
N TYR D 88 -25.39 -22.89 0.65
CA TYR D 88 -24.44 -22.33 1.62
C TYR D 88 -23.58 -23.36 2.36
N ASP D 89 -24.18 -24.48 2.76
CA ASP D 89 -23.46 -25.44 3.59
C ASP D 89 -22.23 -26.01 2.85
N LEU D 90 -22.29 -26.08 1.52
CA LEU D 90 -21.11 -26.46 0.71
C LEU D 90 -20.26 -25.29 0.23
N VAL D 91 -20.90 -24.20 -0.11
CA VAL D 91 -20.16 -23.09 -0.65
C VAL D 91 -19.24 -22.52 0.42
N LYS D 92 -19.69 -22.49 1.68
CA LYS D 92 -18.85 -22.00 2.80
C LYS D 92 -17.59 -22.87 2.98
N THR D 93 -17.63 -24.07 2.45
CA THR D 93 -16.51 -24.98 2.47
C THR D 93 -15.55 -24.79 1.29
N MET D 94 -16.05 -24.29 0.18
CA MET D 94 -15.25 -24.21 -1.02
C MET D 94 -15.81 -23.19 -1.98
N ARG D 95 -15.16 -22.04 -2.05
CA ARG D 95 -15.64 -20.92 -2.84
C ARG D 95 -15.62 -21.20 -4.34
N ALA D 96 -14.80 -22.15 -4.78
CA ALA D 96 -14.81 -22.57 -6.19
C ALA D 96 -16.20 -22.97 -6.72
N SER D 97 -17.11 -23.23 -5.80
CA SER D 97 -18.48 -23.44 -6.15
C SER D 97 -19.12 -22.38 -7.06
N ILE D 98 -18.57 -21.14 -7.14
CA ILE D 98 -19.17 -20.15 -8.05
C ILE D 98 -19.13 -20.58 -9.49
N TRP D 99 -18.16 -21.43 -9.82
CA TRP D 99 -18.12 -22.07 -11.10
C TRP D 99 -19.38 -22.86 -11.47
N ALA D 100 -20.26 -23.13 -10.52
CA ALA D 100 -21.50 -23.81 -10.83
C ALA D 100 -22.51 -22.89 -11.51
N LEU D 101 -22.32 -21.57 -11.37
CA LEU D 101 -23.34 -20.63 -11.76
C LEU D 101 -23.46 -20.51 -13.25
N GLY D 102 -22.34 -20.37 -13.93
CA GLY D 102 -22.32 -20.14 -15.37
C GLY D 102 -22.90 -21.29 -16.15
N PRO D 103 -22.46 -22.53 -15.89
CA PRO D 103 -23.00 -23.67 -16.63
C PRO D 103 -24.47 -23.87 -16.38
N LEU D 104 -24.92 -23.62 -15.18
CA LEU D 104 -26.32 -23.85 -14.88
C LEU D 104 -27.20 -22.92 -15.67
N VAL D 105 -26.84 -21.64 -15.66
CA VAL D 105 -27.64 -20.65 -16.32
C VAL D 105 -27.53 -20.82 -17.86
N ALA D 106 -26.36 -21.27 -18.32
CA ALA D 106 -26.11 -21.39 -19.74
C ALA D 106 -26.90 -22.58 -20.29
N ARG D 107 -26.96 -23.68 -19.54
CA ARG D 107 -27.72 -24.85 -19.98
C ARG D 107 -29.21 -24.83 -19.60
N PHE D 108 -29.53 -24.38 -18.41
CA PHE D 108 -30.91 -24.51 -17.95
C PHE D 108 -31.68 -23.21 -17.84
N GLY D 109 -30.98 -22.10 -18.10
CA GLY D 109 -31.61 -20.79 -18.00
C GLY D 109 -31.73 -20.30 -16.58
N GLN D 110 -31.10 -20.96 -15.62
CA GLN D 110 -31.36 -20.70 -14.21
C GLN D 110 -30.23 -21.21 -13.30
N GLY D 111 -29.91 -20.47 -12.24
CA GLY D 111 -28.84 -20.84 -11.32
C GLY D 111 -28.89 -20.03 -10.04
N GLN D 112 -28.65 -20.69 -8.90
CA GLN D 112 -28.52 -20.03 -7.62
C GLN D 112 -27.29 -20.54 -6.96
N VAL D 113 -26.39 -19.64 -6.66
CA VAL D 113 -25.20 -20.03 -5.90
C VAL D 113 -24.99 -19.09 -4.70
N SER D 114 -24.61 -19.67 -3.54
CA SER D 114 -24.41 -18.89 -2.32
C SER D 114 -23.24 -17.99 -2.55
N LEU D 115 -23.37 -16.70 -2.26
CA LEU D 115 -22.25 -15.75 -2.49
C LEU D 115 -21.15 -16.04 -1.47
N PRO D 116 -19.93 -16.37 -1.92
CA PRO D 116 -18.90 -16.73 -0.95
C PRO D 116 -18.51 -15.57 -0.06
N GLY D 117 -18.28 -15.84 1.20
CA GLY D 117 -17.84 -14.84 2.15
C GLY D 117 -16.32 -14.67 2.15
N GLY D 118 -15.83 -14.24 3.31
CA GLY D 118 -14.43 -13.94 3.49
C GLY D 118 -13.53 -15.16 3.45
N CYS D 119 -12.44 -15.05 2.70
CA CYS D 119 -11.38 -16.04 2.69
C CYS D 119 -10.30 -15.54 3.63
N ALA D 120 -9.60 -16.49 4.22
CA ALA D 120 -8.43 -16.21 5.02
C ALA D 120 -7.38 -15.35 4.27
N ILE D 121 -7.15 -15.64 2.99
CA ILE D 121 -6.15 -14.89 2.23
C ILE D 121 -6.61 -13.59 1.61
N GLY D 122 -7.91 -13.33 1.59
CA GLY D 122 -8.41 -12.10 1.00
C GLY D 122 -9.93 -12.02 0.89
N ALA D 123 -10.43 -10.85 0.49
CA ALA D 123 -11.88 -10.62 0.33
C ALA D 123 -12.50 -11.51 -0.75
N ARG D 124 -11.74 -11.69 -1.81
CA ARG D 124 -12.09 -12.52 -2.93
C ARG D 124 -13.54 -12.36 -3.42
N PRO D 125 -13.87 -11.14 -3.91
CA PRO D 125 -15.18 -10.92 -4.51
C PRO D 125 -15.34 -11.61 -5.86
N VAL D 126 -16.57 -11.71 -6.33
CA VAL D 126 -16.84 -12.41 -7.58
C VAL D 126 -17.61 -11.50 -8.56
N ASP D 127 -17.47 -10.20 -8.36
CA ASP D 127 -18.09 -9.18 -9.21
C ASP D 127 -17.84 -9.40 -10.70
N LEU D 128 -16.68 -9.90 -11.03
CA LEU D 128 -16.37 -10.16 -12.41
C LEU D 128 -17.15 -11.32 -12.95
N HIS D 129 -17.34 -12.36 -12.15
CA HIS D 129 -18.15 -13.48 -12.61
C HIS D 129 -19.56 -13.00 -12.96
N ILE D 130 -20.13 -12.21 -12.07
CA ILE D 130 -21.50 -11.75 -12.20
C ILE D 130 -21.66 -10.82 -13.42
N HIS D 131 -20.72 -9.87 -13.58
CA HIS D 131 -20.75 -8.92 -14.68
C HIS D 131 -20.39 -9.58 -16.01
N GLY D 132 -19.57 -10.61 -16.01
CA GLY D 132 -19.35 -11.38 -17.23
C GLY D 132 -20.59 -12.08 -17.71
N LEU D 133 -21.33 -12.66 -16.77
CA LEU D 133 -22.58 -13.32 -17.11
C LEU D 133 -23.69 -12.35 -17.55
N GLU D 134 -23.66 -11.14 -17.02
CA GLU D 134 -24.65 -10.14 -17.36
C GLU D 134 -24.45 -9.72 -18.79
N GLN D 135 -23.21 -9.69 -19.24
CA GLN D 135 -22.89 -9.31 -20.63
C GLN D 135 -23.23 -10.45 -21.62
N LEU D 136 -23.31 -11.69 -21.12
CA LEU D 136 -23.87 -12.80 -21.90
C LEU D 136 -25.39 -12.80 -21.87
N GLY D 137 -25.94 -11.86 -21.13
CA GLY D 137 -27.35 -11.55 -21.20
C GLY D 137 -28.15 -12.15 -20.06
N ALA D 138 -27.51 -12.42 -18.93
CA ALA D 138 -28.19 -12.97 -17.77
C ALA D 138 -28.58 -11.89 -16.81
N THR D 139 -29.74 -12.08 -16.19
CA THR D 139 -30.23 -11.16 -15.18
C THR D 139 -29.85 -11.76 -13.85
N ILE D 140 -29.20 -10.97 -13.01
CA ILE D 140 -28.61 -11.48 -11.80
C ILE D 140 -29.04 -10.63 -10.62
N THR D 141 -29.50 -11.30 -9.56
CA THR D 141 -29.83 -10.68 -8.27
C THR D 141 -29.10 -11.33 -7.11
N LEU D 142 -29.10 -10.67 -5.96
CA LEU D 142 -28.65 -11.28 -4.73
C LEU D 142 -29.83 -11.29 -3.78
N GLU D 143 -30.11 -12.45 -3.19
CA GLU D 143 -31.28 -12.68 -2.31
C GLU D 143 -31.04 -13.78 -1.29
N ASP D 144 -31.24 -13.50 0.00
CA ASP D 144 -30.94 -14.45 1.09
C ASP D 144 -29.47 -14.97 1.02
N GLY D 145 -28.55 -14.12 0.57
CA GLY D 145 -27.16 -14.47 0.39
C GLY D 145 -26.88 -15.31 -0.86
N TYR D 146 -27.88 -15.48 -1.73
CA TYR D 146 -27.72 -16.34 -2.93
C TYR D 146 -27.60 -15.50 -4.17
N VAL D 147 -26.53 -15.70 -4.92
CA VAL D 147 -26.44 -15.06 -6.21
C VAL D 147 -27.44 -15.79 -7.12
N LYS D 148 -28.53 -15.12 -7.48
CA LYS D 148 -29.57 -15.74 -8.31
C LYS D 148 -29.48 -15.26 -9.78
N ALA D 149 -29.12 -16.17 -10.67
CA ALA D 149 -29.01 -15.85 -12.09
C ALA D 149 -30.12 -16.50 -12.90
N HIS D 150 -30.62 -15.81 -13.92
CA HIS D 150 -31.55 -16.42 -14.85
C HIS D 150 -31.53 -15.77 -16.19
N VAL D 151 -31.87 -16.53 -17.22
CA VAL D 151 -32.05 -15.97 -18.56
C VAL D 151 -33.22 -16.65 -19.26
N ASP D 152 -34.06 -15.87 -19.90
CA ASP D 152 -35.15 -16.42 -20.70
C ASP D 152 -34.57 -16.86 -22.04
N GLY D 153 -34.46 -18.17 -22.25
CA GLY D 153 -33.84 -18.73 -23.45
C GLY D 153 -32.35 -18.84 -23.28
N ARG D 154 -31.60 -18.68 -24.37
CA ARG D 154 -30.13 -18.86 -24.38
C ARG D 154 -29.38 -17.56 -24.16
N LEU D 155 -28.22 -17.67 -23.54
CA LEU D 155 -27.32 -16.56 -23.45
C LEU D 155 -26.88 -16.14 -24.84
N GLN D 156 -26.45 -14.88 -24.95
CA GLN D 156 -26.07 -14.30 -26.24
C GLN D 156 -24.60 -13.97 -26.23
N GLY D 157 -23.92 -14.28 -27.32
CA GLY D 157 -22.51 -14.04 -27.42
C GLY D 157 -22.28 -12.56 -27.37
N ALA D 158 -21.13 -12.16 -26.89
CA ALA D 158 -20.80 -10.76 -26.82
C ALA D 158 -19.28 -10.59 -26.84
N HIS D 159 -18.88 -9.36 -27.08
CA HIS D 159 -17.53 -8.95 -26.95
C HIS D 159 -17.32 -8.47 -25.52
N ILE D 160 -16.45 -9.14 -24.78
CA ILE D 160 -16.26 -8.81 -23.37
C ILE D 160 -14.79 -8.54 -23.07
N VAL D 161 -14.51 -7.40 -22.46
CA VAL D 161 -13.17 -7.06 -22.06
C VAL D 161 -13.13 -7.06 -20.56
N MET D 162 -12.35 -7.96 -20.01
CA MET D 162 -12.18 -8.11 -18.58
C MET D 162 -11.58 -6.85 -18.00
N ASP D 163 -12.17 -6.40 -16.90
CA ASP D 163 -11.64 -5.25 -16.13
C ASP D 163 -10.35 -5.56 -15.41
N LYS D 164 -10.20 -6.74 -14.85
CA LYS D 164 -8.89 -7.21 -14.40
C LYS D 164 -8.69 -8.64 -14.86
N VAL D 165 -7.44 -9.11 -14.74
CA VAL D 165 -7.12 -10.50 -15.01
C VAL D 165 -7.62 -11.34 -13.83
N SER D 166 -8.50 -12.31 -14.15
CA SER D 166 -9.06 -13.26 -13.20
C SER D 166 -9.14 -14.65 -13.80
N VAL D 167 -8.63 -15.63 -13.07
CA VAL D 167 -8.64 -17.00 -13.54
C VAL D 167 -10.05 -17.52 -13.46
N GLY D 168 -10.65 -17.40 -12.28
CA GLY D 168 -11.99 -17.88 -12.05
C GLY D 168 -13.02 -17.27 -13.00
N ALA D 169 -12.91 -15.96 -13.18
CA ALA D 169 -13.93 -15.25 -13.95
C ALA D 169 -13.79 -15.57 -15.43
N THR D 170 -12.56 -15.69 -15.89
CA THR D 170 -12.27 -16.13 -17.25
C THR D 170 -12.93 -17.47 -17.55
N ILE D 171 -12.91 -18.36 -16.56
CA ILE D 171 -13.43 -19.69 -16.72
C ILE D 171 -14.93 -19.66 -16.80
N THR D 172 -15.54 -18.91 -15.89
CA THR D 172 -16.98 -18.76 -15.85
C THR D 172 -17.55 -18.33 -17.17
N ILE D 173 -16.90 -17.32 -17.73
CA ILE D 173 -17.35 -16.68 -18.96
C ILE D 173 -17.14 -17.58 -20.14
N MET D 174 -15.95 -18.13 -20.27
CA MET D 174 -15.68 -19.10 -21.33
C MET D 174 -16.64 -20.29 -21.31
N CYS D 175 -16.79 -20.97 -20.17
CA CYS D 175 -17.61 -22.17 -20.13
C CYS D 175 -19.05 -21.87 -20.51
N ALA D 176 -19.63 -20.83 -19.92
CA ALA D 176 -21.02 -20.44 -20.22
C ALA D 176 -21.23 -20.04 -21.69
N ALA D 177 -20.23 -19.39 -22.28
CA ALA D 177 -20.29 -18.94 -23.68
C ALA D 177 -20.32 -20.10 -24.65
N THR D 178 -19.89 -21.26 -24.23
CA THR D 178 -19.88 -22.39 -25.13
C THR D 178 -21.29 -22.81 -25.56
N LEU D 179 -22.30 -22.46 -24.75
CA LEU D 179 -23.72 -22.66 -25.14
C LEU D 179 -24.54 -21.41 -25.51
N ALA D 180 -23.92 -20.24 -25.60
CA ALA D 180 -24.64 -19.05 -26.04
C ALA D 180 -24.98 -19.09 -27.54
N GLU D 181 -25.97 -18.30 -27.99
CA GLU D 181 -26.17 -18.06 -29.41
C GLU D 181 -25.11 -17.12 -29.91
N GLY D 182 -24.34 -17.53 -30.92
CA GLY D 182 -23.43 -16.62 -31.60
C GLY D 182 -22.03 -16.64 -31.02
N THR D 183 -21.23 -15.63 -31.34
CA THR D 183 -19.82 -15.68 -30.99
C THR D 183 -19.49 -14.75 -29.84
N THR D 184 -18.68 -15.26 -28.92
CA THR D 184 -18.14 -14.47 -27.84
C THR D 184 -16.61 -14.29 -28.05
N VAL D 185 -16.15 -13.05 -27.88
CA VAL D 185 -14.74 -12.78 -27.76
C VAL D 185 -14.45 -12.26 -26.37
N LEU D 186 -13.53 -12.93 -25.67
CA LEU D 186 -13.15 -12.55 -24.32
C LEU D 186 -11.72 -12.06 -24.30
N ASP D 187 -11.58 -10.74 -24.19
CA ASP D 187 -10.28 -10.07 -24.14
C ASP D 187 -9.73 -9.86 -22.76
N ASN D 188 -8.41 -9.84 -22.70
CA ASN D 188 -7.68 -9.73 -21.45
C ASN D 188 -8.08 -10.86 -20.54
N ALA D 189 -8.22 -12.05 -21.13
CA ALA D 189 -8.46 -13.24 -20.34
C ALA D 189 -7.21 -13.67 -19.59
N ALA D 190 -7.42 -14.50 -18.58
CA ALA D 190 -6.31 -15.08 -17.84
C ALA D 190 -5.65 -16.13 -18.73
N ARG D 191 -4.32 -16.28 -18.66
CA ARG D 191 -3.62 -17.22 -19.49
C ARG D 191 -3.20 -18.48 -18.77
N GLU D 192 -3.54 -18.64 -17.49
CA GLU D 192 -3.19 -19.85 -16.72
C GLU D 192 -3.43 -21.17 -17.50
N PRO D 193 -2.58 -22.16 -17.30
CA PRO D 193 -2.63 -23.43 -18.10
C PRO D 193 -3.79 -24.35 -17.76
N GLU D 194 -4.44 -24.06 -16.63
CA GLU D 194 -5.69 -24.72 -16.26
C GLU D 194 -6.83 -24.23 -17.14
N ILE D 195 -6.73 -23.01 -17.66
CA ILE D 195 -7.72 -22.47 -18.60
C ILE D 195 -7.62 -23.21 -19.94
N VAL D 196 -6.39 -23.48 -20.35
CA VAL D 196 -6.12 -24.19 -21.58
C VAL D 196 -6.76 -25.56 -21.47
N ASP D 197 -6.58 -26.19 -20.31
CA ASP D 197 -7.01 -27.58 -20.10
C ASP D 197 -8.51 -27.72 -20.15
N THR D 198 -9.18 -26.83 -19.44
CA THR D 198 -10.62 -26.81 -19.38
C THR D 198 -11.16 -26.66 -20.78
N ALA D 199 -10.48 -25.90 -21.61
CA ALA D 199 -10.97 -25.55 -22.92
C ALA D 199 -10.76 -26.74 -23.87
N MET D 200 -9.63 -27.42 -23.75
CA MET D 200 -9.38 -28.66 -24.47
C MET D 200 -10.46 -29.69 -24.12
N PHE D 201 -10.77 -29.80 -22.84
CA PHE D 201 -11.82 -30.67 -22.36
C PHE D 201 -13.16 -30.33 -23.01
N LEU D 202 -13.50 -29.05 -23.01
CA LEU D 202 -14.83 -28.66 -23.48
C LEU D 202 -14.97 -28.87 -25.00
N ASN D 203 -13.91 -28.62 -25.74
CA ASN D 203 -13.87 -28.83 -27.17
C ASN D 203 -14.09 -30.30 -27.49
N LYS D 204 -13.61 -31.19 -26.63
CA LYS D 204 -13.82 -32.64 -26.85
C LYS D 204 -15.29 -33.03 -26.79
N LEU D 205 -16.10 -32.19 -26.16
CA LEU D 205 -17.52 -32.39 -26.02
C LEU D 205 -18.33 -31.71 -27.13
N GLY D 206 -17.63 -31.05 -28.02
CA GLY D 206 -18.31 -30.37 -29.12
C GLY D 206 -18.27 -28.86 -29.07
N ALA D 207 -17.51 -28.30 -28.14
CA ALA D 207 -17.37 -26.86 -28.07
C ALA D 207 -16.34 -26.35 -29.07
N LYS D 208 -16.38 -25.03 -29.30
CA LYS D 208 -15.54 -24.37 -30.33
C LYS D 208 -14.83 -23.16 -29.72
N ILE D 209 -13.74 -23.46 -29.04
CA ILE D 209 -12.99 -22.48 -28.28
C ILE D 209 -11.62 -22.41 -28.87
N SER D 210 -11.29 -21.22 -29.36
CA SER D 210 -9.93 -20.93 -29.80
C SER D 210 -9.34 -19.75 -29.00
N GLY D 211 -8.02 -19.78 -28.82
CA GLY D 211 -7.28 -18.68 -28.23
C GLY D 211 -7.00 -18.86 -26.74
N ALA D 212 -7.41 -19.99 -26.19
CA ALA D 212 -7.19 -20.28 -24.80
C ALA D 212 -5.71 -20.40 -24.59
N GLY D 213 -5.22 -19.76 -23.55
CA GLY D 213 -3.78 -19.64 -23.33
C GLY D 213 -3.20 -18.33 -23.86
N THR D 214 -4.00 -17.59 -24.64
CA THR D 214 -3.71 -16.20 -25.01
C THR D 214 -4.72 -15.28 -24.35
N ASP D 215 -4.55 -13.97 -24.53
CA ASP D 215 -5.38 -13.03 -23.81
C ASP D 215 -6.68 -12.73 -24.58
N SER D 216 -6.87 -13.43 -25.68
CA SER D 216 -8.10 -13.25 -26.44
C SER D 216 -8.73 -14.59 -26.76
N ILE D 217 -9.81 -14.92 -26.08
CA ILE D 217 -10.45 -16.21 -26.24
C ILE D 217 -11.71 -16.03 -27.05
N THR D 218 -11.83 -16.83 -28.10
CA THR D 218 -12.99 -16.81 -28.97
C THR D 218 -13.75 -18.10 -28.82
N ILE D 219 -15.05 -17.95 -28.52
CA ILE D 219 -15.93 -19.08 -28.37
C ILE D 219 -17.17 -18.95 -29.30
N GLU D 220 -17.25 -19.82 -30.29
CA GLU D 220 -18.47 -19.95 -31.10
C GLU D 220 -19.46 -20.87 -30.36
N GLY D 221 -20.59 -20.32 -29.95
CA GLY D 221 -21.54 -21.11 -29.15
C GLY D 221 -22.23 -22.24 -29.91
N VAL D 222 -22.51 -23.35 -29.25
CA VAL D 222 -23.22 -24.47 -29.89
C VAL D 222 -24.46 -24.78 -29.09
N GLU D 223 -25.42 -25.50 -29.66
CA GLU D 223 -26.70 -25.75 -28.98
C GLU D 223 -26.59 -26.76 -27.86
N ARG D 224 -25.71 -27.76 -28.02
CA ARG D 224 -25.50 -28.79 -27.00
C ARG D 224 -24.06 -29.33 -27.04
N LEU D 225 -23.62 -29.85 -25.89
CA LEU D 225 -22.37 -30.61 -25.80
C LEU D 225 -22.63 -32.09 -25.46
N GLY D 226 -21.76 -32.97 -25.95
CA GLY D 226 -21.92 -34.42 -25.80
C GLY D 226 -21.04 -35.00 -24.71
N GLY D 227 -20.53 -36.23 -24.94
CA GLY D 227 -19.66 -36.89 -23.95
C GLY D 227 -18.20 -36.93 -24.37
N GLY D 228 -17.35 -37.48 -23.50
CA GLY D 228 -15.96 -37.73 -23.87
C GLY D 228 -15.05 -38.04 -22.70
N LYS D 229 -13.77 -38.19 -22.98
CA LYS D 229 -12.77 -38.55 -22.00
C LYS D 229 -11.58 -37.57 -22.10
N HIS D 230 -11.11 -37.09 -20.94
CA HIS D 230 -10.00 -36.12 -20.85
C HIS D 230 -9.07 -36.43 -19.67
N ALA D 231 -7.78 -36.26 -19.85
CA ALA D 231 -6.83 -36.47 -18.75
C ALA D 231 -6.30 -35.11 -18.25
N VAL D 232 -6.46 -34.84 -16.95
CA VAL D 232 -6.16 -33.52 -16.40
C VAL D 232 -4.64 -33.23 -16.41
N VAL D 233 -4.28 -32.03 -16.82
CA VAL D 233 -2.91 -31.60 -16.85
C VAL D 233 -2.24 -31.70 -15.45
N PRO D 234 -0.93 -32.06 -15.39
CA PRO D 234 -0.26 -32.16 -14.09
C PRO D 234 -0.30 -30.85 -13.25
N ASP D 235 -0.04 -30.96 -11.95
CA ASP D 235 -0.13 -29.83 -11.02
C ASP D 235 1.23 -29.15 -10.93
N ARG D 236 1.31 -27.95 -11.47
CA ARG D 236 2.53 -27.13 -11.46
C ARG D 236 2.85 -26.62 -10.08
N ILE D 237 1.83 -26.38 -9.27
CA ILE D 237 2.08 -25.97 -7.88
C ILE D 237 2.64 -27.10 -7.02
N GLU D 238 2.01 -28.27 -7.05
CA GLU D 238 2.53 -29.41 -6.34
C GLU D 238 3.97 -29.73 -6.82
N THR D 239 4.20 -29.63 -8.13
CA THR D 239 5.55 -29.78 -8.68
C THR D 239 6.51 -28.80 -8.01
N GLY D 240 6.17 -27.52 -8.06
CA GLY D 240 6.89 -26.47 -7.39
C GLY D 240 7.19 -26.76 -5.93
N THR D 241 6.17 -27.27 -5.23
CA THR D 241 6.28 -27.51 -3.79
C THR D 241 7.37 -28.54 -3.40
N PHE D 242 7.44 -29.62 -4.17
CA PHE D 242 8.46 -30.63 -3.93
C PHE D 242 9.80 -30.18 -4.40
N LEU D 243 9.84 -29.43 -5.51
CA LEU D 243 11.11 -28.90 -5.96
C LEU D 243 11.68 -28.02 -4.90
N VAL D 244 10.85 -27.25 -4.20
CA VAL D 244 11.33 -26.38 -3.14
C VAL D 244 11.77 -27.16 -1.93
N ALA D 245 11.04 -28.24 -1.61
CA ALA D 245 11.44 -29.12 -0.50
C ALA D 245 12.85 -29.67 -0.67
N ALA D 246 13.15 -30.10 -1.89
CA ALA D 246 14.46 -30.58 -2.24
C ALA D 246 15.50 -29.48 -2.09
N ALA D 247 15.11 -28.29 -2.47
CA ALA D 247 16.07 -27.20 -2.53
C ALA D 247 16.39 -26.70 -1.15
N VAL D 248 15.42 -26.71 -0.29
CA VAL D 248 15.64 -26.11 0.99
C VAL D 248 16.28 -27.09 1.98
N SER D 249 16.28 -28.38 1.66
CA SER D 249 16.95 -29.36 2.46
C SER D 249 18.26 -29.76 1.80
N ARG D 250 18.70 -28.98 0.81
CA ARG D 250 19.96 -29.21 0.08
C ARG D 250 19.99 -30.64 -0.47
N GLY D 251 18.88 -31.04 -1.10
CA GLY D 251 18.67 -32.42 -1.53
C GLY D 251 18.65 -32.63 -3.03
N LYS D 252 17.94 -33.68 -3.46
CA LYS D 252 18.03 -34.12 -4.85
C LYS D 252 16.85 -34.96 -5.30
N ILE D 253 16.02 -34.35 -6.13
CA ILE D 253 14.76 -34.96 -6.49
C ILE D 253 14.54 -35.02 -8.01
N VAL D 254 13.70 -35.95 -8.45
CA VAL D 254 13.06 -35.85 -9.76
C VAL D 254 11.51 -35.99 -9.67
N CYS D 255 10.78 -35.10 -10.34
CA CYS D 255 9.31 -35.16 -10.38
C CYS D 255 8.83 -35.80 -11.70
N ARG D 256 8.04 -36.87 -11.59
CA ARG D 256 7.51 -37.53 -12.74
C ARG D 256 6.11 -37.06 -13.10
N ASN D 257 5.80 -37.16 -14.38
CA ASN D 257 4.55 -36.69 -14.97
C ASN D 257 4.33 -35.20 -14.74
N THR D 258 5.23 -34.40 -15.27
CA THR D 258 5.08 -32.97 -15.22
C THR D 258 5.86 -32.37 -16.37
N HIS D 259 5.71 -31.08 -16.61
CA HIS D 259 6.30 -30.42 -17.77
C HIS D 259 6.78 -29.04 -17.39
N ALA D 260 8.04 -28.79 -17.67
CA ALA D 260 8.67 -27.50 -17.32
C ALA D 260 7.91 -26.27 -17.81
N HIS D 261 7.29 -26.36 -18.99
CA HIS D 261 6.59 -25.22 -19.59
C HIS D 261 5.42 -24.70 -18.74
N LEU D 262 4.95 -25.52 -17.81
CA LEU D 262 3.98 -25.10 -16.83
C LEU D 262 4.55 -24.17 -15.72
N LEU D 263 5.87 -24.11 -15.55
CA LEU D 263 6.39 -23.33 -14.43
C LEU D 263 7.76 -22.69 -14.63
N GLU D 264 7.91 -22.06 -15.78
CA GLU D 264 9.22 -21.56 -16.19
C GLU D 264 9.68 -20.47 -15.22
N ALA D 265 8.74 -19.71 -14.68
CA ALA D 265 9.04 -18.68 -13.68
C ALA D 265 9.63 -19.25 -12.39
N VAL D 266 9.12 -20.39 -11.95
CA VAL D 266 9.58 -21.02 -10.71
C VAL D 266 10.94 -21.66 -10.90
N LEU D 267 11.10 -22.34 -12.03
CA LEU D 267 12.34 -23.00 -12.36
C LEU D 267 13.50 -22.01 -12.47
N ALA D 268 13.23 -20.85 -13.07
CA ALA D 268 14.26 -19.83 -13.19
C ALA D 268 14.67 -19.25 -11.80
N LYS D 269 13.72 -19.07 -10.91
CA LYS D 269 14.07 -18.61 -9.57
C LYS D 269 14.78 -19.67 -8.71
N LEU D 270 14.46 -20.95 -8.97
CA LEU D 270 15.20 -22.04 -8.34
C LEU D 270 16.63 -22.15 -8.87
N GLU D 271 16.83 -21.91 -10.16
CA GLU D 271 18.18 -21.84 -10.70
C GLU D 271 18.97 -20.69 -10.12
N GLU D 272 18.33 -19.53 -10.01
CA GLU D 272 18.98 -18.33 -9.50
C GLU D 272 19.39 -18.50 -8.02
N ALA D 273 18.61 -19.30 -7.31
CA ALA D 273 18.84 -19.57 -5.92
C ALA D 273 19.94 -20.62 -5.74
N GLY D 274 20.33 -21.29 -6.81
CA GLY D 274 21.52 -22.14 -6.82
C GLY D 274 21.32 -23.53 -7.37
N ALA D 275 20.11 -23.88 -7.74
CA ALA D 275 19.81 -25.26 -8.00
C ALA D 275 20.14 -25.67 -9.41
N GLU D 276 20.50 -26.92 -9.57
CA GLU D 276 20.71 -27.43 -10.88
C GLU D 276 19.41 -28.08 -11.25
N ILE D 277 18.92 -27.76 -12.44
CA ILE D 277 17.64 -28.24 -12.94
C ILE D 277 17.76 -28.81 -14.35
N GLU D 278 17.26 -30.02 -14.56
CA GLU D 278 17.14 -30.60 -15.88
C GLU D 278 15.69 -30.87 -16.15
N CYS D 279 15.31 -30.91 -17.42
CA CYS D 279 13.94 -31.20 -17.84
C CYS D 279 13.96 -32.25 -18.90
N GLY D 280 12.89 -33.02 -19.02
CA GLY D 280 12.79 -34.07 -20.04
C GLY D 280 11.40 -33.99 -20.61
N GLU D 281 10.98 -35.01 -21.32
CA GLU D 281 9.69 -34.96 -22.00
C GLU D 281 8.59 -34.73 -20.97
N ASP D 282 8.65 -35.49 -19.88
CA ASP D 282 7.57 -35.46 -18.90
C ASP D 282 8.07 -35.56 -17.48
N TRP D 283 9.27 -35.02 -17.24
CA TRP D 283 9.86 -35.01 -15.92
C TRP D 283 10.74 -33.77 -15.70
N ILE D 284 10.93 -33.46 -14.43
CA ILE D 284 11.77 -32.35 -14.02
C ILE D 284 12.59 -32.80 -12.83
N SER D 285 13.91 -32.58 -12.88
CA SER D 285 14.77 -32.89 -11.72
C SER D 285 15.35 -31.63 -11.11
N LEU D 286 15.63 -31.71 -9.80
CA LEU D 286 16.37 -30.66 -9.11
C LEU D 286 17.46 -31.29 -8.25
N ASP D 287 18.69 -30.83 -8.43
CA ASP D 287 19.82 -31.28 -7.61
C ASP D 287 20.45 -30.07 -6.90
N MET D 288 20.59 -30.16 -5.59
CA MET D 288 21.05 -29.05 -4.76
C MET D 288 22.22 -29.47 -3.88
N THR D 289 22.71 -30.68 -4.08
CA THR D 289 23.69 -31.22 -3.17
C THR D 289 24.97 -30.46 -3.42
N GLY D 290 25.59 -30.00 -2.33
CA GLY D 290 26.85 -29.29 -2.40
C GLY D 290 26.77 -27.93 -3.07
N ARG D 291 25.53 -27.38 -3.18
CA ARG D 291 25.29 -26.05 -3.71
C ARG D 291 24.70 -25.16 -2.62
N GLU D 292 25.17 -23.92 -2.51
CA GLU D 292 24.69 -22.99 -1.49
C GLU D 292 23.36 -22.35 -1.88
N LEU D 293 22.48 -22.23 -0.91
CA LEU D 293 21.18 -21.67 -1.13
C LEU D 293 21.20 -20.13 -1.07
N LYS D 294 20.84 -19.47 -2.17
CA LYS D 294 20.96 -18.02 -2.32
C LYS D 294 19.60 -17.36 -2.42
N ALA D 295 19.45 -16.24 -1.71
CA ALA D 295 18.19 -15.50 -1.63
C ALA D 295 17.85 -14.89 -2.98
N VAL D 296 16.55 -14.79 -3.25
CA VAL D 296 16.02 -14.20 -4.47
C VAL D 296 14.98 -13.16 -4.08
N THR D 297 14.78 -12.19 -4.95
CA THR D 297 13.57 -11.40 -4.91
C THR D 297 12.51 -12.00 -5.87
N VAL D 298 11.27 -12.01 -5.41
CA VAL D 298 10.18 -12.55 -6.15
C VAL D 298 9.03 -11.58 -6.15
N ARG D 299 8.29 -11.52 -7.27
CA ARG D 299 7.07 -10.72 -7.38
C ARG D 299 5.95 -11.55 -7.94
N THR D 300 4.85 -11.71 -7.22
CA THR D 300 3.76 -12.56 -7.74
C THR D 300 3.03 -11.85 -8.86
N ALA D 301 2.64 -12.61 -9.88
CA ALA D 301 1.87 -12.08 -11.00
C ALA D 301 1.12 -13.17 -11.71
N PRO D 302 0.18 -12.78 -12.59
CA PRO D 302 -0.59 -13.80 -13.29
C PRO D 302 0.29 -14.59 -14.26
N HIS D 303 -0.08 -15.81 -14.57
CA HIS D 303 0.74 -16.66 -15.41
C HIS D 303 1.05 -15.97 -16.75
N PRO D 304 2.25 -16.15 -17.30
CA PRO D 304 3.37 -17.01 -16.87
C PRO D 304 4.29 -16.42 -15.83
N GLY D 305 3.86 -15.38 -15.15
CA GLY D 305 4.68 -14.75 -14.12
C GLY D 305 4.77 -15.67 -12.94
N PHE D 306 5.39 -15.21 -11.87
CA PHE D 306 5.58 -16.07 -10.68
C PHE D 306 4.24 -16.26 -9.94
N PRO D 307 3.81 -17.51 -9.75
CA PRO D 307 2.45 -17.74 -9.18
C PRO D 307 2.34 -17.46 -7.70
N THR D 308 1.27 -16.79 -7.30
CA THR D 308 0.97 -16.56 -5.89
C THR D 308 0.76 -17.87 -5.12
N ASP D 309 0.45 -18.97 -5.80
CA ASP D 309 0.34 -20.26 -5.12
C ASP D 309 1.68 -20.89 -4.71
N MET D 310 2.78 -20.25 -5.12
CA MET D 310 4.13 -20.69 -4.81
C MET D 310 4.79 -19.75 -3.82
N GLN D 311 4.05 -18.77 -3.33
CA GLN D 311 4.68 -17.69 -2.60
C GLN D 311 5.09 -18.08 -1.17
N ALA D 312 4.22 -18.84 -0.51
CA ALA D 312 4.48 -19.27 0.85
C ALA D 312 5.72 -20.14 0.88
N GLN D 313 5.80 -21.06 -0.06
CA GLN D 313 6.91 -21.95 -0.14
C GLN D 313 8.20 -21.15 -0.41
N PHE D 314 8.14 -20.15 -1.27
CA PHE D 314 9.32 -19.36 -1.60
C PHE D 314 9.70 -18.40 -0.48
N THR D 315 8.74 -18.07 0.37
CA THR D 315 9.09 -17.34 1.57
C THR D 315 10.06 -18.19 2.41
N LEU D 316 9.70 -19.45 2.63
CA LEU D 316 10.54 -20.33 3.39
C LEU D 316 11.95 -20.44 2.79
N LEU D 317 12.00 -20.63 1.49
CA LEU D 317 13.23 -20.80 0.81
C LEU D 317 14.12 -19.61 1.07
N ASN D 318 13.56 -18.40 0.97
CA ASN D 318 14.34 -17.20 1.28
C ASN D 318 14.70 -17.10 2.73
N MET D 319 13.83 -17.55 3.61
CA MET D 319 14.14 -17.47 5.06
C MET D 319 15.38 -18.27 5.44
N MET D 320 15.67 -19.32 4.67
CA MET D 320 16.79 -20.21 4.91
C MET D 320 17.97 -19.88 4.01
N ALA D 321 17.79 -18.97 3.07
CA ALA D 321 18.80 -18.68 2.06
C ALA D 321 19.64 -17.50 2.50
N LYS D 322 20.89 -17.45 2.05
CA LYS D 322 21.78 -16.36 2.41
C LYS D 322 21.60 -15.19 1.44
N GLY D 323 21.69 -13.97 1.97
CA GLY D 323 21.51 -12.75 1.17
C GLY D 323 20.14 -12.08 1.37
N GLY D 324 19.36 -12.49 2.36
CA GLY D 324 18.07 -11.84 2.65
C GLY D 324 16.86 -12.37 1.89
N GLY D 325 16.33 -11.56 0.97
CA GLY D 325 15.27 -11.99 0.07
C GLY D 325 13.99 -11.16 0.25
N VAL D 326 13.29 -10.91 -0.84
CA VAL D 326 12.16 -10.03 -0.80
C VAL D 326 11.11 -10.68 -1.64
N ILE D 327 9.93 -10.77 -1.06
CA ILE D 327 8.80 -11.30 -1.76
C ILE D 327 7.68 -10.28 -1.73
N THR D 328 7.18 -9.97 -2.91
CA THR D 328 6.14 -9.02 -3.10
C THR D 328 4.94 -9.71 -3.70
N GLU D 329 3.81 -9.58 -3.01
CA GLU D 329 2.56 -10.28 -3.35
C GLU D 329 1.57 -9.26 -3.86
N THR D 330 1.31 -9.34 -5.16
CA THR D 330 0.35 -8.45 -5.83
C THR D 330 -1.06 -8.98 -5.96
N ILE D 331 -1.26 -10.25 -5.79
CA ILE D 331 -2.56 -10.88 -6.13
C ILE D 331 -3.58 -10.90 -5.03
N PHE D 332 -3.18 -11.43 -3.88
CA PHE D 332 -4.03 -11.45 -2.69
C PHE D 332 -3.45 -10.55 -1.65
N GLU D 333 -4.31 -9.92 -0.88
CA GLU D 333 -3.89 -8.88 0.06
C GLU D 333 -3.48 -9.40 1.44
N ASN D 334 -3.82 -10.67 1.75
CA ASN D 334 -3.48 -11.25 3.08
C ASN D 334 -2.91 -12.66 3.01
N ARG D 335 -1.79 -12.82 2.33
CA ARG D 335 -1.23 -14.14 2.19
C ARG D 335 0.14 -14.29 2.82
N PHE D 336 0.36 -13.64 3.96
CA PHE D 336 1.57 -13.87 4.76
C PHE D 336 1.26 -14.47 6.10
N MET D 337 0.16 -15.19 6.20
CA MET D 337 -0.20 -15.83 7.46
C MET D 337 0.79 -16.90 7.92
N HIS D 338 1.54 -17.44 6.98
CA HIS D 338 2.61 -18.39 7.29
C HIS D 338 3.80 -17.80 8.06
N VAL D 339 3.98 -16.49 7.93
CA VAL D 339 5.19 -15.88 8.43
C VAL D 339 5.33 -15.87 9.95
N PRO D 340 4.30 -15.40 10.68
CA PRO D 340 4.38 -15.50 12.13
C PRO D 340 4.45 -16.94 12.68
N GLU D 341 3.98 -17.95 11.95
CA GLU D 341 4.10 -19.36 12.40
C GLU D 341 5.47 -19.90 12.11
N LEU D 342 6.06 -19.45 11.01
CA LEU D 342 7.45 -19.76 10.73
C LEU D 342 8.36 -19.05 11.72
N LYS D 343 7.96 -17.86 12.15
CA LYS D 343 8.73 -17.16 13.14
C LYS D 343 8.74 -17.94 14.46
N ARG D 344 7.66 -18.66 14.74
CA ARG D 344 7.61 -19.52 15.92
C ARG D 344 8.69 -20.58 15.90
N MET D 345 9.03 -21.04 14.70
CA MET D 345 10.11 -21.97 14.49
C MET D 345 11.51 -21.30 14.43
N GLY D 346 11.52 -19.97 14.59
CA GLY D 346 12.75 -19.17 14.65
C GLY D 346 13.12 -18.43 13.37
N ALA D 347 12.21 -18.34 12.42
CA ALA D 347 12.47 -17.64 11.16
C ALA D 347 12.52 -16.13 11.37
N LYS D 348 13.27 -15.45 10.51
CA LYS D 348 13.44 -13.99 10.55
C LYS D 348 12.81 -13.36 9.34
N ALA D 349 11.83 -12.51 9.57
CA ALA D 349 11.19 -11.81 8.48
C ALA D 349 10.43 -10.62 9.00
N GLU D 350 10.26 -9.63 8.13
CA GLU D 350 9.47 -8.46 8.44
C GLU D 350 8.48 -8.24 7.32
N ILE D 351 7.26 -7.93 7.67
CA ILE D 351 6.23 -7.63 6.69
C ILE D 351 6.04 -6.15 6.57
N GLU D 352 5.97 -5.63 5.36
CA GLU D 352 5.59 -4.25 5.14
C GLU D 352 4.68 -4.17 3.95
N GLY D 353 3.40 -3.87 4.20
CA GLY D 353 2.46 -3.82 3.12
C GLY D 353 2.40 -5.16 2.44
N ASN D 354 2.54 -5.16 1.12
CA ASN D 354 2.45 -6.40 0.32
C ASN D 354 3.80 -7.11 0.12
N THR D 355 4.71 -6.93 1.08
CA THR D 355 6.09 -7.36 0.90
C THR D 355 6.70 -7.94 2.18
N VAL D 356 7.37 -9.07 2.06
CA VAL D 356 8.10 -9.65 3.17
C VAL D 356 9.56 -9.52 2.86
N ILE D 357 10.31 -9.13 3.88
CA ILE D 357 11.72 -8.98 3.80
C ILE D 357 12.31 -10.00 4.74
N CYS D 358 12.91 -11.03 4.17
CA CYS D 358 13.38 -12.17 4.98
C CYS D 358 14.80 -11.97 5.41
N GLY D 359 15.09 -12.37 6.64
CA GLY D 359 16.45 -12.56 7.09
C GLY D 359 16.96 -13.92 6.68
N ASP D 360 18.06 -14.33 7.32
CA ASP D 360 18.78 -15.55 7.01
C ASP D 360 18.88 -16.36 8.30
N VAL D 361 18.70 -17.67 8.22
CA VAL D 361 18.77 -18.53 9.39
C VAL D 361 19.37 -19.86 8.97
N ASP D 362 20.26 -20.40 9.80
CA ASP D 362 20.93 -21.68 9.51
C ASP D 362 19.97 -22.85 9.60
N ARG D 363 19.33 -23.00 10.74
CA ARG D 363 18.40 -24.10 10.88
C ARG D 363 17.19 -23.74 11.74
N LEU D 364 16.02 -24.15 11.30
CA LEU D 364 14.81 -23.91 12.10
C LEU D 364 14.76 -24.78 13.32
N SER D 365 13.95 -24.37 14.28
CA SER D 365 13.73 -25.12 15.50
C SER D 365 12.27 -25.58 15.51
N GLY D 366 12.07 -26.84 15.91
CA GLY D 366 10.75 -27.45 15.92
C GLY D 366 9.85 -26.73 16.87
N ALA D 367 8.57 -26.67 16.54
CA ALA D 367 7.61 -26.02 17.41
C ALA D 367 6.18 -26.34 16.99
N GLN D 368 5.22 -26.12 17.89
CA GLN D 368 3.82 -26.30 17.56
C GLN D 368 3.32 -25.10 16.77
N VAL D 369 2.75 -25.34 15.60
CA VAL D 369 2.31 -24.30 14.69
C VAL D 369 0.92 -24.67 14.15
N MET D 370 0.33 -23.76 13.38
CA MET D 370 -1.04 -23.94 12.91
C MET D 370 -1.19 -23.52 11.47
N ALA D 371 -1.62 -24.46 10.65
CA ALA D 371 -1.90 -24.18 9.27
C ALA D 371 -3.17 -23.32 9.20
N THR D 372 -3.19 -22.47 8.20
CA THR D 372 -4.27 -21.52 8.02
C THR D 372 -4.87 -21.58 6.62
N ASP D 373 -4.06 -21.96 5.64
CA ASP D 373 -4.47 -22.06 4.26
C ASP D 373 -3.58 -23.06 3.58
N LEU D 374 -4.05 -23.54 2.43
CA LEU D 374 -3.48 -24.67 1.73
C LEU D 374 -1.98 -24.58 1.53
N ARG D 375 -1.55 -23.57 0.80
CA ARG D 375 -0.16 -23.43 0.49
C ARG D 375 0.73 -23.12 1.72
N ALA D 376 0.23 -22.31 2.65
CA ALA D 376 0.98 -22.07 3.88
C ALA D 376 1.17 -23.40 4.62
N SER D 377 0.13 -24.21 4.67
CA SER D 377 0.20 -25.51 5.27
C SER D 377 1.41 -26.33 4.83
N ALA D 378 1.60 -26.44 3.53
CA ALA D 378 2.72 -27.22 3.00
C ALA D 378 4.10 -26.61 3.36
N SER D 379 4.17 -25.29 3.41
CA SER D 379 5.38 -24.61 3.83
C SER D 379 5.74 -24.99 5.25
N LEU D 380 4.75 -25.08 6.13
CA LEU D 380 5.01 -25.43 7.53
C LEU D 380 5.49 -26.86 7.63
N VAL D 381 4.93 -27.71 6.79
CA VAL D 381 5.32 -29.10 6.80
C VAL D 381 6.75 -29.31 6.31
N ILE D 382 7.09 -28.63 5.22
CA ILE D 382 8.45 -28.69 4.69
C ILE D 382 9.39 -28.18 5.72
N ALA D 383 9.04 -27.05 6.33
CA ALA D 383 9.81 -26.46 7.41
C ALA D 383 10.01 -27.45 8.54
N GLY D 384 8.95 -28.18 8.88
CA GLY D 384 9.04 -29.24 9.88
C GLY D 384 10.07 -30.31 9.55
N CYS D 385 10.16 -30.68 8.28
CA CYS D 385 11.13 -31.72 7.87
C CYS D 385 12.60 -31.31 8.02
N ILE D 386 12.89 -30.03 7.84
CA ILE D 386 14.27 -29.55 7.98
C ILE D 386 14.56 -28.98 9.35
N ALA D 387 13.54 -28.61 10.10
CA ALA D 387 13.73 -28.11 11.48
C ALA D 387 14.44 -29.12 12.39
N LYS D 388 14.87 -28.62 13.53
CA LYS D 388 15.49 -29.44 14.55
C LYS D 388 14.51 -29.76 15.69
N GLY D 389 14.11 -31.03 15.73
CA GLY D 389 13.19 -31.55 16.72
C GLY D 389 11.83 -31.76 16.10
N GLU D 390 10.83 -31.67 16.96
CA GLU D 390 9.48 -32.06 16.64
C GLU D 390 8.63 -30.84 16.34
N THR D 391 7.89 -30.91 15.26
CA THR D 391 6.93 -29.89 14.90
C THR D 391 5.54 -30.50 14.84
N ILE D 392 4.58 -29.85 15.48
CA ILE D 392 3.21 -30.22 15.32
C ILE D 392 2.50 -29.18 14.47
N VAL D 393 2.01 -29.59 13.31
CA VAL D 393 1.20 -28.72 12.47
C VAL D 393 -0.28 -29.03 12.69
N ASP D 394 -0.96 -28.13 13.38
CA ASP D 394 -2.39 -28.26 13.63
C ASP D 394 -3.20 -27.93 12.35
N ARG D 395 -4.41 -28.46 12.29
CA ARG D 395 -5.35 -28.17 11.23
C ARG D 395 -4.85 -28.53 9.85
N ILE D 396 -4.35 -29.74 9.72
CA ILE D 396 -3.76 -30.22 8.49
C ILE D 396 -4.78 -30.56 7.39
N TYR D 397 -6.08 -30.52 7.68
CA TYR D 397 -7.10 -30.77 6.67
C TYR D 397 -6.95 -29.82 5.50
N HIS D 398 -6.42 -28.61 5.73
CA HIS D 398 -6.10 -27.69 4.64
C HIS D 398 -5.26 -28.35 3.58
N ILE D 399 -4.14 -28.99 3.97
CA ILE D 399 -3.27 -29.71 3.01
C ILE D 399 -4.01 -30.71 2.14
N ASP D 400 -4.95 -31.44 2.74
CA ASP D 400 -5.73 -32.48 2.01
C ASP D 400 -6.68 -31.90 0.96
N ARG D 401 -6.99 -30.63 1.10
CA ARG D 401 -7.82 -29.94 0.10
C ARG D 401 -7.07 -29.80 -1.22
N GLY D 402 -5.75 -29.69 -1.14
CA GLY D 402 -4.95 -29.42 -2.32
C GLY D 402 -3.82 -30.35 -2.66
N TYR D 403 -3.37 -31.14 -1.70
CA TYR D 403 -2.33 -32.17 -1.95
C TYR D 403 -2.85 -33.56 -1.63
N GLU D 404 -2.49 -34.52 -2.44
CA GLU D 404 -2.92 -35.88 -2.24
C GLU D 404 -1.90 -36.67 -1.43
N ARG D 405 -2.24 -36.97 -0.19
CA ARG D 405 -1.44 -37.84 0.66
C ARG D 405 0.02 -37.42 0.64
N ILE D 406 0.21 -36.20 1.12
CA ILE D 406 1.49 -35.60 1.02
C ILE D 406 2.51 -36.17 2.01
N GLU D 407 2.00 -36.77 3.08
CA GLU D 407 2.87 -37.47 4.03
C GLU D 407 3.45 -38.73 3.41
N ASP D 408 2.75 -39.33 2.45
CA ASP D 408 3.29 -40.52 1.72
C ASP D 408 4.31 -40.10 0.66
N LYS D 409 4.04 -39.05 -0.07
CA LYS D 409 4.98 -38.53 -1.07
C LYS D 409 6.28 -38.06 -0.43
N LEU D 410 6.19 -37.28 0.63
CA LEU D 410 7.38 -36.89 1.38
C LEU D 410 8.12 -38.02 2.11
N SER D 411 7.35 -38.97 2.63
CA SER D 411 7.95 -40.16 3.25
C SER D 411 8.88 -40.91 2.30
N ALA D 412 8.45 -41.09 1.04
CA ALA D 412 9.29 -41.75 0.02
C ALA D 412 10.61 -40.98 -0.21
N LEU D 413 10.61 -39.70 0.16
CA LEU D 413 11.82 -38.91 0.01
C LEU D 413 12.65 -38.88 1.27
N GLY D 414 12.17 -39.56 2.31
CA GLY D 414 12.94 -39.70 3.54
C GLY D 414 12.45 -38.86 4.72
N ALA D 415 11.36 -38.12 4.55
CA ALA D 415 10.81 -37.35 5.67
C ALA D 415 10.17 -38.23 6.72
N ASN D 416 10.20 -37.78 7.96
CA ASN D 416 9.59 -38.49 9.07
C ASN D 416 8.28 -37.82 9.52
N ILE D 417 7.16 -38.33 9.02
CA ILE D 417 5.86 -37.67 9.23
C ILE D 417 4.77 -38.64 9.69
N GLU D 418 4.08 -38.26 10.76
CA GLU D 418 2.95 -38.99 11.28
C GLU D 418 1.67 -38.14 11.25
N ARG D 419 0.65 -38.67 10.58
CA ARG D 419 -0.72 -38.15 10.71
C ARG D 419 -1.35 -38.73 12.00
N PHE D 420 -1.98 -37.89 12.81
CA PHE D 420 -2.65 -38.34 14.05
C PHE D 420 -3.67 -37.28 14.52
N ARG D 421 -4.48 -37.62 15.52
CA ARG D 421 -5.58 -36.76 15.95
C ARG D 421 -5.27 -36.06 17.28
#